data_8JCZ
#
_entry.id   8JCZ
#
_cell.length_a   1.00
_cell.length_b   1.00
_cell.length_c   1.00
_cell.angle_alpha   90.00
_cell.angle_beta   90.00
_cell.angle_gamma   90.00
#
_symmetry.space_group_name_H-M   'P 1'
#
loop_
_entity.id
_entity.type
_entity.pdbx_description
1 polymer 'Metabotropic glutamate receptor 2,Peptidyl-prolyl cis-trans isomerase FKBP1A'
2 polymer 'Metabotropic glutamate receptor 3,Serine/threonine-protein kinase mTOR'
3 non-polymer 2-acetamido-2-deoxy-beta-D-glucopyranose
4 non-polymer 2-[(1S,2S)-2-carboxycyclopropyl]-3-(9H-xanthen-9-yl)-D-alanine
#
loop_
_entity_poly.entity_id
_entity_poly.type
_entity_poly.pdbx_seq_one_letter_code
_entity_poly.pdbx_strand_id
1 'polypeptide(L)'
;DYKDDDDGAPEGPAKKVLTLEGDLVLGGLFPVHQKGGPAEDCGPVNEHRGIQRLEAMLFALDRINRDPHLLPGVRLGAHI
LDSCSKDTHALEQALDFVRASLSRGADGSRHICPDGSYATHGDAPTAITGVIGGSYSDVSIQVANLLRLFQIPQISYAST
SAKLSDKSRYDYFARTVPPDFFQAKAMAEILRFFNWTYVSTVASEGDYGETGIEAFELEARARNICVATSEKVGRAMSRA
AFEGVVRALLQKPSARVAVLFTRSEDARELLAASQRLNASFTWVASDGWGALESVVAGSEGAAEGAITIELASYPISDFA
SYFQSLDPWNNSRNPWFREFWEQRFRCSFRQRDCAAHSLRAVPFEQESKIMFVVNAVYAMAHALHNMHRALCPNTTRLCD
AMRPVNGRRLYKDFVLNVKFDAPFRPADTHNEVRFDRFGDGIGRYNIFTYLRAGSGRYRYQKVGYWAEGLTLDTSLIPWA
SPSAGPLPASRCSEPCLQNEVKSVQPGEVCCWLCIPCQPYEYRLDEFTCADCGLGYWPNASLTGCFELPQEYIRWGDAWA
VGPVTIACLGALATLFVLGVFVRHNATPVVKASGRELCYILLGGVFLCYCMTFIFIAKPSTAVCTLRRLGLGTAFSVCYS
ALLTKTNRIARIFGGAREGAQRPRFISPASQVAICLALISGQLLIVVAWLVVEAPGTGKETAPERREVVTLRCNHRDASM
LGSLAYNVLLIALCTLYAFKTRKCPENFNEAKFIGFTMYTTCIIWLAFLPIFYVTSSDYRVQTTTMCVSVSLSGSVVLGC
LFAPKLHIILFQPQKNVVSHRAPTSRFGSAAARASSSLGQGSGSQFVPTVCNGREVVDSTTSSLLEVLFQGPGVQVETIS
PGDGRTFPKRGQTCVVHYTGMLEDGKKFDSSRDRNKPFKFMLGKQEVIRGWEEGVAQMSVGQRAKLTISPDYAYGATGHP
GIIPPHATLVFDVELLKLEFAAAHHHHHHHHHH
;
2
2 'polypeptide(L)'
;DYKDDDDKGAPWSHPQFEKGSGSWSHPQFEKLGDHNFLRREIKIEGDLVLGGLFPINEKGTGTEECGRINEDRGIQRLEA
MLFAIDEINKDDYLLPGVKLGVHILDTCSRDTYALEQSLEFVRASLTKVDEAEYMCPDGSYAIQENIPLLIAGVIGGSYS
SVSIQVANLLRLFQIPQISYASTSAKLSDKSRYDYFARTVPPDFYQAKAMAEILRFFNWTYVSTVASEGDYGETGIEAFE
QEARLRNICIATAEKVGRSNIRKSYDSVIRELLQKPNARVVVLFMRSDDSRELIAAASRANASFTWVASDGWGAQESIIK
GSEHVAYGAITLELASQPVRQFDRYFQSLNPYNNHRNPWFRDFWEQKFQCSLQNKRNHRRVCDKHLAIDSSNYEQESKIM
FVVNAVYAMAHALHKMQRTLCPNTTKLCDAMKILDGKKLYKDYLLKINFTAPFNPNKDADSIVKFDTFGDGMGRYNVFNF
QNVGGKYSYLKVGHWAETLSLDVNSIHWSRNSVPTSQCSDPCAPNEMKNMQPGDVCCWICIPCEPYEYLADEFTCMDCGS
GQWPTADLTGCYDLPEDYIRWEDAWAIGPVTIACLGFMCTCMVVTVFIKHNNTPLVKASGRELCYILLFGVGLSYCMTFF
FIAKPSPVICALRRLGLGSSFAICYSALLTKTNCIARIFDGVKNGAQRPKFISPSSQVFICLGLILVQIVMVSVWLILEA
PGTRRYTLAEKRETVILKCNVKDSSMLISLTYDVILVILCTVYAFKTRKCPENFNEAKFIGFTMYTTCIIWLAFLPIFYV
TSSDYRVQTTTMCISVSLSGFVVLGCLFAPKVHIILFQPQKNVVTHRLHLNRFSVSGTGTTYSQSSASTYVPTVCNGREV
LDSTTSSLLEVLFQGPAILWHEMWHEGLEEASRLYFGERNVKGMFEVLEPLHAMMERGPQTLKETSFNQAYGRDLMEAQE
WCRKYMKSGNVKDLTQAWDLYYHVFRRISKQEF
;
3
#
loop_
_chem_comp.id
_chem_comp.type
_chem_comp.name
_chem_comp.formula
NAG D-saccharide, beta linking 2-acetamido-2-deoxy-beta-D-glucopyranose 'C8 H15 N O6'
Z99 non-polymer 2-[(1S,2S)-2-carboxycyclopropyl]-3-(9H-xanthen-9-yl)-D-alanine 'C20 H19 N O5'
#
# COMPACT_ATOMS: atom_id res chain seq x y z
N LYS A 16 -21.87 -56.36 -5.59
CA LYS A 16 -22.35 -57.06 -4.41
C LYS A 16 -22.72 -56.07 -3.30
N VAL A 17 -23.68 -56.47 -2.47
CA VAL A 17 -24.22 -55.62 -1.41
C VAL A 17 -24.14 -56.39 -0.09
N LEU A 18 -24.02 -55.66 1.02
CA LEU A 18 -23.85 -56.27 2.33
C LEU A 18 -24.89 -55.68 3.28
N THR A 19 -26.02 -56.37 3.42
CA THR A 19 -27.17 -55.88 4.18
C THR A 19 -27.36 -56.68 5.45
N LEU A 20 -27.46 -55.98 6.58
CA LEU A 20 -27.69 -56.62 7.88
C LEU A 20 -28.75 -55.86 8.66
N GLU A 21 -29.60 -56.63 9.35
CA GLU A 21 -30.76 -56.12 10.07
C GLU A 21 -31.57 -55.18 9.19
N GLY A 22 -31.80 -53.94 9.62
CA GLY A 22 -32.64 -53.05 8.85
C GLY A 22 -33.50 -52.11 9.68
N ASP A 23 -33.44 -52.26 11.01
CA ASP A 23 -34.17 -51.36 11.89
C ASP A 23 -33.69 -49.92 11.73
N LEU A 24 -32.38 -49.72 11.76
CA LEU A 24 -31.75 -48.41 11.53
C LEU A 24 -30.58 -48.66 10.58
N VAL A 25 -30.84 -48.56 9.28
CA VAL A 25 -29.83 -48.91 8.28
C VAL A 25 -28.76 -47.83 8.23
N LEU A 26 -27.50 -48.25 8.34
CA LEU A 26 -26.36 -47.36 8.23
C LEU A 26 -25.63 -47.62 6.92
N GLY A 27 -25.42 -46.56 6.14
CA GLY A 27 -24.69 -46.69 4.91
C GLY A 27 -23.19 -46.84 5.13
N GLY A 28 -22.51 -47.29 4.08
CA GLY A 28 -21.07 -47.46 4.15
C GLY A 28 -20.48 -47.82 2.80
N LEU A 29 -19.34 -47.21 2.46
CA LEU A 29 -18.65 -47.50 1.21
C LEU A 29 -17.20 -47.85 1.53
N PHE A 30 -16.76 -49.01 1.04
CA PHE A 30 -15.40 -49.44 1.33
C PHE A 30 -14.68 -49.85 0.05
N PRO A 31 -13.38 -49.56 -0.05
CA PRO A 31 -12.60 -49.99 -1.24
C PRO A 31 -12.17 -51.44 -1.15
N VAL A 32 -13.15 -52.34 -1.24
CA VAL A 32 -12.87 -53.77 -1.13
C VAL A 32 -11.97 -54.22 -2.28
N HIS A 33 -12.26 -53.76 -3.49
CA HIS A 33 -11.47 -54.09 -4.68
C HIS A 33 -10.64 -52.88 -5.10
N GLN A 34 -9.44 -53.16 -5.61
CA GLN A 34 -8.58 -52.11 -6.12
C GLN A 34 -9.05 -51.66 -7.50
N LYS A 35 -8.52 -50.53 -7.94
CA LYS A 35 -8.86 -50.00 -9.26
C LYS A 35 -8.40 -50.95 -10.36
N GLY A 36 -9.25 -51.13 -11.37
CA GLY A 36 -8.96 -52.04 -12.45
C GLY A 36 -7.77 -51.65 -13.28
N GLY A 37 -6.79 -52.55 -13.38
CA GLY A 37 -5.60 -52.32 -14.16
C GLY A 37 -5.86 -52.35 -15.66
N PRO A 38 -6.17 -53.55 -16.19
CA PRO A 38 -6.41 -53.71 -17.64
C PRO A 38 -7.76 -53.19 -18.11
N ALA A 39 -8.06 -51.93 -17.79
CA ALA A 39 -9.29 -51.27 -18.22
C ALA A 39 -10.54 -52.04 -17.80
N GLU A 40 -10.50 -52.60 -16.60
CA GLU A 40 -11.62 -53.33 -16.04
C GLU A 40 -12.21 -52.56 -14.86
N ASP A 41 -13.42 -52.97 -14.46
CA ASP A 41 -14.12 -52.28 -13.39
C ASP A 41 -13.36 -52.40 -12.07
N CYS A 42 -13.20 -53.63 -11.57
CA CYS A 42 -12.55 -53.88 -10.30
C CYS A 42 -11.55 -55.01 -10.45
N GLY A 43 -10.46 -54.93 -9.68
CA GLY A 43 -9.40 -55.91 -9.76
C GLY A 43 -9.24 -56.71 -8.48
N PRO A 44 -8.00 -56.75 -7.97
CA PRO A 44 -7.73 -57.54 -6.76
C PRO A 44 -8.39 -56.93 -5.53
N VAL A 45 -8.58 -57.78 -4.53
CA VAL A 45 -9.21 -57.36 -3.28
C VAL A 45 -8.19 -56.64 -2.41
N ASN A 46 -8.55 -55.44 -1.95
CA ASN A 46 -7.69 -54.67 -1.05
C ASN A 46 -7.80 -55.27 0.34
N GLU A 47 -6.76 -56.00 0.76
CA GLU A 47 -6.81 -56.71 2.03
C GLU A 47 -6.72 -55.76 3.21
N HIS A 48 -5.80 -54.80 3.16
CA HIS A 48 -5.53 -53.92 4.29
C HIS A 48 -6.43 -52.70 4.32
N ARG A 49 -7.16 -52.41 3.24
CA ARG A 49 -7.99 -51.20 3.17
C ARG A 49 -9.46 -51.48 2.87
N GLY A 50 -9.80 -52.68 2.40
CA GLY A 50 -11.18 -52.96 2.06
C GLY A 50 -11.81 -54.04 2.90
N ILE A 51 -11.00 -54.94 3.43
CA ILE A 51 -11.47 -56.06 4.25
C ILE A 51 -11.31 -55.77 5.73
N GLN A 52 -10.13 -55.28 6.13
CA GLN A 52 -9.90 -55.00 7.55
C GLN A 52 -10.82 -53.90 8.05
N ARG A 53 -11.02 -52.84 7.25
CA ARG A 53 -11.90 -51.76 7.66
C ARG A 53 -13.36 -52.20 7.63
N LEU A 54 -13.73 -53.02 6.65
CA LEU A 54 -15.09 -53.57 6.60
C LEU A 54 -15.37 -54.41 7.84
N GLU A 55 -14.44 -55.30 8.20
CA GLU A 55 -14.63 -56.10 9.40
C GLU A 55 -14.60 -55.24 10.65
N ALA A 56 -13.82 -54.16 10.66
CA ALA A 56 -13.85 -53.24 11.79
C ALA A 56 -15.21 -52.60 11.96
N MET A 57 -15.82 -52.15 10.85
CA MET A 57 -17.15 -51.57 10.91
C MET A 57 -18.17 -52.59 11.39
N LEU A 58 -18.08 -53.83 10.88
CA LEU A 58 -19.02 -54.87 11.31
C LEU A 58 -18.86 -55.18 12.79
N PHE A 59 -17.62 -55.24 13.28
CA PHE A 59 -17.37 -55.49 14.69
C PHE A 59 -17.89 -54.35 15.55
N ALA A 60 -17.71 -53.11 15.10
CA ALA A 60 -18.24 -51.97 15.84
C ALA A 60 -19.77 -52.01 15.89
N LEU A 61 -20.41 -52.37 14.78
CA LEU A 61 -21.87 -52.50 14.78
C LEU A 61 -22.34 -53.58 15.73
N ASP A 62 -21.64 -54.73 15.74
CA ASP A 62 -21.99 -55.80 16.67
C ASP A 62 -21.84 -55.35 18.12
N ARG A 63 -20.74 -54.65 18.43
CA ARG A 63 -20.54 -54.18 19.80
C ARG A 63 -21.60 -53.16 20.20
N ILE A 64 -22.00 -52.29 19.27
CA ILE A 64 -23.05 -51.33 19.56
C ILE A 64 -24.37 -52.05 19.83
N ASN A 65 -24.65 -53.10 19.05
CA ASN A 65 -25.90 -53.84 19.20
C ASN A 65 -25.95 -54.55 20.55
N ARG A 66 -24.90 -55.29 20.88
CA ARG A 66 -24.78 -55.96 22.17
C ARG A 66 -24.28 -55.00 23.25
N ASP A 67 -25.00 -53.88 23.43
CA ASP A 67 -24.60 -52.80 24.34
C ASP A 67 -25.79 -52.12 25.01
N PRO A 68 -25.85 -52.06 26.34
CA PRO A 68 -27.02 -51.48 27.01
C PRO A 68 -27.09 -49.96 27.06
N HIS A 69 -25.96 -49.28 27.19
CA HIS A 69 -25.97 -47.83 27.38
C HIS A 69 -25.93 -47.08 26.05
N LEU A 70 -25.99 -47.79 24.93
CA LEU A 70 -26.07 -47.17 23.62
C LEU A 70 -27.06 -47.94 22.77
N LEU A 71 -28.09 -47.25 22.31
CA LEU A 71 -29.15 -47.84 21.51
C LEU A 71 -29.66 -49.16 22.11
N PRO A 72 -30.21 -49.11 23.34
CA PRO A 72 -30.59 -50.36 24.01
C PRO A 72 -31.75 -51.08 23.32
N GLY A 73 -32.83 -50.35 23.07
CA GLY A 73 -34.04 -50.94 22.52
C GLY A 73 -34.19 -50.85 21.02
N VAL A 74 -33.19 -50.32 20.32
CA VAL A 74 -33.25 -50.19 18.86
C VAL A 74 -32.02 -50.87 18.27
N ARG A 75 -32.24 -51.63 17.20
CA ARG A 75 -31.18 -52.38 16.55
C ARG A 75 -30.63 -51.58 15.38
N LEU A 76 -29.33 -51.76 15.10
CA LEU A 76 -28.61 -50.97 14.11
C LEU A 76 -28.18 -51.88 12.97
N GLY A 77 -28.56 -51.54 11.74
CA GLY A 77 -28.26 -52.34 10.57
C GLY A 77 -27.12 -51.76 9.74
N ALA A 78 -26.95 -52.34 8.55
CA ALA A 78 -25.88 -51.92 7.66
C ALA A 78 -26.26 -52.21 6.21
N HIS A 79 -25.80 -51.33 5.32
CA HIS A 79 -26.02 -51.44 3.88
C HIS A 79 -24.72 -51.20 3.12
N ILE A 80 -23.67 -51.92 3.53
CA ILE A 80 -22.33 -51.65 3.04
C ILE A 80 -22.18 -52.01 1.57
N LEU A 81 -21.40 -51.20 0.85
CA LEU A 81 -21.15 -51.36 -0.58
C LEU A 81 -19.66 -51.20 -0.85
N ASP A 82 -19.28 -51.60 -2.07
CA ASP A 82 -17.90 -51.52 -2.54
C ASP A 82 -17.78 -50.39 -3.56
N SER A 83 -16.77 -49.53 -3.37
CA SER A 83 -16.54 -48.43 -4.29
C SER A 83 -15.51 -48.75 -5.36
N CYS A 84 -14.70 -49.80 -5.17
CA CYS A 84 -13.69 -50.23 -6.14
C CYS A 84 -12.68 -49.13 -6.45
N SER A 85 -12.48 -48.22 -5.52
CA SER A 85 -11.49 -47.14 -5.63
C SER A 85 -11.71 -46.30 -6.89
N LYS A 86 -12.97 -46.09 -7.25
CA LYS A 86 -13.33 -45.30 -8.42
C LYS A 86 -14.45 -44.34 -8.05
N ASP A 87 -14.32 -43.09 -8.50
CA ASP A 87 -15.30 -42.07 -8.14
C ASP A 87 -16.63 -42.30 -8.84
N THR A 88 -16.60 -42.68 -10.13
CA THR A 88 -17.84 -42.94 -10.84
C THR A 88 -18.55 -44.17 -10.29
N HIS A 89 -17.80 -45.24 -10.02
CA HIS A 89 -18.39 -46.43 -9.43
C HIS A 89 -18.95 -46.12 -8.05
N ALA A 90 -18.24 -45.30 -7.27
CA ALA A 90 -18.73 -44.89 -5.96
C ALA A 90 -20.03 -44.11 -6.09
N LEU A 91 -20.12 -43.24 -7.10
CA LEU A 91 -21.37 -42.51 -7.33
C LEU A 91 -22.52 -43.45 -7.67
N GLU A 92 -22.25 -44.43 -8.54
CA GLU A 92 -23.29 -45.39 -8.90
C GLU A 92 -23.76 -46.19 -7.68
N GLN A 93 -22.82 -46.60 -6.83
CA GLN A 93 -23.22 -47.34 -5.63
C GLN A 93 -23.96 -46.45 -4.64
N ALA A 94 -23.52 -45.20 -4.48
CA ALA A 94 -24.16 -44.28 -3.54
C ALA A 94 -25.52 -43.83 -4.02
N LEU A 95 -25.81 -43.97 -5.33
CA LEU A 95 -27.17 -43.70 -5.80
C LEU A 95 -28.19 -44.59 -5.11
N ASP A 96 -27.79 -45.81 -4.73
CA ASP A 96 -28.69 -46.68 -3.99
C ASP A 96 -28.99 -46.16 -2.59
N PHE A 97 -28.08 -45.37 -2.03
CA PHE A 97 -28.30 -44.81 -0.69
C PHE A 97 -29.45 -43.81 -0.69
N VAL A 98 -29.66 -43.10 -1.79
CA VAL A 98 -30.70 -42.08 -1.86
C VAL A 98 -31.95 -42.63 -2.54
N ARG A 99 -31.77 -43.60 -3.42
CA ARG A 99 -32.91 -44.15 -4.17
C ARG A 99 -33.74 -45.10 -3.32
N ALA A 100 -33.22 -45.59 -2.20
CA ALA A 100 -33.93 -46.52 -1.35
C ALA A 100 -34.45 -45.88 -0.07
N SER A 101 -34.19 -44.59 0.14
CA SER A 101 -34.61 -43.91 1.36
C SER A 101 -35.65 -42.83 1.11
N LEU A 102 -35.37 -41.87 0.21
CA LEU A 102 -36.28 -40.76 -0.03
C LEU A 102 -36.57 -40.48 -1.49
N SER A 103 -35.72 -40.91 -2.42
CA SER A 103 -35.97 -40.65 -3.84
C SER A 103 -37.23 -41.36 -4.31
N ARG A 104 -37.43 -42.61 -3.88
CA ARG A 104 -38.62 -43.35 -4.28
C ARG A 104 -39.85 -42.74 -3.60
N GLY A 105 -40.90 -42.51 -4.39
CA GLY A 105 -42.10 -41.90 -3.86
C GLY A 105 -41.85 -40.46 -3.41
N ALA A 106 -42.53 -40.08 -2.34
CA ALA A 106 -42.39 -38.73 -1.79
C ALA A 106 -41.03 -38.55 -1.11
N ASP A 123 -35.43 -56.92 -3.98
CA ASP A 123 -34.60 -55.90 -3.34
C ASP A 123 -35.46 -54.82 -2.68
N ALA A 124 -35.78 -55.04 -1.41
CA ALA A 124 -36.60 -54.07 -0.68
C ALA A 124 -35.78 -52.83 -0.36
N PRO A 125 -36.25 -51.64 -0.70
CA PRO A 125 -35.51 -50.41 -0.36
C PRO A 125 -35.30 -50.28 1.14
N THR A 126 -34.13 -49.78 1.51
CA THR A 126 -33.76 -49.56 2.91
C THR A 126 -33.46 -48.08 3.13
N ALA A 127 -33.91 -47.57 4.26
CA ALA A 127 -33.77 -46.14 4.59
C ALA A 127 -32.41 -45.93 5.23
N ILE A 128 -31.53 -45.21 4.54
CA ILE A 128 -30.20 -44.88 5.05
C ILE A 128 -30.34 -43.75 6.06
N THR A 129 -29.85 -43.98 7.28
CA THR A 129 -29.83 -42.90 8.27
C THR A 129 -28.52 -42.14 8.27
N GLY A 130 -27.41 -42.83 7.99
CA GLY A 130 -26.11 -42.20 7.91
C GLY A 130 -25.17 -43.09 7.13
N VAL A 131 -24.14 -42.46 6.56
CA VAL A 131 -23.16 -43.16 5.74
C VAL A 131 -21.81 -43.05 6.41
N ILE A 132 -21.20 -44.19 6.71
CA ILE A 132 -19.85 -44.24 7.24
C ILE A 132 -18.97 -44.91 6.18
N GLY A 133 -18.36 -44.09 5.32
CA GLY A 133 -17.56 -44.64 4.23
C GLY A 133 -16.77 -43.55 3.55
N GLY A 134 -15.87 -43.97 2.67
CA GLY A 134 -15.01 -43.07 1.95
C GLY A 134 -13.58 -43.08 2.47
N SER A 135 -12.70 -43.77 1.77
CA SER A 135 -11.29 -43.83 2.12
C SER A 135 -10.45 -42.87 1.28
N TYR A 136 -10.66 -42.87 -0.04
CA TYR A 136 -9.93 -41.98 -0.91
C TYR A 136 -10.61 -40.62 -0.98
N SER A 137 -9.80 -39.57 -1.22
CA SER A 137 -10.32 -38.22 -1.19
C SER A 137 -11.33 -37.98 -2.30
N ASP A 138 -11.04 -38.43 -3.52
CA ASP A 138 -11.96 -38.20 -4.63
C ASP A 138 -13.28 -38.93 -4.43
N VAL A 139 -13.22 -40.17 -3.93
CA VAL A 139 -14.45 -40.91 -3.64
C VAL A 139 -15.29 -40.17 -2.61
N SER A 140 -14.65 -39.70 -1.54
CA SER A 140 -15.37 -38.97 -0.51
C SER A 140 -15.97 -37.69 -1.05
N ILE A 141 -15.24 -36.97 -1.91
CA ILE A 141 -15.75 -35.74 -2.50
C ILE A 141 -16.99 -36.02 -3.33
N GLN A 142 -16.92 -37.03 -4.19
CA GLN A 142 -18.07 -37.35 -5.05
C GLN A 142 -19.27 -37.80 -4.22
N VAL A 143 -19.03 -38.65 -3.22
CA VAL A 143 -20.13 -39.16 -2.39
C VAL A 143 -20.75 -38.03 -1.59
N ALA A 144 -19.94 -37.12 -1.05
CA ALA A 144 -20.48 -35.99 -0.31
C ALA A 144 -21.26 -35.06 -1.22
N ASN A 145 -20.78 -34.85 -2.45
CA ASN A 145 -21.53 -34.03 -3.40
C ASN A 145 -22.88 -34.65 -3.71
N LEU A 146 -22.93 -35.97 -3.87
CA LEU A 146 -24.20 -36.64 -4.12
C LEU A 146 -25.12 -36.56 -2.91
N LEU A 147 -24.59 -36.78 -1.70
CA LEU A 147 -25.42 -36.91 -0.51
C LEU A 147 -25.83 -35.58 0.10
N ARG A 148 -25.17 -34.48 -0.27
CA ARG A 148 -25.56 -33.17 0.25
C ARG A 148 -26.95 -32.79 -0.24
N LEU A 149 -27.26 -33.11 -1.50
CA LEU A 149 -28.55 -32.73 -2.06
C LEU A 149 -29.70 -33.46 -1.40
N PHE A 150 -29.46 -34.68 -0.90
CA PHE A 150 -30.51 -35.49 -0.30
C PHE A 150 -30.48 -35.48 1.22
N GLN A 151 -29.71 -34.57 1.83
CA GLN A 151 -29.66 -34.39 3.28
C GLN A 151 -29.33 -35.69 4.00
N ILE A 152 -28.32 -36.39 3.50
CA ILE A 152 -27.85 -37.64 4.10
C ILE A 152 -26.48 -37.35 4.74
N PRO A 153 -26.38 -37.35 6.06
CA PRO A 153 -25.07 -37.11 6.70
C PRO A 153 -24.09 -38.22 6.37
N GLN A 154 -22.82 -37.83 6.25
CA GLN A 154 -21.74 -38.75 5.94
C GLN A 154 -20.57 -38.49 6.89
N ILE A 155 -19.98 -39.57 7.40
CA ILE A 155 -18.83 -39.50 8.30
C ILE A 155 -17.74 -40.38 7.71
N SER A 156 -16.70 -39.76 7.18
CA SER A 156 -15.57 -40.50 6.64
C SER A 156 -14.61 -40.91 7.76
N TYR A 157 -13.73 -41.85 7.43
CA TYR A 157 -12.76 -42.37 8.38
C TYR A 157 -11.32 -42.27 7.91
N ALA A 158 -11.08 -41.98 6.63
CA ALA A 158 -9.71 -41.92 6.11
C ALA A 158 -9.49 -40.77 5.13
N SER A 159 -10.47 -39.90 4.89
CA SER A 159 -10.33 -38.81 3.94
C SER A 159 -9.72 -37.61 4.66
N THR A 160 -8.44 -37.34 4.36
CA THR A 160 -7.71 -36.25 4.99
C THR A 160 -7.58 -35.03 4.06
N SER A 161 -8.31 -35.01 2.95
CA SER A 161 -8.18 -33.94 1.98
C SER A 161 -8.58 -32.60 2.61
N ALA A 162 -7.85 -31.55 2.24
CA ALA A 162 -8.08 -30.23 2.81
C ALA A 162 -9.20 -29.45 2.13
N LYS A 163 -9.71 -29.92 1.00
CA LYS A 163 -10.78 -29.24 0.29
C LYS A 163 -12.17 -29.72 0.72
N LEU A 164 -12.24 -30.63 1.69
CA LEU A 164 -13.51 -31.04 2.28
C LEU A 164 -13.84 -30.26 3.54
N SER A 165 -13.00 -29.31 3.94
CA SER A 165 -13.24 -28.55 5.17
C SER A 165 -14.33 -27.50 4.99
N ASP A 166 -14.44 -26.91 3.81
CA ASP A 166 -15.45 -25.88 3.59
C ASP A 166 -16.84 -26.50 3.52
N LYS A 167 -17.78 -25.92 4.26
CA LYS A 167 -19.15 -26.41 4.32
C LYS A 167 -20.03 -25.81 3.23
N SER A 168 -19.51 -24.89 2.43
CA SER A 168 -20.29 -24.34 1.33
C SER A 168 -20.60 -25.41 0.29
N ARG A 169 -19.62 -26.28 -0.01
CA ARG A 169 -19.79 -27.33 -0.99
C ARG A 169 -20.15 -28.67 -0.38
N TYR A 170 -19.83 -28.90 0.90
CA TYR A 170 -20.08 -30.17 1.58
C TYR A 170 -20.69 -29.84 2.95
N ASP A 171 -22.02 -29.69 2.98
CA ASP A 171 -22.68 -29.28 4.21
C ASP A 171 -22.78 -30.43 5.22
N TYR A 172 -22.98 -31.65 4.73
CA TYR A 172 -23.26 -32.80 5.59
C TYR A 172 -22.10 -33.80 5.60
N PHE A 173 -20.87 -33.30 5.61
CA PHE A 173 -19.69 -34.15 5.65
C PHE A 173 -18.93 -33.90 6.94
N ALA A 174 -18.57 -35.00 7.61
CA ALA A 174 -17.72 -34.96 8.80
C ALA A 174 -16.66 -36.04 8.67
N ARG A 175 -15.59 -35.90 9.44
CA ARG A 175 -14.51 -36.87 9.38
C ARG A 175 -13.88 -37.01 10.75
N THR A 176 -13.26 -38.17 10.97
CA THR A 176 -12.58 -38.44 12.24
C THR A 176 -11.10 -38.12 12.17
N VAL A 177 -10.45 -38.36 11.03
CA VAL A 177 -9.04 -38.07 10.84
C VAL A 177 -8.86 -36.56 10.66
N PRO A 178 -7.73 -35.99 11.08
CA PRO A 178 -7.49 -34.56 10.87
C PRO A 178 -7.19 -34.27 9.41
N PRO A 179 -7.39 -33.02 8.97
CA PRO A 179 -7.05 -32.65 7.59
C PRO A 179 -5.55 -32.61 7.35
N ASP A 180 -5.15 -32.22 6.14
CA ASP A 180 -3.74 -32.24 5.75
C ASP A 180 -2.96 -31.00 6.16
N PHE A 181 -3.60 -29.94 6.63
CA PHE A 181 -2.86 -28.77 7.07
C PHE A 181 -2.50 -28.81 8.55
N PHE A 182 -3.03 -29.77 9.30
CA PHE A 182 -2.63 -29.91 10.70
C PHE A 182 -1.17 -30.31 10.80
N GLN A 183 -0.71 -31.21 9.92
CA GLN A 183 0.71 -31.57 9.93
C GLN A 183 1.58 -30.43 9.44
N ALA A 184 1.07 -29.59 8.53
CA ALA A 184 1.80 -28.39 8.15
C ALA A 184 1.98 -27.45 9.33
N LYS A 185 0.91 -27.25 10.10
CA LYS A 185 1.01 -26.45 11.33
C LYS A 185 1.99 -27.07 12.31
N ALA A 186 1.97 -28.40 12.43
CA ALA A 186 2.88 -29.10 13.33
C ALA A 186 4.33 -28.88 12.92
N MET A 187 4.63 -28.97 11.63
CA MET A 187 6.00 -28.75 11.19
C MET A 187 6.42 -27.28 11.34
N ALA A 188 5.49 -26.35 11.13
CA ALA A 188 5.83 -24.95 11.38
C ALA A 188 6.17 -24.71 12.85
N GLU A 189 5.38 -25.30 13.75
CA GLU A 189 5.66 -25.17 15.18
C GLU A 189 6.98 -25.86 15.54
N ILE A 190 7.28 -26.99 14.90
CA ILE A 190 8.55 -27.67 15.12
C ILE A 190 9.72 -26.78 14.69
N LEU A 191 9.59 -26.15 13.53
CA LEU A 191 10.65 -25.28 13.03
C LEU A 191 10.88 -24.10 13.95
N ARG A 192 9.81 -23.49 14.45
CA ARG A 192 9.99 -22.39 15.41
C ARG A 192 10.60 -22.89 16.72
N PHE A 193 10.19 -24.07 17.17
CA PHE A 193 10.70 -24.58 18.45
C PHE A 193 12.21 -24.77 18.41
N PHE A 194 12.74 -25.26 17.29
CA PHE A 194 14.16 -25.49 17.12
C PHE A 194 14.89 -24.26 16.58
N ASN A 195 14.23 -23.10 16.56
CA ASN A 195 14.82 -21.83 16.13
C ASN A 195 15.37 -21.92 14.71
N TRP A 196 14.62 -22.58 13.83
CA TRP A 196 14.97 -22.69 12.42
C TRP A 196 14.11 -21.69 11.63
N THR A 197 14.77 -20.83 10.87
CA THR A 197 14.09 -19.80 10.10
C THR A 197 14.25 -19.96 8.60
N TYR A 198 15.48 -20.09 8.12
CA TYR A 198 15.74 -20.26 6.68
C TYR A 198 15.77 -21.74 6.36
N VAL A 199 14.70 -22.23 5.73
CA VAL A 199 14.55 -23.64 5.43
C VAL A 199 14.20 -23.80 3.95
N SER A 200 14.43 -25.01 3.44
CA SER A 200 14.09 -25.35 2.07
C SER A 200 12.68 -25.94 2.02
N THR A 201 12.27 -26.41 0.85
CA THR A 201 10.92 -26.93 0.67
C THR A 201 10.87 -27.83 -0.56
N VAL A 202 10.38 -29.05 -0.38
CA VAL A 202 10.18 -30.00 -1.47
C VAL A 202 8.73 -30.46 -1.44
N ALA A 203 8.08 -30.46 -2.59
CA ALA A 203 6.67 -30.81 -2.71
C ALA A 203 6.48 -31.80 -3.86
N SER A 204 5.23 -32.22 -4.06
CA SER A 204 4.87 -33.18 -5.08
C SER A 204 3.67 -32.66 -5.88
N GLU A 205 3.38 -33.34 -6.98
CA GLU A 205 2.28 -32.98 -7.86
C GLU A 205 1.02 -33.74 -7.48
N GLY A 206 -0.10 -33.03 -7.38
CA GLY A 206 -1.38 -33.58 -7.00
C GLY A 206 -1.98 -32.77 -5.89
N ASP A 207 -3.06 -33.30 -5.31
CA ASP A 207 -3.69 -32.63 -4.17
C ASP A 207 -2.76 -32.63 -2.96
N TYR A 208 -2.24 -33.80 -2.61
CA TYR A 208 -1.29 -33.94 -1.51
C TYR A 208 0.09 -33.54 -2.01
N GLY A 209 0.59 -32.40 -1.56
CA GLY A 209 1.86 -31.88 -2.03
C GLY A 209 1.73 -30.46 -2.54
N GLU A 210 0.59 -30.14 -3.14
CA GLU A 210 0.29 -28.79 -3.60
C GLU A 210 -0.71 -28.08 -2.70
N THR A 211 -1.76 -28.77 -2.25
CA THR A 211 -2.72 -28.14 -1.33
C THR A 211 -2.09 -27.92 0.05
N GLY A 212 -1.31 -28.90 0.52
CA GLY A 212 -0.68 -28.76 1.83
C GLY A 212 0.50 -27.81 1.84
N ILE A 213 1.17 -27.65 0.70
CA ILE A 213 2.33 -26.77 0.66
C ILE A 213 1.90 -25.31 0.81
N GLU A 214 0.75 -24.94 0.24
CA GLU A 214 0.25 -23.58 0.39
C GLU A 214 -0.10 -23.30 1.86
N ALA A 215 -0.76 -24.24 2.52
CA ALA A 215 -1.07 -24.08 3.93
C ALA A 215 0.20 -23.98 4.77
N PHE A 216 1.20 -24.81 4.46
CA PHE A 216 2.45 -24.75 5.19
C PHE A 216 3.12 -23.39 5.02
N GLU A 217 3.11 -22.86 3.79
CA GLU A 217 3.68 -21.53 3.55
C GLU A 217 2.90 -20.46 4.31
N LEU A 218 1.58 -20.59 4.37
CA LEU A 218 0.77 -19.61 5.10
C LEU A 218 1.10 -19.62 6.58
N GLU A 219 1.18 -20.80 7.19
CA GLU A 219 1.56 -20.86 8.61
C GLU A 219 3.00 -20.42 8.83
N ALA A 220 3.89 -20.70 7.88
CA ALA A 220 5.27 -20.24 7.99
C ALA A 220 5.35 -18.72 7.99
N ARG A 221 4.56 -18.08 7.13
CA ARG A 221 4.44 -16.62 7.20
C ARG A 221 3.86 -16.18 8.54
N ALA A 222 2.87 -16.92 9.04
CA ALA A 222 2.33 -16.63 10.35
C ALA A 222 3.32 -16.96 11.47
N ARG A 223 4.25 -17.89 11.21
CA ARG A 223 5.27 -18.25 12.18
C ARG A 223 6.52 -17.39 12.06
N ASN A 224 6.53 -16.43 11.13
CA ASN A 224 7.67 -15.53 10.90
C ASN A 224 8.95 -16.31 10.63
N ILE A 225 8.86 -17.28 9.72
CA ILE A 225 10.00 -18.06 9.27
C ILE A 225 10.05 -17.99 7.75
N CYS A 226 11.21 -18.36 7.21
CA CYS A 226 11.50 -18.16 5.80
C CYS A 226 11.34 -19.47 5.02
N VAL A 227 10.77 -19.35 3.82
CA VAL A 227 10.55 -20.48 2.93
C VAL A 227 11.33 -20.25 1.65
N ALA A 228 12.17 -21.21 1.28
CA ALA A 228 12.92 -21.09 0.03
C ALA A 228 12.03 -21.38 -1.18
N THR A 229 11.02 -22.22 -1.01
CA THR A 229 10.06 -22.55 -2.07
C THR A 229 10.78 -23.11 -3.30
N SER A 230 11.41 -24.27 -3.11
CA SER A 230 12.16 -24.91 -4.17
C SER A 230 11.21 -25.69 -5.09
N GLU A 231 11.77 -26.44 -6.03
CA GLU A 231 10.98 -27.12 -7.03
C GLU A 231 10.20 -28.29 -6.43
N LYS A 232 9.17 -28.71 -7.15
CA LYS A 232 8.30 -29.80 -6.75
C LYS A 232 8.64 -31.05 -7.57
N VAL A 233 7.85 -32.11 -7.38
CA VAL A 233 8.06 -33.39 -8.04
C VAL A 233 6.76 -33.80 -8.74
N GLY A 234 6.88 -34.22 -10.00
CA GLY A 234 5.74 -34.59 -10.81
C GLY A 234 5.33 -36.05 -10.74
N ARG A 235 5.93 -36.85 -9.87
CA ARG A 235 5.64 -38.27 -9.65
C ARG A 235 6.01 -39.15 -10.85
N ALA A 236 6.48 -38.57 -11.95
CA ALA A 236 7.01 -39.30 -13.09
C ALA A 236 8.37 -38.74 -13.47
N MET A 237 9.19 -38.48 -12.46
CA MET A 237 10.37 -37.65 -12.58
C MET A 237 11.61 -38.52 -12.69
N SER A 238 12.48 -38.20 -13.65
CA SER A 238 13.65 -39.01 -13.93
C SER A 238 14.70 -38.85 -12.83
N ARG A 239 15.65 -39.79 -12.81
CA ARG A 239 16.73 -39.74 -11.83
C ARG A 239 17.61 -38.52 -12.03
N ALA A 240 17.87 -38.16 -13.28
CA ALA A 240 18.69 -36.98 -13.56
C ALA A 240 18.02 -35.71 -13.06
N ALA A 241 16.71 -35.60 -13.26
CA ALA A 241 15.97 -34.45 -12.77
C ALA A 241 15.97 -34.41 -11.24
N PHE A 242 15.84 -35.57 -10.60
CA PHE A 242 15.93 -35.63 -9.14
C PHE A 242 17.29 -35.15 -8.65
N GLU A 243 18.36 -35.59 -9.32
CA GLU A 243 19.70 -35.13 -8.97
C GLU A 243 19.83 -33.63 -9.16
N GLY A 244 19.27 -33.10 -10.25
CA GLY A 244 19.31 -31.66 -10.47
C GLY A 244 18.60 -30.88 -9.39
N VAL A 245 17.44 -31.38 -8.94
CA VAL A 245 16.74 -30.74 -7.84
C VAL A 245 17.56 -30.83 -6.56
N VAL A 246 18.27 -31.94 -6.37
CA VAL A 246 19.15 -32.08 -5.20
C VAL A 246 20.24 -31.01 -5.23
N ARG A 247 20.86 -30.81 -6.40
CA ARG A 247 21.87 -29.75 -6.52
C ARG A 247 21.24 -28.38 -6.27
N ALA A 248 20.02 -28.17 -6.77
CA ALA A 248 19.34 -26.90 -6.54
C ALA A 248 19.13 -26.65 -5.04
N LEU A 249 18.79 -27.70 -4.30
CA LEU A 249 18.69 -27.57 -2.85
C LEU A 249 20.06 -27.33 -2.21
N LEU A 250 21.13 -27.83 -2.83
CA LEU A 250 22.48 -27.61 -2.33
C LEU A 250 23.02 -26.23 -2.67
N GLN A 251 22.32 -25.46 -3.50
CA GLN A 251 22.82 -24.15 -3.87
C GLN A 251 22.92 -23.22 -2.67
N LYS A 252 21.93 -23.24 -1.79
CA LYS A 252 21.95 -22.44 -0.58
C LYS A 252 22.59 -23.22 0.55
N PRO A 253 23.74 -22.80 1.08
CA PRO A 253 24.40 -23.57 2.13
C PRO A 253 23.89 -23.25 3.53
N SER A 254 23.29 -22.08 3.69
CA SER A 254 22.80 -21.67 5.00
C SER A 254 21.49 -22.35 5.38
N ALA A 255 20.75 -22.87 4.40
CA ALA A 255 19.46 -23.53 4.66
C ALA A 255 19.68 -25.04 4.65
N ARG A 256 20.17 -25.54 5.78
CA ARG A 256 20.39 -26.99 5.92
C ARG A 256 19.16 -27.67 6.53
N VAL A 257 17.98 -27.36 5.99
CA VAL A 257 16.72 -27.93 6.45
C VAL A 257 15.76 -27.96 5.26
N ALA A 258 15.17 -29.13 4.99
CA ALA A 258 14.22 -29.28 3.90
C ALA A 258 12.93 -29.90 4.42
N VAL A 259 11.80 -29.38 3.92
CA VAL A 259 10.47 -29.82 4.32
C VAL A 259 9.89 -30.67 3.20
N LEU A 260 9.39 -31.85 3.54
CA LEU A 260 8.98 -32.86 2.56
C LEU A 260 7.46 -33.06 2.61
N PHE A 261 6.76 -32.40 1.70
CA PHE A 261 5.35 -32.71 1.43
C PHE A 261 5.24 -33.62 0.21
N THR A 262 5.93 -34.76 0.28
CA THR A 262 6.01 -35.68 -0.83
C THR A 262 5.38 -37.02 -0.46
N ARG A 263 4.99 -37.77 -1.50
CA ARG A 263 4.43 -39.09 -1.32
C ARG A 263 5.53 -40.09 -0.96
N SER A 264 5.14 -41.35 -0.79
CA SER A 264 6.11 -42.38 -0.42
C SER A 264 7.13 -42.60 -1.54
N GLU A 265 6.66 -42.72 -2.78
CA GLU A 265 7.57 -42.97 -3.89
C GLU A 265 8.46 -41.76 -4.16
N ASP A 266 7.91 -40.55 -4.08
CA ASP A 266 8.72 -39.35 -4.28
C ASP A 266 9.78 -39.21 -3.19
N ALA A 267 9.40 -39.47 -1.93
CA ALA A 267 10.37 -39.41 -0.85
C ALA A 267 11.46 -40.47 -1.03
N ARG A 268 11.07 -41.68 -1.43
CA ARG A 268 12.07 -42.72 -1.65
C ARG A 268 13.04 -42.33 -2.76
N GLU A 269 12.52 -41.78 -3.86
CA GLU A 269 13.38 -41.32 -4.94
C GLU A 269 14.31 -40.21 -4.49
N LEU A 270 13.81 -39.27 -3.69
CA LEU A 270 14.65 -38.17 -3.23
C LEU A 270 15.75 -38.66 -2.31
N LEU A 271 15.42 -39.61 -1.42
CA LEU A 271 16.46 -40.20 -0.56
C LEU A 271 17.49 -40.95 -1.41
N ALA A 272 17.05 -41.67 -2.43
CA ALA A 272 18.00 -42.37 -3.30
C ALA A 272 18.92 -41.38 -4.00
N ALA A 273 18.36 -40.28 -4.52
CA ALA A 273 19.18 -39.27 -5.17
C ALA A 273 20.17 -38.63 -4.22
N SER A 274 19.73 -38.32 -3.00
CA SER A 274 20.61 -37.72 -2.00
C SER A 274 21.74 -38.68 -1.64
N GLN A 275 21.43 -39.97 -1.51
CA GLN A 275 22.47 -40.97 -1.23
C GLN A 275 23.45 -41.07 -2.39
N ARG A 276 22.95 -41.05 -3.63
CA ARG A 276 23.83 -41.12 -4.79
C ARG A 276 24.77 -39.92 -4.84
N LEU A 277 24.26 -38.73 -4.58
CA LEU A 277 25.06 -37.51 -4.64
C LEU A 277 25.78 -37.22 -3.33
N ASN A 278 25.55 -38.03 -2.30
CA ASN A 278 26.22 -37.88 -1.00
C ASN A 278 26.03 -36.48 -0.43
N ALA A 279 24.76 -36.14 -0.21
CA ALA A 279 24.37 -34.83 0.32
C ALA A 279 23.88 -35.01 1.76
N SER A 280 24.39 -34.17 2.65
CA SER A 280 24.02 -34.19 4.06
C SER A 280 22.87 -33.23 4.30
N PHE A 281 21.77 -33.74 4.85
CA PHE A 281 20.58 -32.92 5.10
C PHE A 281 19.83 -33.49 6.29
N THR A 282 19.00 -32.62 6.89
CA THR A 282 17.97 -33.04 7.82
C THR A 282 16.62 -32.71 7.20
N TRP A 283 15.71 -33.67 7.21
CA TRP A 283 14.45 -33.57 6.49
C TRP A 283 13.29 -33.63 7.48
N VAL A 284 12.45 -32.61 7.47
CA VAL A 284 11.22 -32.59 8.25
C VAL A 284 10.11 -33.06 7.31
N ALA A 285 9.60 -34.25 7.56
CA ALA A 285 8.67 -34.90 6.64
C ALA A 285 7.26 -34.88 7.20
N SER A 286 6.33 -35.39 6.39
CA SER A 286 4.91 -35.44 6.70
C SER A 286 4.45 -36.90 6.74
N ASP A 287 3.13 -37.08 6.81
CA ASP A 287 2.56 -38.43 6.87
C ASP A 287 2.93 -39.28 5.67
N GLY A 288 3.32 -38.67 4.55
CA GLY A 288 3.76 -39.45 3.40
C GLY A 288 4.98 -40.30 3.70
N TRP A 289 5.94 -39.74 4.44
CA TRP A 289 7.08 -40.52 4.89
C TRP A 289 6.72 -41.34 6.13
N GLY A 290 6.37 -40.67 7.22
CA GLY A 290 5.99 -41.34 8.45
C GLY A 290 7.11 -42.21 9.00
N ALA A 291 6.70 -43.22 9.77
CA ALA A 291 7.62 -44.22 10.30
C ALA A 291 7.68 -45.45 9.39
N LEU A 292 7.97 -45.22 8.11
CA LEU A 292 8.01 -46.29 7.12
C LEU A 292 9.46 -46.63 6.79
N GLU A 293 9.77 -47.93 6.78
CA GLU A 293 11.10 -48.41 6.47
C GLU A 293 11.29 -48.70 4.99
N SER A 294 10.24 -48.58 4.18
CA SER A 294 10.34 -48.86 2.75
C SER A 294 10.92 -47.71 1.95
N VAL A 295 11.04 -46.52 2.55
CA VAL A 295 11.61 -45.36 1.86
C VAL A 295 13.07 -45.13 2.23
N VAL A 296 13.61 -45.84 3.22
CA VAL A 296 15.00 -45.69 3.63
C VAL A 296 15.81 -46.93 3.28
N ALA A 297 15.33 -47.74 2.35
CA ALA A 297 16.05 -48.93 1.93
C ALA A 297 17.19 -48.54 1.00
N GLY A 298 18.42 -48.79 1.45
CA GLY A 298 19.60 -48.43 0.68
C GLY A 298 20.03 -46.98 0.78
N SER A 299 19.35 -46.17 1.59
CA SER A 299 19.69 -44.77 1.79
C SER A 299 19.70 -44.42 3.26
N GLU A 300 20.23 -45.32 4.09
CA GLU A 300 20.29 -45.06 5.53
C GLU A 300 21.30 -43.97 5.86
N GLY A 301 22.40 -43.89 5.10
CA GLY A 301 23.41 -42.90 5.39
C GLY A 301 22.92 -41.48 5.16
N ALA A 302 22.10 -41.27 4.12
CA ALA A 302 21.60 -39.93 3.82
C ALA A 302 20.61 -39.44 4.87
N ALA A 303 19.90 -40.36 5.54
CA ALA A 303 18.90 -40.01 6.52
C ALA A 303 19.42 -40.37 7.91
N GLU A 304 19.99 -39.39 8.61
CA GLU A 304 20.47 -39.59 9.97
C GLU A 304 19.73 -38.76 11.01
N GLY A 305 19.23 -37.58 10.65
CA GLY A 305 18.43 -36.78 11.54
C GLY A 305 17.06 -36.48 10.98
N ALA A 306 16.51 -37.46 10.25
CA ALA A 306 15.22 -37.26 9.59
C ALA A 306 14.10 -37.15 10.63
N ILE A 307 13.28 -36.12 10.49
CA ILE A 307 12.14 -35.87 11.36
C ILE A 307 10.88 -36.13 10.54
N THR A 308 10.02 -37.01 11.05
CA THR A 308 8.80 -37.38 10.35
C THR A 308 7.62 -37.26 11.30
N ILE A 309 6.43 -37.11 10.72
CA ILE A 309 5.18 -37.05 11.46
C ILE A 309 4.30 -38.22 11.03
N GLU A 310 3.79 -38.98 12.00
CA GLU A 310 2.89 -40.08 11.73
C GLU A 310 1.57 -39.83 12.46
N LEU A 311 0.47 -40.09 11.77
CA LEU A 311 -0.84 -39.93 12.39
C LEU A 311 -0.97 -40.85 13.59
N ALA A 312 -1.37 -40.29 14.73
CA ALA A 312 -1.40 -41.05 15.97
C ALA A 312 -2.57 -42.03 15.97
N SER A 313 -2.27 -43.29 16.29
CA SER A 313 -3.29 -44.33 16.34
C SER A 313 -2.83 -45.42 17.29
N TYR A 314 -3.79 -46.21 17.75
CA TYR A 314 -3.53 -47.30 18.68
C TYR A 314 -4.22 -48.57 18.20
N PRO A 315 -3.67 -49.74 18.51
CA PRO A 315 -4.26 -50.99 18.05
C PRO A 315 -5.41 -51.42 18.94
N ILE A 316 -6.40 -52.06 18.32
CA ILE A 316 -7.56 -52.59 19.03
C ILE A 316 -7.35 -54.08 19.23
N SER A 317 -7.21 -54.49 20.50
CA SER A 317 -7.05 -55.90 20.81
C SER A 317 -8.35 -56.66 20.55
N ASP A 318 -9.49 -56.06 20.87
CA ASP A 318 -10.78 -56.71 20.64
C ASP A 318 -11.01 -56.96 19.15
N PHE A 319 -10.69 -55.98 18.32
CA PHE A 319 -10.82 -56.18 16.87
C PHE A 319 -9.86 -57.24 16.37
N ALA A 320 -8.65 -57.29 16.93
CA ALA A 320 -7.71 -58.34 16.56
C ALA A 320 -8.27 -59.72 16.89
N SER A 321 -8.83 -59.88 18.08
CA SER A 321 -9.44 -61.15 18.46
C SER A 321 -10.61 -61.51 17.56
N TYR A 322 -11.44 -60.51 17.22
CA TYR A 322 -12.58 -60.75 16.34
C TYR A 322 -12.13 -61.17 14.94
N PHE A 323 -11.09 -60.51 14.42
CA PHE A 323 -10.64 -60.75 13.05
C PHE A 323 -9.88 -62.06 12.91
N GLN A 324 -9.09 -62.43 13.93
CA GLN A 324 -8.34 -63.68 13.84
C GLN A 324 -9.26 -64.88 13.78
N SER A 325 -10.34 -64.87 14.57
CA SER A 325 -11.31 -65.97 14.57
C SER A 325 -12.37 -65.76 13.50
N LEU A 326 -11.91 -65.75 12.24
CA LEU A 326 -12.79 -65.57 11.09
C LEU A 326 -12.40 -66.58 10.03
N ASP A 327 -13.38 -67.38 9.59
CA ASP A 327 -13.19 -68.37 8.54
C ASP A 327 -14.40 -68.34 7.62
N PRO A 328 -14.21 -68.69 6.34
CA PRO A 328 -15.34 -68.61 5.38
C PRO A 328 -16.46 -69.60 5.67
N TRP A 329 -16.25 -70.60 6.52
CA TRP A 329 -17.27 -71.61 6.75
C TRP A 329 -18.53 -71.01 7.38
N ASN A 330 -18.36 -70.09 8.34
CA ASN A 330 -19.49 -69.49 9.02
C ASN A 330 -19.66 -68.01 8.72
N ASN A 331 -18.66 -67.36 8.12
CA ASN A 331 -18.71 -65.92 7.82
C ASN A 331 -19.43 -65.72 6.48
N SER A 332 -20.74 -65.97 6.51
CA SER A 332 -21.58 -65.78 5.32
C SER A 332 -22.09 -64.35 5.18
N ARG A 333 -21.84 -63.49 6.16
CA ARG A 333 -22.28 -62.10 6.07
C ARG A 333 -21.52 -61.34 4.99
N ASN A 334 -20.24 -61.66 4.82
CA ASN A 334 -19.38 -60.92 3.89
C ASN A 334 -19.38 -61.61 2.54
N PRO A 335 -19.94 -61.01 1.49
CA PRO A 335 -19.85 -61.63 0.15
C PRO A 335 -18.43 -61.63 -0.41
N TRP A 336 -17.57 -60.73 0.05
CA TRP A 336 -16.21 -60.63 -0.46
C TRP A 336 -15.20 -61.43 0.35
N PHE A 337 -15.64 -62.17 1.36
CA PHE A 337 -14.70 -62.92 2.19
C PHE A 337 -14.07 -64.07 1.43
N ARG A 338 -14.85 -64.71 0.54
CA ARG A 338 -14.30 -65.81 -0.24
C ARG A 338 -13.18 -65.35 -1.17
N GLU A 339 -13.37 -64.21 -1.83
CA GLU A 339 -12.33 -63.68 -2.70
C GLU A 339 -11.09 -63.28 -1.91
N PHE A 340 -11.29 -62.68 -0.73
CA PHE A 340 -10.16 -62.32 0.13
C PHE A 340 -9.40 -63.56 0.57
N TRP A 341 -10.12 -64.62 0.93
CA TRP A 341 -9.48 -65.87 1.31
C TRP A 341 -8.70 -66.47 0.15
N GLU A 342 -9.27 -66.44 -1.05
CA GLU A 342 -8.60 -66.98 -2.22
C GLU A 342 -7.33 -66.20 -2.55
N GLN A 343 -7.39 -64.86 -2.44
CA GLN A 343 -6.20 -64.06 -2.71
C GLN A 343 -5.14 -64.24 -1.64
N ARG A 344 -5.55 -64.35 -0.38
CA ARG A 344 -4.59 -64.49 0.72
C ARG A 344 -3.96 -65.87 0.72
N PHE A 345 -4.77 -66.91 0.85
CA PHE A 345 -4.31 -68.29 0.84
C PHE A 345 -4.65 -68.93 -0.50
N ARG A 346 -3.73 -69.74 -1.02
CA ARG A 346 -3.89 -70.36 -2.34
C ARG A 346 -4.94 -71.46 -2.25
N CYS A 347 -6.21 -71.04 -2.25
CA CYS A 347 -7.34 -71.95 -2.22
C CYS A 347 -8.33 -71.53 -3.30
N SER A 348 -9.02 -72.53 -3.87
CA SER A 348 -9.92 -72.29 -4.99
C SER A 348 -11.38 -72.58 -4.71
N PHE A 349 -11.70 -73.37 -3.69
CA PHE A 349 -13.04 -73.76 -3.27
C PHE A 349 -13.74 -74.67 -4.26
N ARG A 350 -13.14 -74.96 -5.41
CA ARG A 350 -13.63 -75.99 -6.32
C ARG A 350 -12.84 -77.28 -6.14
N GLN A 351 -11.52 -77.21 -6.31
CA GLN A 351 -10.59 -78.22 -5.81
C GLN A 351 -10.05 -77.72 -4.49
N ARG A 352 -10.06 -78.60 -3.47
CA ARG A 352 -9.82 -78.18 -2.09
C ARG A 352 -8.54 -77.36 -1.95
N ASP A 353 -7.38 -77.99 -2.21
CA ASP A 353 -6.08 -77.32 -2.28
C ASP A 353 -5.74 -76.53 -1.03
N CYS A 354 -6.52 -76.65 0.04
CA CYS A 354 -6.33 -75.86 1.24
C CYS A 354 -7.09 -76.51 2.39
N ALA A 355 -6.53 -76.43 3.59
CA ALA A 355 -7.14 -77.01 4.77
C ALA A 355 -6.50 -76.41 6.02
N ALA A 356 -7.34 -76.03 6.98
CA ALA A 356 -6.89 -75.49 8.27
C ALA A 356 -5.97 -74.29 8.09
N HIS A 357 -6.32 -73.42 7.14
CA HIS A 357 -5.54 -72.20 6.88
C HIS A 357 -6.05 -71.05 7.74
N SER A 358 -6.05 -71.27 9.05
CA SER A 358 -6.57 -70.29 9.99
C SER A 358 -5.72 -69.01 9.97
N LEU A 359 -6.39 -67.87 10.07
CA LEU A 359 -5.72 -66.57 10.05
C LEU A 359 -5.32 -66.22 11.48
N ARG A 360 -4.02 -66.29 11.77
CA ARG A 360 -3.49 -66.02 13.10
C ARG A 360 -2.72 -64.71 13.09
N ALA A 361 -2.08 -64.40 14.23
CA ALA A 361 -1.38 -63.13 14.40
C ALA A 361 -0.05 -63.06 13.66
N VAL A 362 0.52 -64.21 13.27
CA VAL A 362 1.83 -64.19 12.61
C VAL A 362 1.80 -63.44 11.29
N PRO A 363 0.88 -63.71 10.36
CA PRO A 363 0.83 -62.91 9.11
C PRO A 363 -0.18 -61.77 9.12
N PHE A 364 -0.82 -61.48 10.25
CA PHE A 364 -1.86 -60.46 10.32
C PHE A 364 -1.32 -59.23 11.05
N GLU A 365 -1.51 -58.07 10.42
CA GLU A 365 -1.14 -56.80 11.04
C GLU A 365 -2.30 -55.82 10.93
N GLN A 366 -2.62 -55.15 12.03
CA GLN A 366 -3.76 -54.24 12.06
C GLN A 366 -3.43 -52.96 11.31
N GLU A 367 -4.34 -52.56 10.42
CA GLU A 367 -4.15 -51.33 9.66
C GLU A 367 -4.32 -50.12 10.57
N SER A 368 -3.55 -49.06 10.26
CA SER A 368 -3.40 -47.94 11.19
C SER A 368 -4.69 -47.12 11.33
N LYS A 369 -5.55 -47.13 10.33
CA LYS A 369 -6.76 -46.31 10.33
C LYS A 369 -8.01 -47.13 10.65
N ILE A 370 -7.88 -48.12 11.51
CA ILE A 370 -9.02 -48.95 11.91
C ILE A 370 -9.73 -48.38 13.14
N MET A 371 -8.97 -47.79 14.06
CA MET A 371 -9.60 -47.12 15.20
C MET A 371 -10.46 -45.94 14.75
N PHE A 372 -10.12 -45.33 13.61
CA PHE A 372 -10.92 -44.23 13.09
C PHE A 372 -12.26 -44.72 12.56
N VAL A 373 -12.28 -45.91 11.95
CA VAL A 373 -13.55 -46.48 11.48
C VAL A 373 -14.48 -46.74 12.67
N VAL A 374 -13.92 -47.35 13.72
CA VAL A 374 -14.70 -47.61 14.93
C VAL A 374 -15.18 -46.30 15.55
N ASN A 375 -14.31 -45.28 15.57
CA ASN A 375 -14.70 -43.99 16.12
C ASN A 375 -15.84 -43.37 15.32
N ALA A 376 -15.79 -43.46 14.00
CA ALA A 376 -16.85 -42.91 13.17
C ALA A 376 -18.17 -43.64 13.39
N VAL A 377 -18.12 -44.98 13.44
CA VAL A 377 -19.35 -45.75 13.65
C VAL A 377 -19.94 -45.44 15.02
N TYR A 378 -19.10 -45.36 16.06
CA TYR A 378 -19.59 -45.07 17.39
C TYR A 378 -20.10 -43.63 17.50
N ALA A 379 -19.48 -42.69 16.78
CA ALA A 379 -19.98 -41.33 16.77
C ALA A 379 -21.36 -41.24 16.14
N MET A 380 -21.55 -41.95 15.02
CA MET A 380 -22.88 -41.99 14.41
C MET A 380 -23.90 -42.62 15.35
N ALA A 381 -23.52 -43.72 16.02
CA ALA A 381 -24.42 -44.37 16.95
C ALA A 381 -24.78 -43.46 18.12
N HIS A 382 -23.79 -42.74 18.66
CA HIS A 382 -24.05 -41.82 19.77
C HIS A 382 -24.93 -40.66 19.33
N ALA A 383 -24.71 -40.13 18.12
CA ALA A 383 -25.58 -39.07 17.62
C ALA A 383 -27.02 -39.56 17.48
N LEU A 384 -27.20 -40.77 16.93
CA LEU A 384 -28.55 -41.33 16.81
C LEU A 384 -29.18 -41.55 18.18
N HIS A 385 -28.41 -42.05 19.13
CA HIS A 385 -28.94 -42.28 20.48
C HIS A 385 -29.34 -40.97 21.16
N ASN A 386 -28.51 -39.93 21.02
CA ASN A 386 -28.83 -38.64 21.61
C ASN A 386 -30.09 -38.07 20.98
N MET A 387 -30.21 -38.16 19.65
CA MET A 387 -31.39 -37.66 18.98
C MET A 387 -32.63 -38.42 19.45
N HIS A 388 -32.52 -39.75 19.59
CA HIS A 388 -33.64 -40.55 20.06
C HIS A 388 -34.03 -40.17 21.49
N ARG A 389 -33.05 -39.97 22.37
CA ARG A 389 -33.35 -39.62 23.75
C ARG A 389 -34.01 -38.24 23.83
N ALA A 390 -33.53 -37.29 23.03
CA ALA A 390 -34.13 -35.95 23.03
C ALA A 390 -35.55 -35.99 22.48
N LEU A 391 -35.77 -36.73 21.40
CA LEU A 391 -37.10 -36.79 20.79
C LEU A 391 -38.04 -37.70 21.58
N CYS A 392 -37.53 -38.77 22.17
CA CYS A 392 -38.33 -39.76 22.90
C CYS A 392 -37.75 -39.96 24.29
N PRO A 393 -37.98 -39.02 25.21
CA PRO A 393 -37.47 -39.18 26.58
C PRO A 393 -38.28 -40.16 27.42
N ASN A 394 -39.40 -40.67 26.92
CA ASN A 394 -40.26 -41.55 27.69
C ASN A 394 -39.87 -43.02 27.54
N THR A 395 -39.82 -43.51 26.30
CA THR A 395 -39.54 -44.91 26.02
C THR A 395 -38.25 -45.05 25.22
N THR A 396 -37.58 -46.18 25.40
CA THR A 396 -36.34 -46.48 24.68
C THR A 396 -36.65 -47.31 23.42
N ARG A 397 -37.51 -46.75 22.59
CA ARG A 397 -37.91 -47.41 21.34
C ARG A 397 -38.31 -46.34 20.35
N LEU A 398 -38.29 -46.70 19.06
CA LEU A 398 -38.58 -45.74 18.01
C LEU A 398 -39.99 -45.18 18.15
N CYS A 399 -40.12 -43.88 17.92
CA CYS A 399 -41.40 -43.19 17.95
C CYS A 399 -41.89 -42.94 16.53
N ASP A 400 -43.12 -42.45 16.42
CA ASP A 400 -43.66 -42.08 15.12
C ASP A 400 -42.95 -40.86 14.55
N ALA A 401 -42.25 -40.09 15.38
CA ALA A 401 -41.49 -38.94 14.93
C ALA A 401 -40.08 -39.29 14.46
N MET A 402 -39.69 -40.56 14.59
CA MET A 402 -38.36 -40.99 14.17
C MET A 402 -38.32 -41.62 12.79
N ARG A 403 -39.46 -42.04 12.26
CA ARG A 403 -39.49 -42.58 10.90
C ARG A 403 -39.01 -41.57 9.86
N PRO A 404 -39.48 -40.31 9.84
CA PRO A 404 -38.88 -39.34 8.90
C PRO A 404 -37.72 -38.58 9.52
N VAL A 405 -36.58 -39.28 9.68
CA VAL A 405 -35.40 -38.67 10.27
C VAL A 405 -34.87 -37.57 9.36
N ASN A 406 -34.44 -36.46 9.95
CA ASN A 406 -33.93 -35.32 9.20
C ASN A 406 -32.42 -35.30 9.30
N GLY A 407 -31.75 -35.36 8.14
CA GLY A 407 -30.30 -35.37 8.13
C GLY A 407 -29.70 -34.05 8.59
N ARG A 408 -30.33 -32.94 8.23
CA ARG A 408 -29.80 -31.62 8.59
C ARG A 408 -29.76 -31.44 10.10
N ARG A 409 -30.88 -31.74 10.76
CA ARG A 409 -30.93 -31.59 12.23
C ARG A 409 -29.97 -32.56 12.90
N LEU A 410 -29.91 -33.79 12.43
CA LEU A 410 -29.02 -34.79 13.02
C LEU A 410 -27.56 -34.36 12.89
N TYR A 411 -27.18 -33.83 11.73
CA TYR A 411 -25.80 -33.41 11.54
C TYR A 411 -25.48 -32.18 12.37
N LYS A 412 -26.38 -31.18 12.34
CA LYS A 412 -26.05 -29.90 12.95
C LYS A 412 -26.14 -29.93 14.47
N ASP A 413 -27.13 -30.64 15.03
CA ASP A 413 -27.38 -30.60 16.45
C ASP A 413 -26.82 -31.79 17.20
N PHE A 414 -26.65 -32.94 16.54
CA PHE A 414 -26.27 -34.17 17.24
C PHE A 414 -24.94 -34.73 16.76
N VAL A 415 -24.73 -34.85 15.44
CA VAL A 415 -23.49 -35.41 14.93
C VAL A 415 -22.31 -34.52 15.28
N LEU A 416 -22.46 -33.21 15.09
CA LEU A 416 -21.36 -32.29 15.34
C LEU A 416 -21.10 -32.13 16.84
N ASN A 417 -22.13 -32.28 17.67
CA ASN A 417 -22.00 -32.13 19.13
C ASN A 417 -21.88 -33.51 19.75
N VAL A 418 -20.68 -34.07 19.68
CA VAL A 418 -20.38 -35.36 20.27
C VAL A 418 -19.14 -35.21 21.15
N LYS A 419 -19.19 -35.81 22.34
CA LYS A 419 -18.07 -35.78 23.27
C LYS A 419 -18.14 -37.05 24.11
N PHE A 420 -17.34 -38.06 23.74
CA PHE A 420 -17.37 -39.34 24.42
C PHE A 420 -15.99 -39.97 24.37
N ASP A 421 -15.75 -40.88 25.32
CA ASP A 421 -14.49 -41.61 25.35
C ASP A 421 -14.41 -42.59 24.19
N ALA A 422 -13.21 -42.73 23.64
CA ALA A 422 -13.01 -43.64 22.52
C ALA A 422 -13.25 -45.08 22.97
N PRO A 423 -14.08 -45.85 22.26
CA PRO A 423 -14.35 -47.22 22.67
C PRO A 423 -13.12 -48.10 22.55
N PHE A 424 -13.10 -49.17 23.36
CA PHE A 424 -11.98 -50.11 23.39
C PHE A 424 -10.67 -49.41 23.76
N ARG A 425 -10.78 -48.45 24.67
CA ARG A 425 -9.67 -47.67 25.20
C ARG A 425 -10.10 -47.14 26.56
N PRO A 426 -9.30 -47.33 27.60
CA PRO A 426 -9.73 -46.88 28.94
C PRO A 426 -10.05 -45.39 28.97
N ALA A 427 -11.10 -45.06 29.73
CA ALA A 427 -11.58 -43.69 29.78
C ALA A 427 -10.60 -42.74 30.47
N ASP A 428 -9.63 -43.27 31.21
CA ASP A 428 -8.64 -42.43 31.88
C ASP A 428 -7.54 -42.03 30.91
N THR A 429 -7.92 -41.50 29.76
CA THR A 429 -6.97 -41.06 28.74
C THR A 429 -7.64 -39.99 27.89
N HIS A 430 -6.85 -39.00 27.46
CA HIS A 430 -7.38 -37.91 26.66
C HIS A 430 -7.68 -38.39 25.25
N ASN A 431 -8.72 -39.20 25.10
CA ASN A 431 -9.19 -39.71 23.82
C ASN A 431 -10.66 -39.36 23.71
N GLU A 432 -10.94 -38.16 23.20
CA GLU A 432 -12.30 -37.66 23.05
C GLU A 432 -12.61 -37.52 21.56
N VAL A 433 -13.56 -38.30 21.07
CA VAL A 433 -13.98 -38.23 19.67
C VAL A 433 -14.90 -37.02 19.54
N ARG A 434 -14.37 -35.93 19.00
CA ARG A 434 -15.13 -34.70 18.82
C ARG A 434 -14.90 -34.14 17.43
N PHE A 435 -15.87 -33.36 16.95
CA PHE A 435 -15.78 -32.67 15.67
C PHE A 435 -15.79 -31.18 15.91
N ASP A 436 -14.93 -30.46 15.19
CA ASP A 436 -14.85 -29.01 15.34
C ASP A 436 -15.96 -28.35 14.52
N ARG A 437 -15.90 -27.04 14.38
CA ARG A 437 -16.94 -26.28 13.71
C ARG A 437 -17.03 -26.62 12.23
N PHE A 438 -15.94 -27.08 11.63
CA PHE A 438 -15.96 -27.56 10.24
C PHE A 438 -16.21 -29.07 10.14
N GLY A 439 -16.44 -29.74 11.26
CA GLY A 439 -16.71 -31.16 11.25
C GLY A 439 -15.49 -32.05 11.11
N ASP A 440 -14.29 -31.47 11.11
CA ASP A 440 -13.07 -32.26 11.00
C ASP A 440 -12.73 -32.91 12.34
N GLY A 441 -11.76 -33.82 12.31
CA GLY A 441 -11.31 -34.50 13.50
C GLY A 441 -10.39 -33.65 14.34
N ILE A 442 -9.91 -34.25 15.43
CA ILE A 442 -9.02 -33.59 16.38
C ILE A 442 -7.59 -33.97 16.03
N GLY A 443 -6.75 -32.95 15.82
CA GLY A 443 -5.36 -33.17 15.48
C GLY A 443 -4.58 -33.91 16.54
N ARG A 444 -3.90 -34.99 16.13
CA ARG A 444 -3.11 -35.79 17.06
C ARG A 444 -2.05 -36.53 16.25
N TYR A 445 -0.80 -36.12 16.39
CA TYR A 445 0.29 -36.67 15.60
C TYR A 445 1.45 -37.06 16.50
N ASN A 446 2.31 -37.94 15.99
CA ASN A 446 3.51 -38.39 16.69
C ASN A 446 4.74 -38.03 15.87
N ILE A 447 5.79 -37.58 16.56
CA ILE A 447 7.01 -37.14 15.92
C ILE A 447 8.05 -38.25 16.05
N PHE A 448 8.64 -38.64 14.93
CA PHE A 448 9.62 -39.72 14.87
C PHE A 448 10.94 -39.19 14.35
N THR A 449 12.03 -39.67 14.93
CA THR A 449 13.38 -39.34 14.49
C THR A 449 14.06 -40.61 14.01
N TYR A 450 14.57 -40.57 12.78
CA TYR A 450 15.27 -41.72 12.20
C TYR A 450 16.71 -41.70 12.71
N LEU A 451 16.95 -42.40 13.82
CA LEU A 451 18.26 -42.41 14.47
C LEU A 451 18.81 -43.82 14.54
N ARG A 452 20.08 -43.90 14.93
CA ARG A 452 20.75 -45.16 15.20
C ARG A 452 21.20 -45.18 16.66
N ALA A 453 20.89 -46.27 17.36
CA ALA A 453 21.21 -46.36 18.78
C ALA A 453 22.70 -46.51 19.05
N GLY A 454 23.50 -46.80 18.03
CA GLY A 454 24.93 -46.95 18.21
C GLY A 454 25.51 -48.11 17.42
N SER A 455 24.68 -49.10 17.12
CA SER A 455 25.12 -50.26 16.35
C SER A 455 24.85 -50.02 14.87
N GLY A 456 25.04 -51.05 14.05
CA GLY A 456 24.83 -50.94 12.62
C GLY A 456 23.38 -51.15 12.21
N ARG A 457 22.45 -50.58 12.97
CA ARG A 457 21.03 -50.69 12.67
C ARG A 457 20.38 -49.33 12.83
N TYR A 458 19.28 -49.14 12.11
CA TYR A 458 18.54 -47.88 12.12
C TYR A 458 17.08 -48.14 12.41
N ARG A 459 16.45 -47.24 13.16
CA ARG A 459 15.07 -47.41 13.56
C ARG A 459 14.43 -46.05 13.81
N TYR A 460 13.11 -46.03 13.81
CA TYR A 460 12.34 -44.83 14.12
C TYR A 460 12.03 -44.77 15.60
N GLN A 461 12.27 -43.62 16.21
CA GLN A 461 12.03 -43.42 17.64
C GLN A 461 11.11 -42.23 17.85
N LYS A 462 10.04 -42.44 18.62
CA LYS A 462 9.12 -41.36 18.93
C LYS A 462 9.77 -40.37 19.89
N VAL A 463 9.64 -39.08 19.60
CA VAL A 463 10.28 -38.05 20.41
C VAL A 463 9.26 -37.01 20.84
N GLY A 464 7.98 -37.37 20.80
CA GLY A 464 6.95 -36.45 21.24
C GLY A 464 5.68 -36.53 20.43
N TYR A 465 4.69 -35.74 20.84
CA TYR A 465 3.37 -35.76 20.22
C TYR A 465 2.89 -34.32 20.03
N TRP A 466 1.95 -34.16 19.11
CA TRP A 466 1.33 -32.87 18.82
C TRP A 466 -0.17 -33.06 18.81
N ALA A 467 -0.83 -32.64 19.90
CA ALA A 467 -2.29 -32.54 19.94
C ALA A 467 -2.73 -31.09 19.76
N GLU A 468 -2.21 -30.21 20.62
CA GLU A 468 -2.36 -28.78 20.44
C GLU A 468 -1.07 -28.00 20.57
N GLY A 469 -0.02 -28.59 21.13
CA GLY A 469 1.28 -27.95 21.21
C GLY A 469 2.36 -29.02 21.26
N LEU A 470 3.58 -28.58 20.99
CA LEU A 470 4.71 -29.50 20.93
C LEU A 470 5.04 -30.04 22.32
N THR A 471 5.46 -31.31 22.36
CA THR A 471 5.88 -31.96 23.58
C THR A 471 7.19 -32.73 23.32
N LEU A 472 8.13 -32.07 22.66
CA LEU A 472 9.41 -32.71 22.36
C LEU A 472 10.26 -32.85 23.61
N ASP A 473 10.99 -33.96 23.71
CA ASP A 473 11.96 -34.18 24.77
C ASP A 473 13.35 -34.22 24.15
N THR A 474 14.24 -33.35 24.64
CA THR A 474 15.61 -33.28 24.12
C THR A 474 16.51 -34.26 24.87
N SER A 475 16.18 -35.54 24.75
CA SER A 475 16.94 -36.61 25.39
C SER A 475 17.25 -37.78 24.49
N LEU A 476 16.49 -37.98 23.40
CA LEU A 476 16.71 -39.11 22.50
C LEU A 476 17.12 -38.71 21.10
N ILE A 477 16.89 -37.47 20.70
CA ILE A 477 17.27 -37.03 19.34
C ILE A 477 18.79 -36.97 19.24
N PRO A 478 19.41 -37.58 18.23
CA PRO A 478 20.88 -37.59 18.18
C PRO A 478 21.49 -36.22 17.93
N TRP A 479 20.94 -35.45 16.97
CA TRP A 479 21.52 -34.15 16.65
C TRP A 479 21.13 -33.05 17.63
N ALA A 480 20.16 -33.29 18.50
CA ALA A 480 19.75 -32.30 19.49
C ALA A 480 20.53 -32.39 20.78
N SER A 481 21.52 -33.28 20.86
CA SER A 481 22.34 -33.39 22.06
C SER A 481 23.16 -32.11 22.25
N PRO A 482 23.45 -31.74 23.50
CA PRO A 482 24.26 -30.54 23.74
C PRO A 482 25.62 -30.58 23.06
N SER A 483 26.22 -31.77 22.92
CA SER A 483 27.50 -31.88 22.24
C SER A 483 27.36 -31.54 20.77
N ALA A 484 28.34 -30.81 20.24
CA ALA A 484 28.42 -30.39 18.84
C ALA A 484 27.26 -29.49 18.43
N GLY A 485 26.49 -28.96 19.39
CA GLY A 485 25.40 -28.07 19.08
C GLY A 485 24.15 -28.81 18.68
N PRO A 486 22.99 -28.14 18.77
CA PRO A 486 21.71 -28.73 18.39
C PRO A 486 21.41 -28.58 16.89
N LEU A 487 22.38 -28.94 16.05
CA LEU A 487 22.30 -28.81 14.60
C LEU A 487 21.94 -27.35 14.27
N PRO A 488 22.89 -26.44 14.34
CA PRO A 488 22.57 -25.04 14.05
C PRO A 488 22.13 -24.81 12.61
N ALA A 489 20.85 -24.48 12.42
CA ALA A 489 20.26 -24.18 11.12
C ALA A 489 19.40 -22.91 11.23
N SER A 490 19.97 -21.87 11.83
CA SER A 490 19.22 -20.67 12.15
C SER A 490 19.02 -19.82 10.88
N ARG A 491 18.60 -18.57 11.06
CA ARG A 491 18.26 -17.70 9.96
C ARG A 491 19.45 -17.48 9.03
N CYS A 492 19.16 -16.89 7.86
CA CYS A 492 20.19 -16.67 6.86
C CYS A 492 21.28 -15.73 7.37
N SER A 493 20.90 -14.67 8.06
CA SER A 493 21.82 -13.67 8.56
C SER A 493 21.85 -13.71 10.08
N GLU A 494 22.63 -12.81 10.67
CA GLU A 494 22.81 -12.71 12.10
C GLU A 494 22.54 -11.29 12.57
N PRO A 495 22.05 -11.11 13.79
CA PRO A 495 21.81 -9.76 14.30
C PRO A 495 23.11 -8.99 14.49
N CYS A 496 23.01 -7.67 14.34
CA CYS A 496 24.16 -6.80 14.47
C CYS A 496 23.75 -5.55 15.25
N LEU A 497 24.74 -4.92 15.89
CA LEU A 497 24.51 -3.72 16.69
C LEU A 497 25.13 -2.47 16.06
N GLN A 498 26.42 -2.51 15.73
CA GLN A 498 27.08 -1.36 15.14
C GLN A 498 26.78 -1.20 13.65
N ASN A 499 26.21 -2.21 13.01
CA ASN A 499 25.87 -2.16 11.59
C ASN A 499 24.35 -2.15 11.46
N GLU A 500 23.84 -1.12 10.77
CA GLU A 500 22.40 -0.99 10.58
C GLU A 500 21.87 -2.09 9.65
N VAL A 501 20.69 -2.61 9.98
CA VAL A 501 20.06 -3.65 9.16
C VAL A 501 19.20 -2.92 8.14
N LYS A 502 19.84 -2.53 7.04
CA LYS A 502 19.13 -1.84 5.96
C LYS A 502 19.54 -2.37 4.58
N SER A 503 20.28 -3.46 4.51
CA SER A 503 20.75 -4.03 3.25
C SER A 503 20.15 -5.41 3.01
N VAL A 504 18.85 -5.54 3.25
CA VAL A 504 18.17 -6.81 2.98
C VAL A 504 18.26 -7.12 1.49
N GLN A 505 18.44 -8.40 1.19
CA GLN A 505 18.61 -8.82 -0.20
C GLN A 505 17.33 -8.54 -0.99
N PRO A 506 17.42 -7.91 -2.16
CA PRO A 506 16.22 -7.63 -2.95
C PRO A 506 15.54 -8.91 -3.39
N GLY A 507 14.26 -9.05 -3.02
CA GLY A 507 13.48 -10.22 -3.33
C GLY A 507 13.52 -11.30 -2.26
N GLU A 508 14.51 -11.27 -1.38
CA GLU A 508 14.60 -12.21 -0.25
C GLU A 508 15.03 -11.40 0.97
N VAL A 509 14.05 -11.04 1.80
CA VAL A 509 14.30 -10.16 2.94
C VAL A 509 14.84 -10.96 4.11
N CYS A 510 15.16 -12.23 3.87
CA CYS A 510 15.66 -13.12 4.91
C CYS A 510 17.17 -13.12 5.04
N CYS A 511 17.89 -12.63 4.04
CA CYS A 511 19.35 -12.58 4.05
C CYS A 511 19.77 -11.11 4.03
N TRP A 512 19.86 -10.51 5.22
CA TRP A 512 20.26 -9.12 5.33
C TRP A 512 21.76 -9.00 5.55
N LEU A 513 22.32 -7.89 5.07
CA LEU A 513 23.75 -7.62 5.17
C LEU A 513 24.00 -6.56 6.23
N CYS A 514 24.94 -6.85 7.14
CA CYS A 514 25.28 -5.93 8.22
C CYS A 514 26.26 -4.89 7.68
N ILE A 515 25.70 -3.87 7.05
CA ILE A 515 26.51 -2.78 6.50
C ILE A 515 26.87 -1.81 7.62
N PRO A 516 28.16 -1.57 7.86
CA PRO A 516 28.56 -0.62 8.92
C PRO A 516 28.52 0.81 8.41
N CYS A 517 27.72 1.64 9.06
CA CYS A 517 27.63 3.04 8.68
C CYS A 517 28.90 3.78 9.11
N GLN A 518 29.17 4.89 8.42
CA GLN A 518 30.36 5.67 8.70
C GLN A 518 30.29 6.29 10.09
N PRO A 519 31.43 6.41 10.78
CA PRO A 519 31.42 7.05 12.11
C PRO A 519 30.98 8.50 12.09
N TYR A 520 31.08 9.18 10.94
CA TYR A 520 30.62 10.56 10.88
C TYR A 520 29.12 10.66 11.09
N GLU A 521 28.37 9.65 10.69
CA GLU A 521 26.92 9.62 10.85
C GLU A 521 26.56 8.82 12.10
N TYR A 522 25.84 9.45 13.02
CA TYR A 522 25.43 8.80 14.24
C TYR A 522 24.15 8.00 14.02
N ARG A 523 23.61 7.43 15.09
CA ARG A 523 22.39 6.63 15.03
C ARG A 523 21.22 7.49 15.51
N LEU A 524 20.26 7.73 14.62
CA LEU A 524 19.09 8.54 14.94
C LEU A 524 17.77 7.76 14.85
N ASP A 525 17.73 6.70 14.05
CA ASP A 525 16.50 5.92 13.89
C ASP A 525 16.77 4.44 14.13
N GLU A 526 15.77 3.60 13.86
CA GLU A 526 15.90 2.17 14.10
C GLU A 526 16.98 1.55 13.20
N PHE A 527 17.01 1.92 11.92
CA PHE A 527 17.93 1.30 10.99
C PHE A 527 18.60 2.30 10.05
N THR A 528 18.62 3.59 10.39
CA THR A 528 19.24 4.61 9.55
C THR A 528 20.35 5.30 10.33
N CYS A 529 21.53 5.38 9.72
CA CYS A 529 22.68 6.06 10.31
C CYS A 529 22.80 7.44 9.66
N ALA A 530 22.39 8.47 10.39
CA ALA A 530 22.42 9.84 9.89
C ALA A 530 23.16 10.73 10.87
N ASP A 531 23.94 11.66 10.33
CA ASP A 531 24.70 12.58 11.16
C ASP A 531 23.81 13.70 11.70
N CYS A 532 24.23 14.29 12.81
CA CYS A 532 23.52 15.38 13.45
C CYS A 532 24.27 16.71 13.39
N GLY A 533 25.60 16.67 13.49
CA GLY A 533 26.39 17.88 13.46
C GLY A 533 27.03 18.21 14.78
N LEU A 534 26.29 18.00 15.87
CA LEU A 534 26.81 18.25 17.22
C LEU A 534 27.33 16.96 17.83
N GLY A 535 28.38 16.42 17.22
CA GLY A 535 28.98 15.19 17.69
C GLY A 535 28.87 14.05 16.70
N TYR A 536 29.86 13.15 16.69
CA TYR A 536 29.85 12.02 15.78
C TYR A 536 29.20 10.79 16.41
N TRP A 537 29.38 10.59 17.71
CA TRP A 537 28.81 9.42 18.40
C TRP A 537 28.67 9.75 19.87
N PRO A 538 27.55 10.36 20.26
CA PRO A 538 27.37 10.69 21.69
C PRO A 538 27.27 9.46 22.59
N ASN A 539 26.38 8.53 22.25
CA ASN A 539 26.18 7.31 23.02
C ASN A 539 25.47 6.31 22.14
N ALA A 540 25.08 5.17 22.74
CA ALA A 540 24.38 4.11 22.04
C ALA A 540 22.87 4.11 22.33
N SER A 541 22.32 5.29 22.61
CA SER A 541 20.89 5.37 22.91
C SER A 541 20.03 5.10 21.69
N LEU A 542 20.57 5.34 20.49
CA LEU A 542 19.87 5.10 19.23
C LEU A 542 18.58 5.91 19.12
N THR A 543 18.51 7.04 19.82
CA THR A 543 17.32 7.89 19.81
C THR A 543 17.78 9.35 19.74
N GLY A 544 17.89 9.86 18.52
CA GLY A 544 18.30 11.24 18.32
C GLY A 544 19.78 11.45 18.55
N CYS A 545 20.15 12.73 18.61
CA CYS A 545 21.53 13.15 18.82
C CYS A 545 21.60 14.05 20.05
N PHE A 546 22.63 13.85 20.86
CA PHE A 546 22.84 14.63 22.08
C PHE A 546 24.04 15.55 21.90
N GLU A 547 23.84 16.83 22.22
CA GLU A 547 24.89 17.84 22.12
C GLU A 547 25.42 18.10 23.53
N LEU A 548 26.65 17.65 23.78
CA LEU A 548 27.25 17.83 25.09
C LEU A 548 27.61 19.30 25.31
N PRO A 549 27.22 19.90 26.44
CA PRO A 549 27.56 21.31 26.71
C PRO A 549 28.99 21.45 27.17
N GLN A 550 29.84 22.00 26.31
CA GLN A 550 31.25 22.22 26.62
C GLN A 550 31.80 23.27 25.66
N GLU A 551 33.07 23.62 25.85
CA GLU A 551 33.76 24.58 25.00
C GLU A 551 34.95 23.89 24.35
N TYR A 552 35.04 23.98 23.03
CA TYR A 552 36.14 23.38 22.29
C TYR A 552 37.41 24.22 22.32
N ILE A 553 37.33 25.48 22.73
CA ILE A 553 38.49 26.36 22.79
C ILE A 553 38.81 26.69 24.25
N ARG A 554 38.46 25.77 25.16
CA ARG A 554 38.68 25.97 26.59
C ARG A 554 40.16 25.76 26.89
N TRP A 555 40.96 26.77 26.53
CA TRP A 555 42.40 26.74 26.76
C TRP A 555 42.80 27.52 28.02
N GLY A 556 41.84 27.98 28.81
CA GLY A 556 42.14 28.71 30.02
C GLY A 556 42.61 27.83 31.15
N ASP A 557 43.81 27.27 31.01
CA ASP A 557 44.37 26.37 32.01
C ASP A 557 45.89 26.56 32.03
N ALA A 558 46.60 25.61 32.63
CA ALA A 558 48.05 25.71 32.73
C ALA A 558 48.73 25.67 31.36
N TRP A 559 48.05 25.16 30.34
CA TRP A 559 48.64 25.10 29.00
C TRP A 559 49.00 26.49 28.51
N ALA A 560 48.14 27.47 28.75
CA ALA A 560 48.42 28.87 28.44
C ALA A 560 49.00 29.62 29.62
N VAL A 561 49.69 28.93 30.53
CA VAL A 561 50.24 29.57 31.71
C VAL A 561 51.33 30.57 31.33
N GLY A 562 52.10 30.27 30.29
CA GLY A 562 53.17 31.14 29.85
C GLY A 562 52.73 32.50 29.37
N PRO A 563 51.64 32.61 28.58
CA PRO A 563 51.24 33.91 28.06
C PRO A 563 50.66 34.83 29.12
N VAL A 564 49.76 34.30 29.96
CA VAL A 564 49.08 35.12 30.95
C VAL A 564 50.07 35.73 31.92
N THR A 565 51.08 34.96 32.33
CA THR A 565 52.12 35.50 33.20
C THR A 565 52.80 36.70 32.54
N ILE A 566 53.05 36.62 31.24
CA ILE A 566 53.60 37.76 30.53
C ILE A 566 52.69 38.97 30.67
N ALA A 567 51.38 38.75 30.54
CA ALA A 567 50.43 39.83 30.79
C ALA A 567 50.56 40.37 32.20
N CYS A 568 50.78 39.48 33.17
CA CYS A 568 51.03 39.92 34.54
C CYS A 568 52.24 40.84 34.60
N LEU A 569 53.27 40.54 33.80
CA LEU A 569 54.43 41.42 33.72
C LEU A 569 54.00 42.83 33.30
N GLY A 570 53.10 42.92 32.32
CA GLY A 570 52.57 44.22 31.95
C GLY A 570 51.92 44.93 33.11
N ALA A 571 51.19 44.17 33.95
CA ALA A 571 50.62 44.76 35.16
C ALA A 571 51.71 45.33 36.04
N LEU A 572 52.84 44.63 36.17
CA LEU A 572 53.98 45.17 36.90
C LEU A 572 54.44 46.48 36.29
N ALA A 573 54.45 46.55 34.95
CA ALA A 573 54.78 47.81 34.29
C ALA A 573 53.82 48.91 34.72
N THR A 574 52.54 48.57 34.87
CA THR A 574 51.57 49.54 35.36
C THR A 574 51.99 50.07 36.73
N LEU A 575 52.47 49.19 37.60
CA LEU A 575 53.01 49.64 38.89
C LEU A 575 54.17 50.58 38.68
N PHE A 576 55.07 50.25 37.73
CA PHE A 576 56.15 51.17 37.40
C PHE A 576 55.61 52.51 36.92
N VAL A 577 54.46 52.50 36.23
CA VAL A 577 53.83 53.75 35.82
C VAL A 577 53.54 54.62 37.03
N LEU A 578 53.07 54.01 38.12
CA LEU A 578 52.88 54.76 39.35
C LEU A 578 54.19 55.38 39.81
N GLY A 579 55.28 54.61 39.77
CA GLY A 579 56.58 55.18 40.06
C GLY A 579 56.92 56.31 39.12
N VAL A 580 56.56 56.17 37.84
CA VAL A 580 56.75 57.25 36.88
C VAL A 580 56.02 58.50 37.35
N PHE A 581 54.80 58.32 37.89
CA PHE A 581 54.09 59.46 38.46
C PHE A 581 54.91 60.10 39.57
N VAL A 582 55.50 59.29 40.45
CA VAL A 582 56.42 59.82 41.44
C VAL A 582 57.60 60.50 40.76
N ARG A 583 58.13 59.86 39.71
CA ARG A 583 59.19 60.48 38.92
C ARG A 583 58.71 61.78 38.28
N HIS A 584 57.41 61.88 38.00
CA HIS A 584 56.88 63.12 37.45
C HIS A 584 56.92 64.27 38.46
N ASN A 585 57.02 63.96 39.75
CA ASN A 585 57.04 65.00 40.76
C ASN A 585 58.38 65.72 40.86
N ALA A 586 59.47 65.11 40.39
CA ALA A 586 60.80 65.68 40.54
C ALA A 586 61.64 65.52 39.28
N THR A 587 61.02 65.56 38.10
CA THR A 587 61.76 65.42 36.85
C THR A 587 61.84 66.77 36.15
N PRO A 588 63.00 67.43 36.13
CA PRO A 588 63.12 68.68 35.38
C PRO A 588 62.92 68.52 33.89
N VAL A 589 63.14 67.33 33.34
CA VAL A 589 62.98 67.09 31.91
C VAL A 589 61.49 67.05 31.55
N GLY A 594 55.73 67.59 27.98
CA GLY A 594 54.52 66.80 28.17
C GLY A 594 54.73 65.60 29.06
N ARG A 595 53.68 65.25 29.81
CA ARG A 595 53.73 64.11 30.72
C ARG A 595 52.56 63.15 30.58
N GLU A 596 51.47 63.55 29.93
CA GLU A 596 50.31 62.68 29.79
C GLU A 596 50.52 61.58 28.76
N LEU A 597 51.51 61.72 27.87
CA LEU A 597 51.76 60.68 26.87
C LEU A 597 52.20 59.38 27.52
N CYS A 598 53.06 59.46 28.52
CA CYS A 598 53.49 58.25 29.24
C CYS A 598 52.31 57.60 29.96
N TYR A 599 51.44 58.41 30.56
CA TYR A 599 50.24 57.86 31.21
C TYR A 599 49.34 57.18 30.20
N ILE A 600 49.18 57.77 29.01
CA ILE A 600 48.35 57.17 27.97
C ILE A 600 48.95 55.84 27.51
N LEU A 601 50.28 55.80 27.34
CA LEU A 601 50.92 54.56 26.94
C LEU A 601 50.75 53.48 28.00
N LEU A 602 50.91 53.84 29.28
CA LEU A 602 50.71 52.88 30.36
C LEU A 602 49.26 52.41 30.40
N GLY A 603 48.31 53.31 30.18
CA GLY A 603 46.91 52.91 30.14
C GLY A 603 46.61 51.95 28.99
N GLY A 604 47.22 52.20 27.82
CA GLY A 604 47.06 51.28 26.72
C GLY A 604 47.66 49.92 26.99
N VAL A 605 48.82 49.89 27.65
CA VAL A 605 49.43 48.62 28.03
C VAL A 605 48.53 47.87 29.00
N PHE A 606 47.98 48.57 29.99
CA PHE A 606 47.06 47.94 30.93
C PHE A 606 45.81 47.45 30.22
N LEU A 607 45.31 48.22 29.25
CA LEU A 607 44.11 47.83 28.52
C LEU A 607 44.34 46.56 27.71
N CYS A 608 45.47 46.47 27.02
CA CYS A 608 45.74 45.27 26.23
C CYS A 608 46.02 44.07 27.13
N TYR A 609 46.67 44.28 28.28
CA TYR A 609 46.84 43.20 29.24
C TYR A 609 45.49 42.70 29.75
N CYS A 610 44.57 43.63 30.06
CA CYS A 610 43.25 43.24 30.53
C CYS A 610 42.48 42.51 29.43
N MET A 611 42.62 42.96 28.17
CA MET A 611 41.96 42.27 27.07
C MET A 611 42.49 40.84 26.91
N THR A 612 43.81 40.68 27.03
CA THR A 612 44.39 39.33 26.97
C THR A 612 43.89 38.46 28.12
N PHE A 613 43.81 39.04 29.33
CA PHE A 613 43.32 38.29 30.48
C PHE A 613 41.87 37.87 30.29
N ILE A 614 41.04 38.77 29.74
CA ILE A 614 39.64 38.44 29.49
C ILE A 614 39.53 37.35 28.43
N PHE A 615 40.36 37.43 27.38
CA PHE A 615 40.33 36.42 26.33
C PHE A 615 40.74 35.05 26.86
N ILE A 616 41.75 35.02 27.74
CA ILE A 616 42.30 33.73 28.17
C ILE A 616 41.47 33.11 29.29
N ALA A 617 41.11 33.91 30.30
CA ALA A 617 40.50 33.36 31.50
C ALA A 617 39.12 32.78 31.22
N LYS A 618 38.25 33.54 30.57
CA LYS A 618 36.88 33.08 30.35
C LYS A 618 36.26 33.71 29.11
N PRO A 619 36.04 32.93 28.05
CA PRO A 619 35.35 33.47 26.87
C PRO A 619 33.83 33.34 27.00
N SER A 620 33.13 34.46 26.86
CA SER A 620 31.67 34.46 26.99
C SER A 620 31.10 35.53 26.05
N THR A 621 29.77 35.56 25.98
CA THR A 621 29.10 36.54 25.13
C THR A 621 29.37 37.96 25.62
N ALA A 622 29.35 38.17 26.94
CA ALA A 622 29.63 39.47 27.52
C ALA A 622 31.11 39.65 27.87
N VAL A 623 31.94 38.64 27.62
CA VAL A 623 33.36 38.70 27.93
C VAL A 623 34.21 38.74 26.67
N CYS A 624 33.58 38.86 25.50
CA CYS A 624 34.31 38.95 24.23
C CYS A 624 34.25 40.34 23.60
N THR A 625 33.10 41.01 23.70
CA THR A 625 33.00 42.37 23.16
C THR A 625 33.84 43.36 23.95
N LEU A 626 33.96 43.16 25.27
CA LEU A 626 34.74 44.08 26.09
C LEU A 626 36.20 44.08 25.69
N ARG A 627 36.80 42.89 25.56
CA ARG A 627 38.19 42.82 25.12
C ARG A 627 38.35 43.27 23.68
N ARG A 628 37.34 43.01 22.83
CA ARG A 628 37.38 43.47 21.45
C ARG A 628 37.45 44.99 21.38
N LEU A 629 36.66 45.68 22.20
CA LEU A 629 36.73 47.13 22.23
C LEU A 629 38.02 47.61 22.90
N GLY A 630 38.48 46.89 23.92
CA GLY A 630 39.67 47.32 24.64
C GLY A 630 40.93 47.27 23.80
N LEU A 631 41.10 46.20 23.00
CA LEU A 631 42.28 46.11 22.15
C LEU A 631 42.30 47.24 21.12
N GLY A 632 41.15 47.54 20.52
CA GLY A 632 41.07 48.64 19.58
C GLY A 632 41.33 49.98 20.24
N THR A 633 40.81 50.17 21.45
CA THR A 633 41.06 51.41 22.17
C THR A 633 42.54 51.57 22.49
N ALA A 634 43.20 50.49 22.91
CA ALA A 634 44.63 50.56 23.21
C ALA A 634 45.44 50.86 21.96
N PHE A 635 45.10 50.21 20.83
CA PHE A 635 45.81 50.48 19.58
C PHE A 635 45.62 51.93 19.15
N SER A 636 44.38 52.44 19.26
CA SER A 636 44.12 53.82 18.89
C SER A 636 44.87 54.79 19.80
N VAL A 637 44.94 54.47 21.09
CA VAL A 637 45.66 55.34 22.03
C VAL A 637 47.15 55.37 21.69
N CYS A 638 47.74 54.21 21.39
CA CYS A 638 49.15 54.18 21.01
C CYS A 638 49.39 54.95 19.72
N TYR A 639 48.51 54.77 18.73
CA TYR A 639 48.66 55.50 17.48
C TYR A 639 48.53 57.01 17.68
N SER A 640 47.59 57.43 18.53
CA SER A 640 47.41 58.84 18.81
C SER A 640 48.62 59.41 19.53
N ALA A 641 49.18 58.67 20.48
CA ALA A 641 50.37 59.13 21.18
C ALA A 641 51.55 59.28 20.21
N LEU A 642 51.74 58.30 19.33
CA LEU A 642 52.83 58.39 18.35
C LEU A 642 52.62 59.57 17.41
N LEU A 643 51.38 59.78 16.94
CA LEU A 643 51.10 60.89 16.04
C LEU A 643 51.32 62.22 16.73
N THR A 644 50.89 62.34 17.99
CA THR A 644 51.13 63.58 18.73
C THR A 644 52.61 63.84 18.92
N LYS A 645 53.38 62.80 19.25
CA LYS A 645 54.82 62.96 19.45
C LYS A 645 55.50 63.41 18.16
N THR A 646 55.15 62.77 17.04
CA THR A 646 55.80 63.15 15.78
C THR A 646 55.35 64.52 15.30
N ASN A 647 54.09 64.90 15.57
CA ASN A 647 53.64 66.24 15.20
C ASN A 647 54.35 67.30 16.04
N ARG A 648 54.54 67.04 17.33
CA ARG A 648 55.27 67.98 18.18
C ARG A 648 56.73 68.08 17.73
N ILE A 649 57.33 66.95 17.34
CA ILE A 649 58.71 66.97 16.87
C ILE A 649 58.83 67.78 15.58
N ALA A 650 57.89 67.57 14.65
CA ALA A 650 57.98 68.26 13.35
C ALA A 650 57.62 69.74 13.48
N ARG A 651 56.76 70.09 14.42
CA ARG A 651 56.33 71.48 14.56
C ARG A 651 57.50 72.40 14.94
N ILE A 652 58.35 71.93 15.85
CA ILE A 652 59.49 72.73 16.29
C ILE A 652 60.76 72.28 15.56
N PRO A 668 49.77 72.24 25.59
CA PRO A 668 49.11 71.00 26.03
C PRO A 668 47.69 70.89 25.52
N ALA A 669 47.07 72.03 25.20
CA ALA A 669 45.71 72.03 24.70
C ALA A 669 45.59 71.33 23.36
N SER A 670 46.56 71.57 22.46
CA SER A 670 46.52 70.95 21.15
C SER A 670 46.66 69.43 21.25
N GLN A 671 47.58 68.95 22.08
CA GLN A 671 47.75 67.51 22.25
C GLN A 671 46.50 66.89 22.86
N VAL A 672 45.88 67.57 23.83
CA VAL A 672 44.65 67.06 24.45
C VAL A 672 43.54 66.98 23.41
N ALA A 673 43.41 68.02 22.58
CA ALA A 673 42.39 68.01 21.54
C ALA A 673 42.63 66.88 20.54
N ILE A 674 43.89 66.67 20.14
CA ILE A 674 44.20 65.64 19.16
C ILE A 674 43.89 64.25 19.73
N CYS A 675 44.30 64.00 20.97
CA CYS A 675 44.05 62.68 21.57
C CYS A 675 42.56 62.47 21.81
N LEU A 676 41.84 63.53 22.18
CA LEU A 676 40.40 63.42 22.34
C LEU A 676 39.71 63.11 21.02
N ALA A 677 40.16 63.75 19.93
CA ALA A 677 39.59 63.45 18.62
C ALA A 677 39.87 62.01 18.21
N LEU A 678 41.09 61.53 18.45
CA LEU A 678 41.41 60.14 18.12
C LEU A 678 40.57 59.17 18.95
N ILE A 679 40.38 59.47 20.23
CA ILE A 679 39.56 58.62 21.09
C ILE A 679 38.11 58.62 20.62
N SER A 680 37.61 59.79 20.21
CA SER A 680 36.26 59.87 19.69
C SER A 680 36.11 59.06 18.40
N GLY A 681 37.10 59.11 17.52
CA GLY A 681 37.06 58.30 16.31
C GLY A 681 37.07 56.82 16.63
N GLN A 682 37.91 56.40 17.57
CA GLN A 682 37.94 55.00 17.97
C GLN A 682 36.61 54.57 18.58
N LEU A 683 36.00 55.45 19.40
CA LEU A 683 34.71 55.15 19.99
C LEU A 683 33.64 55.01 18.91
N LEU A 684 33.67 55.88 17.90
CA LEU A 684 32.72 55.76 16.80
C LEU A 684 32.92 54.45 16.05
N ILE A 685 34.18 54.05 15.82
CA ILE A 685 34.45 52.81 15.12
C ILE A 685 33.92 51.61 15.91
N VAL A 686 34.20 51.59 17.21
CA VAL A 686 33.74 50.44 18.01
C VAL A 686 32.23 50.46 18.18
N VAL A 687 31.61 51.64 18.19
CA VAL A 687 30.15 51.71 18.24
C VAL A 687 29.55 51.17 16.96
N ALA A 688 30.15 51.50 15.81
CA ALA A 688 29.69 50.94 14.55
C ALA A 688 29.85 49.43 14.53
N TRP A 689 30.96 48.92 15.04
CA TRP A 689 31.15 47.48 15.14
C TRP A 689 30.08 46.84 16.03
N LEU A 690 29.78 47.46 17.17
CA LEU A 690 28.79 46.91 18.08
C LEU A 690 27.40 46.91 17.46
N VAL A 691 27.01 48.01 16.82
CA VAL A 691 25.67 48.08 16.24
C VAL A 691 25.56 47.16 15.03
N VAL A 692 26.68 46.89 14.35
CA VAL A 692 26.66 45.95 13.24
C VAL A 692 26.26 44.56 13.72
N GLU A 693 26.92 44.07 14.76
CA GLU A 693 26.56 42.79 15.38
C GLU A 693 27.04 42.81 16.82
N ALA A 694 26.12 43.09 17.75
CA ALA A 694 26.45 43.10 19.17
C ALA A 694 26.49 41.70 19.77
N PRO A 695 25.43 40.88 19.66
CA PRO A 695 25.45 39.58 20.33
C PRO A 695 26.37 38.60 19.63
N GLY A 696 26.84 37.62 20.41
CA GLY A 696 27.64 36.54 19.87
C GLY A 696 27.03 35.19 20.14
N THR A 697 26.57 34.51 19.09
CA THR A 697 25.93 33.21 19.21
C THR A 697 26.88 32.05 18.97
N GLY A 698 28.16 32.31 18.76
CA GLY A 698 29.11 31.26 18.49
C GLY A 698 29.07 30.79 17.05
N LYS A 699 29.79 29.69 16.80
CA LYS A 699 29.87 29.12 15.47
C LYS A 699 30.12 27.63 15.58
N GLU A 700 29.83 26.92 14.50
CA GLU A 700 30.03 25.48 14.42
C GLU A 700 31.35 25.15 13.74
N THR A 701 31.83 23.94 13.98
CA THR A 701 33.11 23.50 13.43
C THR A 701 32.90 22.89 12.04
N ALA A 702 34.00 22.51 11.40
CA ALA A 702 33.92 21.91 10.09
C ALA A 702 33.32 20.52 10.16
N PRO A 703 32.66 20.05 9.09
CA PRO A 703 32.10 18.70 9.10
C PRO A 703 33.16 17.60 9.22
N GLU A 704 34.42 17.89 8.90
CA GLU A 704 35.47 16.88 9.02
C GLU A 704 35.70 16.46 10.45
N ARG A 705 35.34 17.29 11.43
CA ARG A 705 35.51 16.94 12.84
C ARG A 705 34.23 17.22 13.61
N ARG A 706 34.28 17.08 14.94
CA ARG A 706 33.12 17.32 15.81
C ARG A 706 33.62 18.04 17.05
N GLU A 707 33.54 19.36 17.04
CA GLU A 707 33.95 20.20 18.15
C GLU A 707 32.73 20.75 18.88
N VAL A 708 32.95 21.21 20.11
CA VAL A 708 31.86 21.76 20.91
C VAL A 708 31.46 23.14 20.42
N VAL A 709 32.40 24.08 20.46
CA VAL A 709 32.14 25.45 20.02
C VAL A 709 33.36 25.93 19.26
N THR A 710 33.18 26.23 17.96
CA THR A 710 34.29 26.73 17.16
C THR A 710 34.76 28.09 17.65
N LEU A 711 33.83 28.99 17.97
CA LEU A 711 34.17 30.31 18.46
C LEU A 711 33.21 30.70 19.58
N ARG A 712 33.73 31.44 20.55
CA ARG A 712 32.89 31.90 21.66
C ARG A 712 31.86 32.93 21.19
N CYS A 713 32.27 33.85 20.31
CA CYS A 713 31.39 34.89 19.82
C CYS A 713 31.45 34.99 18.30
N ASN A 714 30.84 36.02 17.74
CA ASN A 714 30.88 36.22 16.29
C ASN A 714 32.31 36.45 15.82
N HIS A 715 32.62 35.93 14.64
CA HIS A 715 33.97 36.01 14.09
C HIS A 715 33.85 36.10 12.58
N ARG A 716 34.97 35.85 11.88
CA ARG A 716 35.04 35.93 10.43
C ARG A 716 34.61 37.31 9.92
N ASP A 717 35.03 38.35 10.64
CA ASP A 717 34.74 39.73 10.29
C ASP A 717 36.04 40.47 10.02
N ALA A 718 36.08 41.22 8.93
CA ALA A 718 37.27 41.97 8.53
C ALA A 718 37.26 43.40 9.06
N SER A 719 36.41 43.70 10.04
CA SER A 719 36.39 45.05 10.61
C SER A 719 37.68 45.36 11.35
N MET A 720 38.22 44.37 12.08
CA MET A 720 39.49 44.57 12.75
C MET A 720 40.62 44.83 11.77
N LEU A 721 40.50 44.32 10.54
CA LEU A 721 41.47 44.63 9.51
C LEU A 721 41.47 46.12 9.19
N GLY A 722 40.32 46.79 9.33
CA GLY A 722 40.30 48.23 9.14
C GLY A 722 41.13 48.98 10.18
N SER A 723 41.00 48.59 11.44
CA SER A 723 41.82 49.20 12.49
C SER A 723 43.29 48.86 12.28
N LEU A 724 43.59 47.63 11.87
CA LEU A 724 44.97 47.27 11.57
C LEU A 724 45.55 48.12 10.45
N ALA A 725 44.77 48.34 9.39
CA ALA A 725 45.21 49.18 8.28
C ALA A 725 45.39 50.63 8.72
N TYR A 726 44.50 51.13 9.59
CA TYR A 726 44.66 52.48 10.11
C TYR A 726 45.95 52.61 10.91
N ASN A 727 46.25 51.62 11.76
CA ASN A 727 47.49 51.64 12.52
C ASN A 727 48.70 51.57 11.59
N VAL A 728 48.61 50.75 10.55
CA VAL A 728 49.72 50.64 9.59
C VAL A 728 49.93 51.97 8.88
N LEU A 729 48.85 52.63 8.48
CA LEU A 729 48.98 53.93 7.83
C LEU A 729 49.57 54.97 8.78
N LEU A 730 49.16 54.95 10.05
CA LEU A 730 49.74 55.87 11.02
C LEU A 730 51.23 55.62 11.20
N ILE A 731 51.63 54.35 11.26
CA ILE A 731 53.04 54.02 11.40
C ILE A 731 53.82 54.46 10.16
N ALA A 732 53.22 54.29 8.97
CA ALA A 732 53.88 54.71 7.75
C ALA A 732 54.05 56.22 7.71
N LEU A 733 53.04 56.97 8.14
CA LEU A 733 53.15 58.42 8.21
C LEU A 733 54.23 58.83 9.21
N CYS A 734 54.29 58.15 10.35
CA CYS A 734 55.32 58.45 11.35
C CYS A 734 56.72 58.19 10.78
N THR A 735 56.89 57.08 10.06
CA THR A 735 58.19 56.79 9.46
C THR A 735 58.54 57.80 8.38
N LEU A 736 57.55 58.22 7.58
CA LEU A 736 57.81 59.24 6.57
C LEU A 736 58.25 60.55 7.19
N TYR A 737 57.60 60.94 8.29
CA TYR A 737 58.02 62.14 9.01
C TYR A 737 59.41 61.97 9.61
N ALA A 738 59.69 60.82 10.21
CA ALA A 738 60.97 60.58 10.86
C ALA A 738 62.11 60.36 9.86
N PHE A 739 61.81 60.19 8.58
CA PHE A 739 62.86 60.11 7.57
C PHE A 739 63.77 61.33 7.62
N LYS A 740 63.25 62.48 8.03
CA LYS A 740 64.05 63.67 8.26
C LYS A 740 63.85 64.30 9.62
N THR A 741 62.80 63.95 10.37
CA THR A 741 62.51 64.54 11.66
C THR A 741 63.15 63.78 12.81
N ARG A 742 63.67 62.57 12.57
CA ARG A 742 64.22 61.74 13.64
C ARG A 742 65.36 62.45 14.36
N LYS A 743 66.20 63.17 13.61
CA LYS A 743 67.29 63.93 14.21
C LYS A 743 66.71 65.16 14.91
N CYS A 744 66.76 65.18 16.23
CA CYS A 744 66.22 66.29 17.01
C CYS A 744 67.06 66.51 18.26
N PRO A 745 67.81 67.61 18.35
CA PRO A 745 68.63 67.85 19.54
C PRO A 745 67.81 67.96 20.82
N GLU A 746 66.60 68.52 20.75
CA GLU A 746 65.75 68.64 21.93
C GLU A 746 65.14 67.28 22.24
N ASN A 747 65.44 66.75 23.42
CA ASN A 747 64.99 65.43 23.85
C ASN A 747 65.35 64.37 22.80
N PHE A 748 66.65 64.29 22.50
CA PHE A 748 67.14 63.36 21.49
C PHE A 748 66.87 61.91 21.91
N ASN A 749 67.08 61.60 23.19
CA ASN A 749 66.81 60.24 23.67
C ASN A 749 65.33 59.90 23.54
N GLU A 750 64.45 60.85 23.89
CA GLU A 750 63.02 60.61 23.77
C GLU A 750 62.61 60.40 22.32
N ALA A 751 63.14 61.22 21.41
CA ALA A 751 62.82 61.06 19.99
C ALA A 751 63.31 59.73 19.45
N LYS A 752 64.53 59.34 19.83
CA LYS A 752 65.05 58.04 19.39
C LYS A 752 64.21 56.90 19.93
N PHE A 753 63.80 56.99 21.20
CA PHE A 753 62.95 55.95 21.78
C PHE A 753 61.60 55.88 21.07
N ILE A 754 61.02 57.04 20.74
CA ILE A 754 59.74 57.06 20.04
C ILE A 754 59.88 56.44 18.65
N GLY A 755 60.95 56.78 17.94
CA GLY A 755 61.17 56.18 16.63
C GLY A 755 61.37 54.69 16.69
N PHE A 756 62.15 54.22 17.67
CA PHE A 756 62.37 52.80 17.84
C PHE A 756 61.07 52.08 18.19
N THR A 757 60.24 52.69 19.05
CA THR A 757 58.96 52.09 19.39
C THR A 757 58.05 52.01 18.18
N MET A 758 58.02 53.07 17.36
CA MET A 758 57.18 53.04 16.15
C MET A 758 57.66 51.96 15.18
N TYR A 759 58.97 51.86 14.97
CA TYR A 759 59.50 50.83 14.08
C TYR A 759 59.20 49.43 14.60
N THR A 760 59.36 49.22 15.91
CA THR A 760 59.08 47.91 16.49
C THR A 760 57.60 47.57 16.37
N THR A 761 56.72 48.54 16.60
CA THR A 761 55.29 48.29 16.47
C THR A 761 54.91 47.96 15.03
N CYS A 762 55.50 48.69 14.07
CA CYS A 762 55.22 48.40 12.66
C CYS A 762 55.70 47.01 12.29
N ILE A 763 56.90 46.62 12.74
CA ILE A 763 57.42 45.29 12.44
C ILE A 763 56.55 44.22 13.08
N ILE A 764 56.12 44.45 14.33
CA ILE A 764 55.29 43.47 15.02
C ILE A 764 53.96 43.30 14.32
N TRP A 765 53.34 44.40 13.89
CA TRP A 765 52.07 44.31 13.16
C TRP A 765 52.25 43.59 11.83
N LEU A 766 53.32 43.91 11.10
CA LEU A 766 53.56 43.28 9.81
C LEU A 766 53.84 41.78 9.96
N ALA A 767 54.47 41.37 11.05
CA ALA A 767 54.69 39.95 11.29
C ALA A 767 53.42 39.25 11.76
N PHE A 768 52.61 39.94 12.58
CA PHE A 768 51.44 39.32 13.19
C PHE A 768 50.28 39.19 12.22
N LEU A 769 50.16 40.10 11.25
CA LEU A 769 49.00 40.03 10.34
C LEU A 769 48.93 38.72 9.57
N PRO A 770 49.99 38.24 8.90
CA PRO A 770 49.92 36.87 8.35
C PRO A 770 49.77 35.81 9.42
N ILE A 771 50.39 36.02 10.58
CA ILE A 771 50.23 35.07 11.69
C ILE A 771 48.78 35.03 12.15
N PHE A 772 48.15 36.20 12.27
CA PHE A 772 46.74 36.24 12.65
C PHE A 772 45.87 35.57 11.60
N TYR A 773 46.16 35.80 10.31
CA TYR A 773 45.38 35.17 9.25
C TYR A 773 45.54 33.65 9.30
N VAL A 774 46.74 33.17 9.56
CA VAL A 774 46.97 31.72 9.64
C VAL A 774 46.25 31.13 10.85
N THR A 775 46.33 31.81 12.00
CA THR A 775 45.73 31.29 13.23
C THR A 775 44.21 31.43 13.24
N SER A 776 43.65 32.26 12.35
CA SER A 776 42.19 32.40 12.29
C SER A 776 41.52 31.07 11.95
N SER A 777 42.22 30.17 11.25
CA SER A 777 41.66 28.87 10.93
C SER A 777 41.62 27.94 12.13
N ASP A 778 42.38 28.24 13.18
CA ASP A 778 42.43 27.42 14.40
C ASP A 778 42.19 28.34 15.60
N TYR A 779 40.93 28.46 16.00
CA TYR A 779 40.57 29.33 17.12
C TYR A 779 41.07 28.82 18.46
N ARG A 780 41.54 27.58 18.54
CA ARG A 780 42.04 27.04 19.80
C ARG A 780 43.26 27.81 20.28
N VAL A 781 44.16 28.17 19.36
CA VAL A 781 45.38 28.88 19.70
C VAL A 781 45.41 30.29 19.16
N GLN A 782 44.38 30.72 18.42
CA GLN A 782 44.37 32.07 17.86
C GLN A 782 44.32 33.12 18.96
N THR A 783 43.48 32.91 19.97
CA THR A 783 43.40 33.86 21.07
C THR A 783 44.72 33.94 21.83
N THR A 784 45.35 32.79 22.08
CA THR A 784 46.64 32.78 22.76
C THR A 784 47.71 33.51 21.93
N THR A 785 47.71 33.29 20.62
CA THR A 785 48.68 33.97 19.76
C THR A 785 48.46 35.48 19.77
N MET A 786 47.20 35.91 19.69
CA MET A 786 46.91 37.34 19.73
C MET A 786 47.32 37.96 21.06
N CYS A 787 47.03 37.26 22.17
CA CYS A 787 47.42 37.76 23.48
C CYS A 787 48.93 37.86 23.60
N VAL A 788 49.65 36.85 23.11
CA VAL A 788 51.11 36.89 23.16
C VAL A 788 51.64 38.04 22.32
N SER A 789 51.06 38.26 21.13
CA SER A 789 51.51 39.34 20.26
C SER A 789 51.31 40.69 20.91
N VAL A 790 50.12 40.93 21.48
CA VAL A 790 49.85 42.24 22.07
C VAL A 790 50.68 42.45 23.32
N SER A 791 50.89 41.40 24.12
CA SER A 791 51.74 41.51 25.29
C SER A 791 53.18 41.81 24.90
N LEU A 792 53.68 41.14 23.85
CA LEU A 792 55.04 41.40 23.38
C LEU A 792 55.18 42.83 22.86
N SER A 793 54.18 43.31 22.13
CA SER A 793 54.22 44.69 21.64
C SER A 793 54.25 45.69 22.79
N GLY A 794 53.39 45.47 23.80
CA GLY A 794 53.38 46.36 24.95
C GLY A 794 54.69 46.33 25.72
N SER A 795 55.24 45.13 25.92
CA SER A 795 56.52 45.01 26.63
C SER A 795 57.64 45.68 25.86
N VAL A 796 57.65 45.53 24.53
CA VAL A 796 58.67 46.17 23.72
C VAL A 796 58.56 47.68 23.80
N VAL A 797 57.34 48.21 23.74
CA VAL A 797 57.13 49.65 23.85
C VAL A 797 57.61 50.15 25.21
N LEU A 798 57.25 49.44 26.28
CA LEU A 798 57.66 49.85 27.62
C LEU A 798 59.18 49.81 27.77
N GLY A 799 59.81 48.76 27.25
CA GLY A 799 61.26 48.66 27.34
C GLY A 799 61.97 49.74 26.55
N CYS A 800 61.46 50.05 25.35
CA CYS A 800 62.05 51.13 24.56
C CYS A 800 61.89 52.47 25.26
N LEU A 801 60.74 52.69 25.91
CA LEU A 801 60.53 53.95 26.63
C LEU A 801 61.44 54.04 27.85
N PHE A 802 61.64 52.93 28.56
CA PHE A 802 62.38 52.95 29.82
C PHE A 802 63.88 52.77 29.65
N ALA A 803 64.35 52.37 28.47
CA ALA A 803 65.79 52.18 28.28
C ALA A 803 66.61 53.46 28.48
N PRO A 804 66.27 54.61 27.88
CA PRO A 804 67.08 55.81 28.14
C PRO A 804 66.75 56.51 29.44
N LYS A 805 65.57 56.26 30.02
CA LYS A 805 65.20 56.93 31.27
C LYS A 805 66.13 56.51 32.40
N LEU A 806 66.46 55.22 32.49
CA LEU A 806 67.36 54.76 33.54
C LEU A 806 68.74 55.37 33.39
N HIS A 807 69.25 55.45 32.15
CA HIS A 807 70.55 56.06 31.93
C HIS A 807 70.54 57.55 32.27
N ILE A 808 69.46 58.23 31.93
CA ILE A 808 69.36 59.66 32.25
C ILE A 808 69.31 59.87 33.76
N ILE A 809 68.54 59.03 34.47
CA ILE A 809 68.44 59.16 35.92
C ILE A 809 69.79 58.86 36.58
N LEU A 810 70.48 57.82 36.12
CA LEU A 810 71.77 57.48 36.69
C LEU A 810 72.79 58.58 36.45
N PHE A 811 72.79 59.16 35.26
CA PHE A 811 73.73 60.23 34.92
C PHE A 811 73.33 61.55 35.60
N ARG B 39 -47.41 -38.29 -11.57
CA ARG B 39 -46.83 -39.37 -12.35
C ARG B 39 -46.86 -39.04 -13.84
N ARG B 40 -47.46 -37.91 -14.18
CA ARG B 40 -47.53 -37.48 -15.56
C ARG B 40 -46.14 -37.12 -16.09
N GLU B 41 -45.86 -37.55 -17.32
CA GLU B 41 -44.56 -37.31 -17.93
C GLU B 41 -44.67 -37.51 -19.44
N ILE B 42 -43.82 -36.83 -20.18
CA ILE B 42 -43.79 -36.91 -21.64
C ILE B 42 -42.55 -37.69 -22.04
N LYS B 43 -42.75 -38.76 -22.82
CA LYS B 43 -41.70 -39.68 -23.22
C LYS B 43 -41.74 -39.92 -24.73
N ILE B 44 -41.76 -38.85 -25.51
CA ILE B 44 -41.79 -38.97 -26.96
C ILE B 44 -40.48 -39.59 -27.42
N GLU B 45 -40.57 -40.76 -28.04
CA GLU B 45 -39.38 -41.51 -28.41
C GLU B 45 -38.67 -40.86 -29.61
N GLY B 46 -37.38 -41.14 -29.72
CA GLY B 46 -36.58 -40.62 -30.80
C GLY B 46 -35.17 -41.17 -30.72
N ASP B 47 -34.39 -40.87 -31.75
CA ASP B 47 -33.00 -41.32 -31.79
C ASP B 47 -32.19 -40.70 -30.66
N LEU B 48 -32.32 -39.39 -30.47
CA LEU B 48 -31.69 -38.68 -29.37
C LEU B 48 -32.79 -38.04 -28.51
N VAL B 49 -32.75 -38.29 -27.22
CA VAL B 49 -33.80 -37.85 -26.30
C VAL B 49 -33.27 -36.68 -25.49
N LEU B 50 -33.93 -35.53 -25.62
CA LEU B 50 -33.58 -34.33 -24.87
C LEU B 50 -34.46 -34.22 -23.64
N GLY B 51 -33.84 -33.99 -22.49
CA GLY B 51 -34.60 -33.85 -21.27
C GLY B 51 -35.39 -32.55 -21.23
N GLY B 52 -36.48 -32.57 -20.47
CA GLY B 52 -37.31 -31.40 -20.29
C GLY B 52 -37.71 -31.25 -18.85
N LEU B 53 -37.86 -30.00 -18.42
CA LEU B 53 -38.13 -29.71 -17.01
C LEU B 53 -38.81 -28.35 -16.94
N PHE B 54 -40.11 -28.34 -16.63
CA PHE B 54 -40.91 -27.13 -16.65
C PHE B 54 -41.76 -27.04 -15.38
N PRO B 55 -42.12 -25.83 -14.97
CA PRO B 55 -43.04 -25.67 -13.82
C PRO B 55 -44.51 -25.74 -14.23
N ILE B 56 -44.96 -26.94 -14.54
CA ILE B 56 -46.36 -27.13 -14.95
C ILE B 56 -47.30 -26.82 -13.80
N ASN B 57 -46.99 -27.31 -12.60
CA ASN B 57 -47.84 -27.16 -11.43
C ASN B 57 -47.20 -26.18 -10.45
N GLU B 58 -48.02 -25.26 -9.95
CA GLU B 58 -47.54 -24.34 -8.92
C GLU B 58 -47.31 -25.08 -7.61
N LYS B 59 -46.46 -24.52 -6.77
CA LYS B 59 -46.15 -25.14 -5.49
C LYS B 59 -47.37 -25.11 -4.58
N GLY B 60 -47.68 -26.25 -3.98
CA GLY B 60 -48.82 -26.33 -3.09
C GLY B 60 -48.52 -25.75 -1.72
N THR B 61 -49.30 -24.76 -1.31
CA THR B 61 -49.14 -24.14 0.00
C THR B 61 -50.03 -24.74 1.07
N GLY B 62 -50.85 -25.73 0.72
CA GLY B 62 -51.74 -26.35 1.69
C GLY B 62 -51.38 -27.78 2.00
N THR B 63 -52.30 -28.71 1.76
CA THR B 63 -52.10 -30.12 2.04
C THR B 63 -51.74 -30.92 0.80
N GLU B 64 -51.48 -30.26 -0.33
CA GLU B 64 -51.13 -30.91 -1.57
C GLU B 64 -49.75 -30.46 -2.02
N GLU B 65 -48.94 -31.41 -2.49
CA GLU B 65 -47.60 -31.08 -2.96
C GLU B 65 -47.64 -30.18 -4.19
N CYS B 66 -48.53 -30.48 -5.13
CA CYS B 66 -48.65 -29.72 -6.37
C CYS B 66 -49.98 -28.96 -6.35
N GLY B 67 -49.92 -27.68 -6.68
CA GLY B 67 -51.12 -26.89 -6.65
C GLY B 67 -51.86 -26.81 -7.96
N ARG B 68 -52.00 -25.62 -8.50
CA ARG B 68 -52.83 -25.39 -9.67
C ARG B 68 -51.98 -25.63 -10.91
N ILE B 69 -52.51 -25.29 -12.09
CA ILE B 69 -51.79 -25.44 -13.35
C ILE B 69 -51.28 -24.06 -13.76
N ASN B 70 -49.99 -23.96 -14.03
CA ASN B 70 -49.37 -22.69 -14.38
C ASN B 70 -49.64 -22.38 -15.85
N GLU B 71 -50.31 -21.26 -16.10
CA GLU B 71 -50.79 -20.96 -17.44
C GLU B 71 -49.65 -20.56 -18.37
N ASP B 72 -48.77 -19.66 -17.93
CA ASP B 72 -47.77 -19.05 -18.79
C ASP B 72 -46.42 -19.75 -18.72
N ARG B 73 -45.85 -19.86 -17.53
CA ARG B 73 -44.56 -20.51 -17.36
C ARG B 73 -44.67 -22.03 -17.39
N GLY B 74 -45.88 -22.58 -17.46
CA GLY B 74 -46.09 -24.01 -17.45
C GLY B 74 -46.38 -24.59 -18.81
N ILE B 75 -47.66 -24.77 -19.13
CA ILE B 75 -48.07 -25.46 -20.36
C ILE B 75 -47.51 -24.75 -21.58
N GLN B 76 -47.52 -23.40 -21.58
CA GLN B 76 -47.10 -22.67 -22.77
C GLN B 76 -45.63 -22.91 -23.09
N ARG B 77 -44.77 -22.95 -22.07
CA ARG B 77 -43.34 -23.14 -22.31
C ARG B 77 -43.04 -24.54 -22.82
N LEU B 78 -43.67 -25.57 -22.25
CA LEU B 78 -43.46 -26.91 -22.75
C LEU B 78 -44.03 -27.07 -24.15
N GLU B 79 -45.14 -26.40 -24.45
CA GLU B 79 -45.67 -26.42 -25.82
C GLU B 79 -44.70 -25.74 -26.78
N ALA B 80 -44.04 -24.66 -26.34
CA ALA B 80 -43.02 -24.03 -27.15
C ALA B 80 -41.85 -24.98 -27.41
N MET B 81 -41.43 -25.72 -26.38
CA MET B 81 -40.36 -26.69 -26.57
C MET B 81 -40.77 -27.79 -27.55
N LEU B 82 -42.00 -28.28 -27.43
CA LEU B 82 -42.50 -29.30 -28.35
C LEU B 82 -42.58 -28.77 -29.78
N PHE B 83 -43.01 -27.52 -29.93
CA PHE B 83 -43.05 -26.91 -31.26
C PHE B 83 -41.66 -26.78 -31.85
N ALA B 84 -40.68 -26.38 -31.04
CA ALA B 84 -39.30 -26.30 -31.51
C ALA B 84 -38.77 -27.67 -31.90
N ILE B 85 -39.10 -28.70 -31.11
CA ILE B 85 -38.67 -30.07 -31.43
C ILE B 85 -39.27 -30.52 -32.75
N ASP B 86 -40.57 -30.25 -32.96
CA ASP B 86 -41.22 -30.62 -34.21
C ASP B 86 -40.61 -29.88 -35.39
N GLU B 87 -40.29 -28.60 -35.22
CA GLU B 87 -39.65 -27.83 -36.29
C GLU B 87 -38.27 -28.41 -36.61
N ILE B 88 -37.51 -28.78 -35.58
CA ILE B 88 -36.19 -29.37 -35.80
C ILE B 88 -36.32 -30.70 -36.56
N ASN B 89 -37.27 -31.53 -36.15
CA ASN B 89 -37.47 -32.82 -36.81
C ASN B 89 -37.89 -32.63 -38.26
N LYS B 90 -38.78 -31.67 -38.53
CA LYS B 90 -39.22 -31.42 -39.89
C LYS B 90 -38.16 -30.71 -40.72
N ASP B 91 -37.20 -30.05 -40.08
CA ASP B 91 -36.16 -29.34 -40.81
C ASP B 91 -35.22 -30.33 -41.49
N ASP B 92 -34.89 -30.05 -42.75
CA ASP B 92 -34.00 -30.89 -43.53
C ASP B 92 -32.54 -30.45 -43.46
N TYR B 93 -32.25 -29.34 -42.77
CA TYR B 93 -30.88 -28.85 -42.62
C TYR B 93 -30.31 -29.06 -41.23
N LEU B 94 -31.14 -29.28 -40.23
CA LEU B 94 -30.70 -29.51 -38.85
C LEU B 94 -31.03 -30.95 -38.48
N LEU B 95 -30.00 -31.80 -38.40
CA LEU B 95 -30.12 -33.22 -38.10
C LEU B 95 -31.11 -33.88 -39.06
N PRO B 96 -30.77 -33.98 -40.35
CA PRO B 96 -31.72 -34.58 -41.31
C PRO B 96 -32.07 -36.03 -41.00
N GLY B 97 -31.12 -36.80 -40.47
CA GLY B 97 -31.35 -38.21 -40.21
C GLY B 97 -31.71 -38.51 -38.77
N VAL B 98 -31.04 -37.85 -37.83
CA VAL B 98 -31.28 -38.07 -36.41
C VAL B 98 -32.60 -37.41 -36.01
N LYS B 99 -33.45 -38.15 -35.32
CA LYS B 99 -34.73 -37.64 -34.83
C LYS B 99 -34.60 -37.36 -33.35
N LEU B 100 -35.04 -36.18 -32.94
CA LEU B 100 -34.88 -35.72 -31.55
C LEU B 100 -36.10 -36.16 -30.73
N GLY B 101 -35.83 -36.88 -29.63
CA GLY B 101 -36.88 -37.25 -28.71
C GLY B 101 -37.08 -36.23 -27.61
N VAL B 102 -38.14 -36.43 -26.83
CA VAL B 102 -38.54 -35.50 -25.77
C VAL B 102 -38.80 -36.29 -24.50
N HIS B 103 -38.12 -35.89 -23.42
CA HIS B 103 -38.37 -36.44 -22.08
C HIS B 103 -38.64 -35.26 -21.16
N ILE B 104 -39.92 -34.96 -20.93
CA ILE B 104 -40.34 -33.77 -20.20
C ILE B 104 -40.98 -34.20 -18.89
N LEU B 105 -40.54 -33.62 -17.79
CA LEU B 105 -41.08 -33.83 -16.45
C LEU B 105 -41.54 -32.49 -15.87
N ASP B 106 -42.00 -32.53 -14.63
CA ASP B 106 -42.54 -31.37 -13.94
C ASP B 106 -41.71 -31.08 -12.70
N THR B 107 -41.54 -29.79 -12.40
CA THR B 107 -40.83 -29.36 -11.21
C THR B 107 -41.74 -29.22 -9.99
N CYS B 108 -43.03 -28.94 -10.22
CA CYS B 108 -43.97 -28.59 -9.16
C CYS B 108 -43.53 -27.35 -8.39
N SER B 109 -42.68 -26.53 -9.01
CA SER B 109 -42.15 -25.30 -8.41
C SER B 109 -41.44 -25.58 -7.08
N ARG B 110 -40.80 -26.74 -6.97
CA ARG B 110 -40.08 -27.12 -5.77
C ARG B 110 -38.72 -27.71 -6.14
N ASP B 111 -37.73 -27.45 -5.30
CA ASP B 111 -36.38 -27.95 -5.58
C ASP B 111 -36.27 -29.44 -5.30
N THR B 112 -36.88 -29.92 -4.22
CA THR B 112 -36.82 -31.35 -3.91
C THR B 112 -37.56 -32.17 -4.96
N TYR B 113 -38.74 -31.71 -5.37
CA TYR B 113 -39.48 -32.42 -6.41
C TYR B 113 -38.72 -32.40 -7.72
N ALA B 114 -38.09 -31.28 -8.05
CA ALA B 114 -37.28 -31.20 -9.26
C ALA B 114 -36.10 -32.16 -9.20
N LEU B 115 -35.45 -32.28 -8.03
CA LEU B 115 -34.36 -33.23 -7.89
C LEU B 115 -34.85 -34.66 -8.06
N GLU B 116 -36.00 -34.99 -7.45
CA GLU B 116 -36.54 -36.34 -7.57
C GLU B 116 -36.88 -36.67 -9.02
N GLN B 117 -37.44 -35.70 -9.75
CA GLN B 117 -37.76 -35.94 -11.16
C GLN B 117 -36.50 -36.06 -12.00
N SER B 118 -35.53 -35.16 -11.81
CA SER B 118 -34.32 -35.19 -12.59
C SER B 118 -33.44 -36.40 -12.26
N LEU B 119 -33.71 -37.08 -11.15
CA LEU B 119 -33.05 -38.35 -10.91
C LEU B 119 -33.38 -39.39 -11.97
N GLU B 120 -34.48 -39.20 -12.71
CA GLU B 120 -34.79 -40.08 -13.83
C GLU B 120 -33.90 -39.81 -15.04
N PHE B 121 -33.28 -38.63 -15.10
CA PHE B 121 -32.40 -38.29 -16.22
C PHE B 121 -31.04 -38.97 -16.12
N VAL B 122 -30.65 -39.44 -14.93
CA VAL B 122 -29.33 -40.04 -14.76
C VAL B 122 -29.36 -41.57 -14.80
N ARG B 123 -30.53 -42.18 -14.87
CA ARG B 123 -30.63 -43.64 -14.94
C ARG B 123 -30.54 -44.13 -16.39
N ALA B 124 -29.55 -43.64 -17.11
CA ALA B 124 -29.31 -44.03 -18.50
C ALA B 124 -27.90 -44.52 -18.74
N SER B 125 -26.90 -43.94 -18.06
CA SER B 125 -25.52 -44.37 -18.19
C SER B 125 -24.96 -44.98 -16.90
N LEU B 126 -25.56 -44.69 -15.75
CA LEU B 126 -25.09 -45.23 -14.49
C LEU B 126 -25.94 -46.42 -14.05
N ILE B 147 -38.76 -48.81 -19.90
CA ILE B 147 -37.35 -48.86 -20.26
C ILE B 147 -36.73 -47.47 -20.10
N PRO B 148 -35.52 -47.42 -19.57
CA PRO B 148 -34.83 -46.13 -19.45
C PRO B 148 -34.50 -45.53 -20.81
N LEU B 149 -34.47 -44.20 -20.85
CA LEU B 149 -34.18 -43.45 -22.07
C LEU B 149 -32.86 -42.71 -21.90
N LEU B 150 -31.99 -42.81 -22.91
CA LEU B 150 -30.72 -42.13 -22.88
C LEU B 150 -30.92 -40.63 -23.12
N ILE B 151 -30.46 -39.80 -22.20
CA ILE B 151 -30.67 -38.36 -22.24
C ILE B 151 -29.40 -37.71 -22.76
N ALA B 152 -29.52 -36.97 -23.87
CA ALA B 152 -28.38 -36.22 -24.40
C ALA B 152 -28.19 -34.91 -23.65
N GLY B 153 -29.27 -34.18 -23.39
CA GLY B 153 -29.20 -32.94 -22.65
C GLY B 153 -30.54 -32.67 -22.00
N VAL B 154 -30.53 -31.71 -21.07
CA VAL B 154 -31.72 -31.35 -20.30
C VAL B 154 -32.01 -29.88 -20.55
N ILE B 155 -33.15 -29.60 -21.18
CA ILE B 155 -33.63 -28.23 -21.35
C ILE B 155 -34.58 -27.97 -20.18
N GLY B 156 -34.01 -27.53 -19.06
CA GLY B 156 -34.78 -27.32 -17.85
C GLY B 156 -34.33 -26.09 -17.12
N GLY B 157 -35.18 -25.63 -16.21
CA GLY B 157 -34.93 -24.41 -15.47
C GLY B 157 -36.19 -23.72 -15.00
N SER B 158 -36.33 -22.43 -15.36
CA SER B 158 -37.44 -21.56 -15.03
C SER B 158 -37.45 -21.14 -13.57
N TYR B 159 -36.52 -21.62 -12.75
CA TYR B 159 -36.43 -21.23 -11.35
C TYR B 159 -34.99 -21.36 -10.90
N SER B 160 -34.50 -20.35 -10.18
CA SER B 160 -33.09 -20.32 -9.79
C SER B 160 -32.74 -21.47 -8.86
N SER B 161 -33.59 -21.74 -7.86
CA SER B 161 -33.32 -22.84 -6.94
C SER B 161 -33.41 -24.19 -7.64
N VAL B 162 -34.42 -24.36 -8.49
CA VAL B 162 -34.57 -25.61 -9.24
C VAL B 162 -33.38 -25.81 -10.17
N SER B 163 -32.97 -24.75 -10.87
CA SER B 163 -31.82 -24.84 -11.75
C SER B 163 -30.55 -25.18 -10.99
N ILE B 164 -30.37 -24.56 -9.81
CA ILE B 164 -29.18 -24.82 -9.00
C ILE B 164 -29.14 -26.28 -8.56
N GLN B 165 -30.26 -26.79 -8.06
CA GLN B 165 -30.30 -28.18 -7.61
C GLN B 165 -30.07 -29.15 -8.76
N VAL B 166 -30.70 -28.88 -9.91
CA VAL B 166 -30.56 -29.78 -11.05
C VAL B 166 -29.13 -29.76 -11.58
N ALA B 167 -28.52 -28.57 -11.64
CA ALA B 167 -27.12 -28.49 -12.06
C ALA B 167 -26.20 -29.22 -11.09
N ASN B 168 -26.46 -29.09 -9.78
CA ASN B 168 -25.65 -29.79 -8.80
C ASN B 168 -25.76 -31.30 -8.98
N LEU B 169 -26.97 -31.80 -9.26
CA LEU B 169 -27.13 -33.24 -9.45
C LEU B 169 -26.53 -33.71 -10.78
N LEU B 170 -26.64 -32.90 -11.83
CA LEU B 170 -26.25 -33.33 -13.17
C LEU B 170 -24.77 -33.12 -13.47
N ARG B 171 -24.07 -32.29 -12.68
CA ARG B 171 -22.64 -32.12 -12.91
C ARG B 171 -21.86 -33.38 -12.54
N LEU B 172 -22.40 -34.20 -11.64
CA LEU B 172 -21.71 -35.43 -11.26
C LEU B 172 -21.73 -36.46 -12.40
N PHE B 173 -22.83 -36.54 -13.12
CA PHE B 173 -23.01 -37.53 -14.18
C PHE B 173 -22.70 -36.98 -15.57
N GLN B 174 -22.22 -35.74 -15.66
CA GLN B 174 -21.79 -35.13 -16.92
C GLN B 174 -22.94 -35.09 -17.93
N ILE B 175 -24.01 -34.40 -17.55
CA ILE B 175 -25.18 -34.19 -18.40
C ILE B 175 -25.31 -32.70 -18.65
N PRO B 176 -25.15 -32.22 -19.89
CA PRO B 176 -25.31 -30.79 -20.15
C PRO B 176 -26.72 -30.32 -19.85
N GLN B 177 -26.82 -29.08 -19.36
CA GLN B 177 -28.10 -28.48 -19.02
C GLN B 177 -28.15 -27.06 -19.55
N ILE B 178 -29.26 -26.72 -20.20
CA ILE B 178 -29.50 -25.37 -20.72
C ILE B 178 -30.80 -24.86 -20.11
N SER B 179 -30.72 -23.68 -19.50
CA SER B 179 -31.88 -23.04 -18.89
C SER B 179 -32.39 -21.91 -19.78
N TYR B 180 -33.71 -21.67 -19.71
CA TYR B 180 -34.37 -20.68 -20.53
C TYR B 180 -34.87 -19.47 -19.75
N ALA B 181 -34.91 -19.56 -18.41
CA ALA B 181 -35.41 -18.44 -17.61
C ALA B 181 -34.58 -18.15 -16.37
N SER B 182 -33.66 -19.01 -15.97
CA SER B 182 -32.90 -18.78 -14.75
C SER B 182 -31.86 -17.68 -14.98
N THR B 183 -31.95 -16.61 -14.19
CA THR B 183 -31.04 -15.48 -14.30
C THR B 183 -30.23 -15.25 -13.03
N SER B 184 -30.12 -16.27 -12.18
CA SER B 184 -29.38 -16.11 -10.94
C SER B 184 -27.90 -15.92 -11.20
N ALA B 185 -27.29 -15.00 -10.44
CA ALA B 185 -25.85 -14.78 -10.55
C ALA B 185 -25.04 -15.89 -9.91
N LYS B 186 -25.68 -16.70 -9.06
CA LYS B 186 -24.97 -17.78 -8.39
C LYS B 186 -24.61 -18.92 -9.34
N LEU B 187 -25.24 -18.98 -10.50
CA LEU B 187 -24.98 -20.04 -11.47
C LEU B 187 -23.87 -19.68 -12.45
N SER B 188 -23.25 -18.51 -12.31
CA SER B 188 -22.25 -18.06 -13.27
C SER B 188 -20.86 -18.65 -13.02
N ASP B 189 -20.62 -19.26 -11.87
CA ASP B 189 -19.31 -19.82 -11.56
C ASP B 189 -19.25 -21.28 -11.99
N LYS B 190 -18.17 -21.64 -12.68
CA LYS B 190 -18.00 -23.00 -13.18
C LYS B 190 -17.34 -23.92 -12.15
N SER B 191 -16.96 -23.40 -10.99
CA SER B 191 -16.41 -24.26 -9.94
C SER B 191 -17.49 -25.14 -9.33
N ARG B 192 -18.72 -24.64 -9.24
CA ARG B 192 -19.83 -25.38 -8.67
C ARG B 192 -20.83 -25.88 -9.71
N TYR B 193 -20.93 -25.21 -10.86
CA TYR B 193 -21.83 -25.63 -11.94
C TYR B 193 -21.03 -25.54 -13.24
N ASP B 194 -20.35 -26.63 -13.59
CA ASP B 194 -19.49 -26.67 -14.76
C ASP B 194 -20.16 -27.28 -15.97
N TYR B 195 -21.46 -27.62 -15.89
CA TYR B 195 -22.20 -28.16 -17.02
C TYR B 195 -23.52 -27.43 -17.19
N PHE B 196 -23.57 -26.14 -16.88
CA PHE B 196 -24.79 -25.35 -16.93
C PHE B 196 -24.59 -24.19 -17.89
N ALA B 197 -25.59 -23.95 -18.74
CA ALA B 197 -25.59 -22.82 -19.64
C ALA B 197 -27.00 -22.24 -19.67
N ARG B 198 -27.12 -21.00 -20.11
CA ARG B 198 -28.42 -20.35 -20.18
C ARG B 198 -28.46 -19.40 -21.37
N THR B 199 -29.63 -19.32 -22.00
CA THR B 199 -29.85 -18.39 -23.11
C THR B 199 -30.24 -17.00 -22.65
N VAL B 200 -30.50 -16.82 -21.35
CA VAL B 200 -30.87 -15.51 -20.81
C VAL B 200 -29.65 -14.92 -20.09
N PRO B 201 -29.46 -13.60 -20.13
CA PRO B 201 -28.34 -13.01 -19.40
C PRO B 201 -28.58 -13.11 -17.89
N PRO B 202 -27.50 -13.17 -17.11
CA PRO B 202 -27.67 -13.19 -15.65
C PRO B 202 -28.15 -11.84 -15.13
N ASP B 203 -28.56 -11.86 -13.86
CA ASP B 203 -29.18 -10.67 -13.27
C ASP B 203 -28.20 -9.51 -13.18
N PHE B 204 -26.95 -9.78 -12.77
CA PHE B 204 -26.00 -8.69 -12.55
C PHE B 204 -25.67 -7.94 -13.83
N TYR B 205 -25.98 -8.51 -15.01
CA TYR B 205 -25.81 -7.77 -16.25
C TYR B 205 -26.62 -6.49 -16.23
N GLN B 206 -27.82 -6.54 -15.64
CA GLN B 206 -28.63 -5.34 -15.50
C GLN B 206 -27.93 -4.29 -14.65
N ALA B 207 -27.09 -4.73 -13.70
CA ALA B 207 -26.29 -3.79 -12.93
C ALA B 207 -25.40 -2.95 -13.85
N LYS B 208 -24.88 -3.56 -14.92
CA LYS B 208 -24.13 -2.82 -15.92
C LYS B 208 -25.02 -2.12 -16.94
N ALA B 209 -26.31 -2.48 -17.01
CA ALA B 209 -27.17 -1.93 -18.05
C ALA B 209 -27.55 -0.49 -17.74
N MET B 210 -27.86 -0.18 -16.48
CA MET B 210 -28.32 1.15 -16.10
C MET B 210 -27.30 1.98 -15.35
N ALA B 211 -26.26 1.36 -14.79
CA ALA B 211 -25.21 2.14 -14.14
C ALA B 211 -24.54 3.07 -15.15
N GLU B 212 -24.26 2.56 -16.36
CA GLU B 212 -23.76 3.41 -17.42
C GLU B 212 -24.76 4.51 -17.77
N ILE B 213 -26.05 4.23 -17.60
CA ILE B 213 -27.06 5.28 -17.76
C ILE B 213 -26.78 6.42 -16.78
N LEU B 214 -26.41 6.08 -15.56
CA LEU B 214 -26.00 7.10 -14.60
C LEU B 214 -24.82 7.91 -15.13
N ARG B 215 -23.90 7.24 -15.83
CA ARG B 215 -22.80 7.96 -16.47
C ARG B 215 -23.27 8.73 -17.69
N PHE B 216 -24.31 8.25 -18.37
CA PHE B 216 -24.79 8.92 -19.57
C PHE B 216 -25.42 10.27 -19.24
N PHE B 217 -26.19 10.33 -18.16
CA PHE B 217 -26.86 11.56 -17.75
C PHE B 217 -26.11 12.28 -16.64
N ASN B 218 -24.88 11.86 -16.33
CA ASN B 218 -24.05 12.47 -15.30
C ASN B 218 -24.76 12.46 -13.94
N TRP B 219 -25.10 11.25 -13.51
CA TRP B 219 -25.72 11.02 -12.20
C TRP B 219 -24.69 10.36 -11.32
N THR B 220 -23.84 11.18 -10.69
CA THR B 220 -22.75 10.65 -9.85
C THR B 220 -23.16 10.39 -8.42
N TYR B 221 -24.33 10.87 -8.00
CA TYR B 221 -24.81 10.71 -6.62
C TYR B 221 -26.17 10.02 -6.68
N VAL B 222 -26.23 8.78 -6.22
CA VAL B 222 -27.43 7.95 -6.32
C VAL B 222 -27.74 7.36 -4.95
N SER B 223 -29.00 6.98 -4.77
CA SER B 223 -29.44 6.28 -3.57
C SER B 223 -30.07 4.95 -3.98
N THR B 224 -29.66 3.87 -3.34
CA THR B 224 -30.06 2.52 -3.73
C THR B 224 -31.08 1.96 -2.76
N VAL B 225 -32.13 1.35 -3.31
CA VAL B 225 -33.17 0.69 -2.53
C VAL B 225 -33.40 -0.69 -3.13
N ALA B 226 -33.46 -1.70 -2.27
CA ALA B 226 -33.58 -3.08 -2.75
C ALA B 226 -34.40 -3.91 -1.79
N SER B 227 -34.86 -5.04 -2.29
CA SER B 227 -35.59 -6.03 -1.50
C SER B 227 -34.65 -7.17 -1.13
N GLU B 228 -34.66 -7.57 0.14
CA GLU B 228 -33.75 -8.59 0.60
C GLU B 228 -34.14 -9.96 0.04
N GLY B 229 -33.16 -10.85 -0.01
CA GLY B 229 -33.38 -12.18 -0.55
C GLY B 229 -32.25 -12.62 -1.46
N ASP B 230 -32.58 -12.95 -2.71
CA ASP B 230 -31.59 -13.36 -3.69
C ASP B 230 -31.55 -12.49 -4.92
N TYR B 231 -32.67 -11.86 -5.30
CA TYR B 231 -32.68 -11.03 -6.50
C TYR B 231 -31.94 -9.73 -6.28
N GLY B 232 -32.39 -8.92 -5.32
CA GLY B 232 -31.75 -7.64 -5.06
C GLY B 232 -30.45 -7.72 -4.31
N GLU B 233 -30.22 -8.80 -3.56
CA GLU B 233 -29.02 -8.91 -2.74
C GLU B 233 -27.76 -8.82 -3.58
N THR B 234 -27.56 -9.79 -4.49
CA THR B 234 -26.38 -9.76 -5.35
C THR B 234 -26.40 -8.56 -6.29
N GLY B 235 -27.60 -8.11 -6.66
CA GLY B 235 -27.69 -6.94 -7.53
C GLY B 235 -27.10 -5.70 -6.90
N ILE B 236 -27.28 -5.53 -5.59
CA ILE B 236 -26.72 -4.36 -4.91
C ILE B 236 -25.20 -4.38 -4.97
N GLU B 237 -24.59 -5.53 -4.68
CA GLU B 237 -23.12 -5.59 -4.73
C GLU B 237 -22.63 -5.38 -6.15
N ALA B 238 -23.30 -5.97 -7.14
CA ALA B 238 -22.87 -5.79 -8.53
C ALA B 238 -22.97 -4.32 -8.94
N PHE B 239 -24.08 -3.67 -8.61
CA PHE B 239 -24.27 -2.27 -8.97
C PHE B 239 -23.28 -1.37 -8.24
N GLU B 240 -22.99 -1.68 -6.97
CA GLU B 240 -22.00 -0.89 -6.23
C GLU B 240 -20.62 -1.03 -6.84
N GLN B 241 -20.25 -2.25 -7.25
CA GLN B 241 -18.96 -2.45 -7.91
C GLN B 241 -18.90 -1.69 -9.23
N GLU B 242 -19.98 -1.74 -10.01
CA GLU B 242 -20.00 -1.01 -11.28
C GLU B 242 -19.91 0.50 -11.06
N ALA B 243 -20.62 1.00 -10.06
CA ALA B 243 -20.56 2.44 -9.76
C ALA B 243 -19.18 2.86 -9.30
N ARG B 244 -18.55 2.04 -8.45
CA ARG B 244 -17.18 2.34 -8.02
C ARG B 244 -16.21 2.33 -9.19
N LEU B 245 -16.38 1.38 -10.10
CA LEU B 245 -15.57 1.37 -11.32
C LEU B 245 -15.88 2.55 -12.23
N ARG B 246 -17.05 3.17 -12.08
CA ARG B 246 -17.44 4.31 -12.90
C ARG B 246 -17.43 5.62 -12.12
N ASN B 247 -16.73 5.67 -10.98
CA ASN B 247 -16.59 6.87 -10.16
C ASN B 247 -17.94 7.42 -9.74
N ILE B 248 -18.81 6.53 -9.25
CA ILE B 248 -20.12 6.90 -8.73
C ILE B 248 -20.22 6.40 -7.30
N CYS B 249 -20.58 7.30 -6.39
CA CYS B 249 -20.67 6.98 -4.97
C CYS B 249 -22.12 6.75 -4.56
N ILE B 250 -22.29 5.87 -3.57
CA ILE B 250 -23.61 5.48 -3.09
C ILE B 250 -23.95 6.31 -1.86
N ALA B 251 -25.12 6.95 -1.88
CA ALA B 251 -25.55 7.77 -0.75
C ALA B 251 -26.18 6.91 0.34
N THR B 252 -27.27 6.22 0.02
CA THR B 252 -27.98 5.39 0.98
C THR B 252 -28.14 3.98 0.42
N ALA B 253 -28.32 3.02 1.31
CA ALA B 253 -28.52 1.62 0.94
C ALA B 253 -29.54 1.02 1.90
N GLU B 254 -30.80 0.98 1.47
CA GLU B 254 -31.88 0.44 2.28
C GLU B 254 -32.13 -1.02 1.90
N LYS B 255 -33.05 -1.65 2.63
CA LYS B 255 -33.39 -3.05 2.40
C LYS B 255 -34.87 -3.24 2.65
N VAL B 256 -35.60 -3.60 1.61
CA VAL B 256 -37.04 -3.84 1.68
C VAL B 256 -37.30 -5.30 1.94
N GLY B 257 -38.35 -5.58 2.72
CA GLY B 257 -38.71 -6.95 3.05
C GLY B 257 -40.17 -7.26 2.75
N ARG B 258 -40.42 -8.54 2.49
CA ARG B 258 -41.79 -8.99 2.23
C ARG B 258 -42.65 -8.91 3.48
N SER B 259 -42.05 -9.09 4.66
CA SER B 259 -42.80 -9.07 5.91
C SER B 259 -43.01 -7.67 6.46
N ASN B 260 -42.42 -6.65 5.85
CA ASN B 260 -42.54 -5.29 6.35
C ASN B 260 -43.95 -4.74 6.07
N ILE B 261 -44.27 -3.66 6.76
CA ILE B 261 -45.58 -3.01 6.64
C ILE B 261 -45.39 -1.57 6.21
N ARG B 262 -46.50 -0.84 6.05
CA ARG B 262 -46.43 0.53 5.54
C ARG B 262 -45.62 1.44 6.43
N LYS B 263 -45.56 1.16 7.73
CA LYS B 263 -44.80 2.00 8.64
C LYS B 263 -43.32 2.00 8.29
N SER B 264 -42.76 0.81 8.05
CA SER B 264 -41.36 0.75 7.65
C SER B 264 -41.17 1.24 6.22
N TYR B 265 -42.13 1.03 5.31
CA TYR B 265 -41.96 1.63 4.00
C TYR B 265 -41.87 3.14 4.11
N ASP B 266 -42.85 3.76 4.78
CA ASP B 266 -42.81 5.21 4.94
C ASP B 266 -41.47 5.66 5.53
N SER B 267 -40.88 4.83 6.40
CA SER B 267 -39.57 5.17 6.96
C SER B 267 -38.50 5.21 5.88
N VAL B 268 -38.52 4.25 4.94
CA VAL B 268 -37.55 4.26 3.85
C VAL B 268 -37.69 5.52 3.01
N ILE B 269 -38.93 5.90 2.71
CA ILE B 269 -39.17 7.13 1.95
C ILE B 269 -38.72 8.34 2.74
N ARG B 270 -39.02 8.37 4.04
CA ARG B 270 -38.62 9.50 4.87
C ARG B 270 -37.10 9.63 4.94
N GLU B 271 -36.40 8.49 5.06
CA GLU B 271 -34.94 8.52 5.00
C GLU B 271 -34.45 9.02 3.65
N LEU B 272 -35.14 8.65 2.58
CA LEU B 272 -34.77 9.11 1.25
C LEU B 272 -35.02 10.61 1.08
N LEU B 273 -36.13 11.11 1.65
CA LEU B 273 -36.47 12.52 1.47
C LEU B 273 -35.50 13.43 2.19
N GLN B 274 -35.02 13.03 3.37
CA GLN B 274 -34.14 13.90 4.13
C GLN B 274 -32.71 13.80 3.63
N LYS B 275 -32.54 13.94 2.32
CA LYS B 275 -31.26 13.96 1.63
C LYS B 275 -31.46 14.58 0.25
N PRO B 276 -31.58 15.91 0.17
CA PRO B 276 -31.97 16.54 -1.11
C PRO B 276 -30.99 16.30 -2.25
N ASN B 277 -29.72 16.03 -1.95
CA ASN B 277 -28.74 15.86 -3.02
C ASN B 277 -29.06 14.64 -3.88
N ALA B 278 -29.48 13.53 -3.25
CA ALA B 278 -29.77 12.29 -3.97
C ALA B 278 -31.21 12.36 -4.47
N ARG B 279 -31.39 12.70 -5.74
CA ARG B 279 -32.70 12.76 -6.37
C ARG B 279 -32.97 11.57 -7.28
N VAL B 280 -32.06 10.59 -7.32
CA VAL B 280 -32.21 9.41 -8.16
C VAL B 280 -32.09 8.17 -7.29
N VAL B 281 -33.05 7.25 -7.44
CA VAL B 281 -33.11 6.04 -6.64
C VAL B 281 -33.01 4.85 -7.58
N VAL B 282 -32.04 3.98 -7.32
CA VAL B 282 -31.82 2.76 -8.09
C VAL B 282 -32.53 1.62 -7.37
N LEU B 283 -33.46 0.97 -8.05
CA LEU B 283 -34.33 -0.03 -7.46
C LEU B 283 -33.89 -1.43 -7.86
N PHE B 284 -33.76 -2.31 -6.85
CA PHE B 284 -33.61 -3.76 -7.08
C PHE B 284 -34.67 -4.44 -6.23
N MET B 285 -35.89 -4.55 -6.77
CA MET B 285 -37.01 -5.08 -6.00
C MET B 285 -37.91 -5.90 -6.91
N ARG B 286 -38.73 -6.73 -6.28
CA ARG B 286 -39.72 -7.53 -6.99
C ARG B 286 -40.89 -6.65 -7.41
N SER B 287 -41.85 -7.25 -8.12
CA SER B 287 -42.97 -6.49 -8.65
C SER B 287 -43.84 -5.93 -7.53
N ASP B 288 -44.21 -6.78 -6.57
CA ASP B 288 -45.10 -6.35 -5.49
C ASP B 288 -44.44 -5.28 -4.62
N ASP B 289 -43.15 -5.47 -4.29
CA ASP B 289 -42.46 -4.49 -3.47
C ASP B 289 -42.37 -3.13 -4.15
N SER B 290 -42.04 -3.12 -5.45
CA SER B 290 -41.95 -1.86 -6.18
C SER B 290 -43.32 -1.19 -6.29
N ARG B 291 -44.37 -1.98 -6.59
CA ARG B 291 -45.71 -1.41 -6.68
C ARG B 291 -46.12 -0.77 -5.36
N GLU B 292 -45.94 -1.50 -4.25
CA GLU B 292 -46.35 -0.99 -2.96
C GLU B 292 -45.50 0.21 -2.54
N LEU B 293 -44.22 0.23 -2.90
CA LEU B 293 -43.37 1.37 -2.58
C LEU B 293 -43.81 2.60 -3.35
N ILE B 294 -44.19 2.43 -4.62
CA ILE B 294 -44.73 3.55 -5.39
C ILE B 294 -46.03 4.04 -4.76
N ALA B 295 -46.89 3.12 -4.34
CA ALA B 295 -48.13 3.49 -3.67
C ALA B 295 -47.87 4.25 -2.37
N ALA B 296 -46.88 3.81 -1.60
CA ALA B 296 -46.55 4.47 -0.34
C ALA B 296 -45.95 5.86 -0.57
N ALA B 297 -45.08 5.99 -1.58
CA ALA B 297 -44.53 7.29 -1.94
C ALA B 297 -45.62 8.22 -2.46
N SER B 298 -46.72 7.68 -2.98
CA SER B 298 -47.84 8.52 -3.37
C SER B 298 -48.39 9.31 -2.19
N ARG B 299 -48.53 8.67 -1.03
CA ARG B 299 -49.04 9.36 0.16
C ARG B 299 -48.06 10.43 0.63
N ALA B 300 -46.76 10.14 0.59
CA ALA B 300 -45.75 11.06 1.09
C ALA B 300 -45.52 12.24 0.16
N ASN B 301 -46.12 12.26 -1.02
CA ASN B 301 -45.93 13.32 -2.01
C ASN B 301 -44.46 13.48 -2.37
N ALA B 302 -43.80 12.34 -2.61
CA ALA B 302 -42.38 12.30 -2.93
C ALA B 302 -42.18 12.15 -4.43
N SER B 303 -41.32 12.99 -4.99
CA SER B 303 -40.98 12.95 -6.41
C SER B 303 -39.53 12.52 -6.56
N PHE B 304 -39.29 11.47 -7.33
CA PHE B 304 -37.96 10.94 -7.55
C PHE B 304 -37.81 10.56 -9.02
N THR B 305 -36.60 10.12 -9.38
CA THR B 305 -36.30 9.61 -10.71
C THR B 305 -35.86 8.17 -10.54
N TRP B 306 -36.83 7.26 -10.52
CA TRP B 306 -36.54 5.86 -10.26
C TRP B 306 -35.83 5.21 -11.44
N VAL B 307 -34.78 4.46 -11.14
CA VAL B 307 -34.07 3.65 -12.13
C VAL B 307 -34.19 2.21 -11.66
N ALA B 308 -35.15 1.48 -12.20
CA ALA B 308 -35.52 0.16 -11.70
C ALA B 308 -35.05 -0.94 -12.63
N SER B 309 -34.95 -2.14 -12.07
CA SER B 309 -34.52 -3.33 -12.80
C SER B 309 -35.75 -4.04 -13.38
N ASP B 310 -35.57 -5.29 -13.80
CA ASP B 310 -36.67 -6.04 -14.43
C ASP B 310 -37.84 -6.28 -13.49
N GLY B 311 -37.65 -6.09 -12.18
CA GLY B 311 -38.76 -6.24 -11.26
C GLY B 311 -39.90 -5.28 -11.57
N TRP B 312 -39.58 -4.06 -11.98
CA TRP B 312 -40.58 -3.14 -12.48
C TRP B 312 -40.91 -3.44 -13.94
N GLY B 313 -39.91 -3.34 -14.82
CA GLY B 313 -40.13 -3.62 -16.23
C GLY B 313 -41.14 -2.68 -16.85
N ALA B 314 -42.03 -3.25 -17.65
CA ALA B 314 -43.10 -2.51 -18.31
C ALA B 314 -44.47 -3.06 -17.89
N GLN B 315 -44.61 -3.39 -16.62
CA GLN B 315 -45.86 -3.93 -16.10
C GLN B 315 -46.76 -2.81 -15.61
N GLU B 316 -48.03 -2.86 -15.99
CA GLU B 316 -49.00 -1.85 -15.57
C GLU B 316 -49.47 -2.05 -14.13
N SER B 317 -49.18 -3.19 -13.51
CA SER B 317 -49.58 -3.41 -12.13
C SER B 317 -48.71 -2.64 -11.15
N ILE B 318 -47.49 -2.25 -11.55
CA ILE B 318 -46.59 -1.56 -10.63
C ILE B 318 -47.11 -0.17 -10.30
N ILE B 319 -47.55 0.58 -11.31
CA ILE B 319 -48.01 1.94 -11.09
C ILE B 319 -49.28 1.95 -10.23
N LYS B 320 -50.22 1.05 -10.52
CA LYS B 320 -51.49 0.94 -9.81
C LYS B 320 -52.18 2.30 -9.87
N GLY B 321 -52.65 2.85 -8.75
CA GLY B 321 -53.29 4.15 -8.75
C GLY B 321 -52.37 5.25 -8.25
N SER B 322 -51.09 5.15 -8.59
CA SER B 322 -50.07 6.09 -8.17
C SER B 322 -49.20 6.47 -9.37
N GLU B 323 -49.85 6.81 -10.47
CA GLU B 323 -49.15 7.14 -11.70
C GLU B 323 -48.48 8.50 -11.64
N HIS B 324 -48.87 9.36 -10.70
CA HIS B 324 -48.29 10.70 -10.63
C HIS B 324 -46.97 10.74 -9.87
N VAL B 325 -46.59 9.66 -9.18
CA VAL B 325 -45.31 9.59 -8.49
C VAL B 325 -44.32 8.67 -9.17
N ALA B 326 -44.76 7.90 -10.18
CA ALA B 326 -43.88 6.96 -10.91
C ALA B 326 -43.34 7.54 -12.21
N TYR B 327 -43.88 8.69 -12.63
CA TYR B 327 -43.55 9.30 -13.90
C TYR B 327 -42.06 9.66 -14.01
N GLY B 328 -41.54 9.53 -15.21
CA GLY B 328 -40.12 9.78 -15.45
C GLY B 328 -39.23 8.62 -15.08
N ALA B 329 -39.82 7.54 -14.54
CA ALA B 329 -39.08 6.37 -14.14
C ALA B 329 -38.41 5.71 -15.34
N ILE B 330 -37.21 5.19 -15.11
CA ILE B 330 -36.46 4.47 -16.12
C ILE B 330 -36.40 3.01 -15.67
N THR B 331 -36.85 2.12 -16.54
CA THR B 331 -36.91 0.70 -16.22
C THR B 331 -36.22 -0.12 -17.31
N LEU B 332 -35.75 -1.30 -16.93
CA LEU B 332 -35.10 -2.22 -17.85
C LEU B 332 -35.97 -3.46 -18.03
N GLU B 333 -36.14 -3.88 -19.27
CA GLU B 333 -36.91 -5.07 -19.59
C GLU B 333 -36.11 -5.97 -20.49
N LEU B 334 -36.15 -7.28 -20.22
CA LEU B 334 -35.46 -8.25 -21.05
C LEU B 334 -36.08 -8.27 -22.43
N ALA B 335 -35.27 -8.04 -23.46
CA ALA B 335 -35.77 -7.99 -24.83
C ALA B 335 -36.19 -9.39 -25.29
N SER B 336 -37.37 -9.48 -25.89
CA SER B 336 -37.90 -10.77 -26.32
C SER B 336 -38.90 -10.53 -27.44
N GLN B 337 -38.53 -10.88 -28.68
CA GLN B 337 -39.43 -10.73 -29.80
C GLN B 337 -40.47 -11.86 -29.80
N PRO B 338 -41.69 -11.57 -30.25
CA PRO B 338 -42.70 -12.64 -30.34
C PRO B 338 -42.41 -13.59 -31.49
N VAL B 339 -42.86 -14.83 -31.31
CA VAL B 339 -42.73 -15.87 -32.33
C VAL B 339 -44.07 -16.01 -33.03
N ARG B 340 -44.10 -15.69 -34.33
CA ARG B 340 -45.36 -15.73 -35.07
C ARG B 340 -45.88 -17.15 -35.23
N GLN B 341 -44.99 -18.11 -35.52
CA GLN B 341 -45.42 -19.49 -35.73
C GLN B 341 -45.93 -20.12 -34.45
N PHE B 342 -45.35 -19.77 -33.30
CA PHE B 342 -45.79 -20.36 -32.03
C PHE B 342 -47.22 -19.97 -31.70
N ASP B 343 -47.62 -18.73 -32.03
CA ASP B 343 -48.99 -18.31 -31.77
C ASP B 343 -49.98 -19.18 -32.56
N ARG B 344 -49.69 -19.41 -33.84
CA ARG B 344 -50.55 -20.26 -34.65
C ARG B 344 -50.55 -21.69 -34.15
N TYR B 345 -49.39 -22.19 -33.73
CA TYR B 345 -49.32 -23.56 -33.23
C TYR B 345 -50.12 -23.73 -31.94
N PHE B 346 -50.01 -22.77 -31.02
CA PHE B 346 -50.67 -22.89 -29.72
C PHE B 346 -52.17 -22.61 -29.80
N GLN B 347 -52.57 -21.66 -30.65
CA GLN B 347 -53.99 -21.31 -30.73
C GLN B 347 -54.81 -22.48 -31.26
N SER B 348 -54.29 -23.19 -32.27
CA SER B 348 -55.00 -24.33 -32.86
C SER B 348 -54.66 -25.62 -32.12
N LEU B 349 -55.00 -25.63 -30.83
CA LEU B 349 -54.76 -26.79 -29.97
C LEU B 349 -56.04 -27.10 -29.20
N ASN B 350 -56.46 -28.37 -29.26
CA ASN B 350 -57.61 -28.86 -28.51
C ASN B 350 -57.26 -30.17 -27.84
N PRO B 351 -57.93 -30.51 -26.71
CA PRO B 351 -57.62 -31.74 -25.98
C PRO B 351 -58.22 -33.00 -26.60
N TYR B 352 -58.09 -33.11 -27.91
CA TYR B 352 -58.55 -34.29 -28.64
C TYR B 352 -57.47 -34.89 -29.53
N ASN B 353 -56.62 -34.05 -30.15
CA ASN B 353 -55.49 -34.52 -30.93
C ASN B 353 -54.17 -34.38 -30.21
N ASN B 354 -54.08 -33.51 -29.20
CA ASN B 354 -52.86 -33.32 -28.44
C ASN B 354 -52.82 -34.34 -27.29
N HIS B 355 -52.68 -35.61 -27.68
CA HIS B 355 -52.62 -36.71 -26.73
C HIS B 355 -51.24 -36.90 -26.13
N ARG B 356 -50.23 -36.20 -26.62
CA ARG B 356 -48.87 -36.29 -26.11
C ARG B 356 -48.63 -35.39 -24.91
N ASN B 357 -49.63 -34.61 -24.50
CA ASN B 357 -49.51 -33.70 -23.36
C ASN B 357 -50.43 -34.17 -22.24
N PRO B 358 -49.92 -34.88 -21.23
CA PRO B 358 -50.80 -35.33 -20.13
C PRO B 358 -51.47 -34.20 -19.38
N TRP B 359 -50.81 -33.06 -19.23
CA TRP B 359 -51.34 -31.93 -18.48
C TRP B 359 -52.24 -31.04 -19.31
N PHE B 360 -52.43 -31.33 -20.60
CA PHE B 360 -53.22 -30.45 -21.45
C PHE B 360 -54.69 -30.44 -21.04
N ARG B 361 -55.22 -31.59 -20.60
CA ARG B 361 -56.60 -31.64 -20.15
C ARG B 361 -56.80 -30.78 -18.91
N ASP B 362 -55.86 -30.83 -17.97
CA ASP B 362 -55.95 -29.98 -16.78
C ASP B 362 -55.88 -28.51 -17.16
N PHE B 363 -55.02 -28.16 -18.12
CA PHE B 363 -54.95 -26.78 -18.60
C PHE B 363 -56.27 -26.37 -19.23
N TRP B 364 -56.91 -27.27 -19.98
CA TRP B 364 -58.21 -26.98 -20.56
C TRP B 364 -59.26 -26.77 -19.47
N GLU B 365 -59.16 -27.52 -18.37
CA GLU B 365 -60.08 -27.38 -17.25
C GLU B 365 -59.75 -26.20 -16.35
N GLN B 366 -58.61 -25.55 -16.55
CA GLN B 366 -58.19 -24.41 -15.74
C GLN B 366 -58.41 -23.08 -16.45
N LYS B 367 -57.97 -22.97 -17.71
CA LYS B 367 -58.21 -21.74 -18.46
C LYS B 367 -59.70 -21.51 -18.67
N PHE B 368 -60.44 -22.58 -18.98
CA PHE B 368 -61.89 -22.53 -19.12
C PHE B 368 -62.52 -23.53 -18.15
N GLN B 369 -63.65 -23.15 -17.58
CA GLN B 369 -64.35 -24.01 -16.63
C GLN B 369 -64.98 -25.17 -17.41
N CYS B 370 -64.32 -26.33 -17.40
CA CYS B 370 -64.75 -27.48 -18.16
C CYS B 370 -64.74 -28.73 -17.29
N SER B 371 -65.66 -29.65 -17.62
CA SER B 371 -65.70 -30.95 -16.96
C SER B 371 -65.98 -32.08 -17.96
N LEU B 372 -65.69 -31.88 -19.24
CA LEU B 372 -66.00 -32.89 -20.23
C LEU B 372 -65.10 -34.11 -20.11
N GLN B 373 -63.86 -33.92 -19.64
CA GLN B 373 -62.95 -35.04 -19.50
C GLN B 373 -63.47 -36.06 -18.48
N ASN B 374 -63.99 -35.59 -17.35
CA ASN B 374 -64.52 -36.47 -16.34
C ASN B 374 -65.53 -35.70 -15.48
N LYS B 375 -66.53 -36.42 -14.99
CA LYS B 375 -67.57 -35.85 -14.14
C LYS B 375 -68.28 -34.69 -14.83
N ARG B 376 -68.90 -35.00 -15.97
CA ARG B 376 -69.61 -33.99 -16.75
C ARG B 376 -70.79 -33.41 -15.97
N ASN B 377 -71.54 -34.28 -15.29
CA ASN B 377 -72.72 -33.82 -14.55
C ASN B 377 -72.37 -33.16 -13.23
N HIS B 378 -71.16 -33.39 -12.72
CA HIS B 378 -70.77 -32.80 -11.43
C HIS B 378 -70.70 -31.28 -11.51
N ARG B 379 -70.12 -30.76 -12.59
CA ARG B 379 -69.96 -29.31 -12.74
C ARG B 379 -70.44 -28.85 -14.11
N ARG B 380 -70.15 -27.60 -14.45
CA ARG B 380 -70.56 -27.02 -15.73
C ARG B 380 -69.71 -27.64 -16.84
N VAL B 381 -70.28 -28.60 -17.56
CA VAL B 381 -69.58 -29.22 -18.68
C VAL B 381 -69.47 -28.23 -19.83
N CYS B 382 -68.51 -28.47 -20.72
CA CYS B 382 -68.30 -27.62 -21.88
C CYS B 382 -68.21 -28.49 -23.13
N ASP B 383 -68.34 -27.83 -24.29
CA ASP B 383 -68.33 -28.48 -25.59
C ASP B 383 -67.11 -27.98 -26.37
N LYS B 384 -67.03 -28.40 -27.63
CA LYS B 384 -65.97 -27.92 -28.53
C LYS B 384 -66.12 -26.45 -28.88
N HIS B 385 -67.20 -25.80 -28.45
CA HIS B 385 -67.32 -24.36 -28.63
C HIS B 385 -66.17 -23.62 -27.95
N LEU B 386 -65.67 -24.14 -26.84
CA LEU B 386 -64.51 -23.53 -26.19
C LEU B 386 -63.25 -23.79 -27.01
N ALA B 387 -62.53 -22.72 -27.34
CA ALA B 387 -61.33 -22.81 -28.14
C ALA B 387 -60.33 -21.76 -27.65
N ILE B 388 -59.18 -21.69 -28.31
CA ILE B 388 -58.12 -20.76 -27.97
C ILE B 388 -57.89 -19.82 -29.15
N ASP B 389 -57.84 -18.52 -28.89
CA ASP B 389 -57.66 -17.52 -29.92
C ASP B 389 -56.82 -16.38 -29.36
N SER B 390 -56.77 -15.27 -30.08
CA SER B 390 -55.99 -14.11 -29.67
C SER B 390 -56.74 -13.19 -28.72
N SER B 391 -58.01 -13.48 -28.42
CA SER B 391 -58.77 -12.63 -27.51
C SER B 391 -58.39 -12.85 -26.06
N ASN B 392 -58.06 -14.08 -25.67
CA ASN B 392 -57.78 -14.40 -24.27
C ASN B 392 -56.45 -15.12 -24.10
N TYR B 393 -55.57 -15.06 -25.09
CA TYR B 393 -54.25 -15.70 -25.02
C TYR B 393 -53.18 -14.69 -25.40
N GLU B 394 -52.15 -14.60 -24.57
CA GLU B 394 -51.02 -13.72 -24.82
C GLU B 394 -49.72 -14.51 -24.68
N GLN B 395 -48.80 -14.28 -25.61
CA GLN B 395 -47.55 -15.01 -25.61
C GLN B 395 -46.70 -14.63 -24.40
N GLU B 396 -46.15 -15.63 -23.73
CA GLU B 396 -45.24 -15.40 -22.61
C GLU B 396 -43.96 -14.75 -23.11
N SER B 397 -43.40 -13.86 -22.28
CA SER B 397 -42.21 -13.12 -22.67
C SER B 397 -41.04 -14.05 -22.95
N LYS B 398 -40.83 -15.04 -22.09
CA LYS B 398 -39.68 -15.95 -22.21
C LYS B 398 -40.02 -17.21 -22.99
N ILE B 399 -40.54 -17.04 -24.21
CA ILE B 399 -40.77 -18.15 -25.12
C ILE B 399 -39.66 -18.27 -26.16
N MET B 400 -39.26 -17.14 -26.75
CA MET B 400 -38.18 -17.16 -27.73
C MET B 400 -36.89 -17.70 -27.14
N PHE B 401 -36.68 -17.53 -25.84
CA PHE B 401 -35.53 -18.14 -25.18
C PHE B 401 -35.65 -19.65 -25.16
N VAL B 402 -36.84 -20.17 -24.82
CA VAL B 402 -37.02 -21.61 -24.72
C VAL B 402 -36.66 -22.29 -26.03
N VAL B 403 -37.22 -21.80 -27.13
CA VAL B 403 -36.85 -22.30 -28.45
C VAL B 403 -35.35 -22.12 -28.66
N ASN B 404 -34.83 -20.94 -28.32
CA ASN B 404 -33.40 -20.69 -28.46
C ASN B 404 -32.59 -21.67 -27.65
N ALA B 405 -33.15 -22.19 -26.55
CA ALA B 405 -32.46 -23.24 -25.81
C ALA B 405 -32.43 -24.53 -26.60
N VAL B 406 -33.58 -24.95 -27.13
CA VAL B 406 -33.67 -26.26 -27.77
C VAL B 406 -32.73 -26.33 -28.97
N TYR B 407 -32.80 -25.33 -29.86
CA TYR B 407 -31.87 -25.27 -30.97
C TYR B 407 -30.44 -25.25 -30.49
N ALA B 408 -30.17 -24.54 -29.39
CA ALA B 408 -28.82 -24.47 -28.85
C ALA B 408 -28.26 -25.86 -28.57
N MET B 409 -29.14 -26.81 -28.21
CA MET B 409 -28.70 -28.19 -28.11
C MET B 409 -28.56 -28.82 -29.49
N ALA B 410 -29.62 -28.76 -30.30
CA ALA B 410 -29.67 -29.51 -31.55
C ALA B 410 -28.50 -29.15 -32.44
N HIS B 411 -28.30 -27.85 -32.70
CA HIS B 411 -27.16 -27.41 -33.51
C HIS B 411 -25.87 -28.01 -32.98
N ALA B 412 -25.65 -27.91 -31.67
CA ALA B 412 -24.44 -28.48 -31.09
C ALA B 412 -24.32 -29.95 -31.45
N LEU B 413 -25.38 -30.72 -31.20
CA LEU B 413 -25.36 -32.13 -31.55
C LEU B 413 -25.02 -32.30 -33.02
N HIS B 414 -25.67 -31.52 -33.88
CA HIS B 414 -25.38 -31.58 -35.31
C HIS B 414 -23.90 -31.40 -35.55
N LYS B 415 -23.32 -30.33 -34.99
CA LYS B 415 -21.90 -30.09 -35.18
C LYS B 415 -21.08 -31.25 -34.61
N MET B 416 -21.48 -31.75 -33.45
CA MET B 416 -20.78 -32.90 -32.87
C MET B 416 -20.79 -34.07 -33.84
N GLN B 417 -21.93 -34.32 -34.48
CA GLN B 417 -22.00 -35.38 -35.46
C GLN B 417 -20.98 -35.14 -36.58
N ARG B 418 -20.92 -33.90 -37.08
CA ARG B 418 -20.00 -33.59 -38.16
C ARG B 418 -18.55 -33.76 -37.73
N THR B 419 -18.28 -33.85 -36.43
CA THR B 419 -16.94 -34.14 -35.97
C THR B 419 -16.74 -35.63 -35.69
N LEU B 420 -17.80 -36.32 -35.27
CA LEU B 420 -17.68 -37.72 -34.88
C LEU B 420 -18.25 -38.70 -35.88
N CYS B 421 -19.29 -38.32 -36.61
CA CYS B 421 -19.94 -39.19 -37.59
C CYS B 421 -20.04 -38.43 -38.91
N PRO B 422 -18.93 -38.25 -39.61
CA PRO B 422 -18.93 -37.47 -40.85
C PRO B 422 -19.15 -38.26 -42.13
N ASN B 423 -19.37 -39.57 -42.04
CA ASN B 423 -19.51 -40.41 -43.22
C ASN B 423 -20.96 -40.67 -43.62
N THR B 424 -21.91 -40.40 -42.74
CA THR B 424 -23.32 -40.62 -43.05
C THR B 424 -24.17 -39.71 -42.17
N THR B 425 -25.41 -39.48 -42.61
CA THR B 425 -26.37 -38.69 -41.86
C THR B 425 -27.24 -39.61 -41.01
N LYS B 426 -26.61 -40.24 -40.03
CA LYS B 426 -27.29 -41.17 -39.14
C LYS B 426 -26.51 -41.23 -37.83
N LEU B 427 -27.11 -41.87 -36.83
CA LEU B 427 -26.50 -41.98 -35.51
C LEU B 427 -25.42 -43.05 -35.56
N CYS B 428 -24.19 -42.63 -35.83
CA CYS B 428 -23.06 -43.57 -35.84
C CYS B 428 -22.80 -44.13 -34.44
N ASP B 429 -22.15 -45.29 -34.41
CA ASP B 429 -21.89 -45.98 -33.15
C ASP B 429 -20.98 -45.15 -32.24
N ALA B 430 -20.01 -44.44 -32.83
CA ALA B 430 -19.12 -43.61 -32.02
C ALA B 430 -19.86 -42.46 -31.35
N MET B 431 -21.05 -42.11 -31.84
CA MET B 431 -21.88 -41.08 -31.24
C MET B 431 -22.76 -41.62 -30.12
N LYS B 432 -22.87 -42.95 -29.98
CA LYS B 432 -23.72 -43.54 -28.95
C LYS B 432 -23.21 -43.25 -27.55
N ILE B 433 -21.91 -42.98 -27.37
CA ILE B 433 -21.37 -42.74 -26.04
C ILE B 433 -21.96 -41.46 -25.45
N LEU B 434 -22.14 -40.42 -26.28
CA LEU B 434 -22.71 -39.15 -25.85
C LEU B 434 -21.92 -38.55 -24.69
N ASP B 435 -20.66 -38.23 -24.97
CA ASP B 435 -19.78 -37.63 -23.98
C ASP B 435 -20.28 -36.24 -23.61
N GLY B 436 -20.76 -36.08 -22.38
CA GLY B 436 -21.28 -34.79 -21.96
C GLY B 436 -20.23 -33.71 -21.88
N LYS B 437 -19.04 -34.05 -21.37
CA LYS B 437 -17.98 -33.06 -21.22
C LYS B 437 -17.53 -32.52 -22.57
N LYS B 438 -17.30 -33.42 -23.53
CA LYS B 438 -16.87 -33.00 -24.86
C LYS B 438 -17.94 -32.15 -25.54
N LEU B 439 -19.20 -32.58 -25.45
CA LEU B 439 -20.29 -31.83 -26.08
C LEU B 439 -20.43 -30.45 -25.47
N TYR B 440 -20.32 -30.35 -24.14
CA TYR B 440 -20.49 -29.05 -23.48
C TYR B 440 -19.33 -28.12 -23.77
N LYS B 441 -18.10 -28.61 -23.64
CA LYS B 441 -16.92 -27.75 -23.72
C LYS B 441 -16.38 -27.59 -25.13
N ASP B 442 -16.93 -28.29 -26.11
CA ASP B 442 -16.44 -28.19 -27.48
C ASP B 442 -17.48 -27.68 -28.47
N TYR B 443 -18.73 -28.10 -28.34
CA TYR B 443 -19.77 -27.74 -29.29
C TYR B 443 -20.89 -26.91 -28.68
N LEU B 444 -21.23 -27.12 -27.41
CA LEU B 444 -22.32 -26.36 -26.81
C LEU B 444 -21.95 -24.90 -26.59
N LEU B 445 -20.70 -24.63 -26.20
CA LEU B 445 -20.24 -23.29 -25.93
C LEU B 445 -19.69 -22.59 -27.16
N LYS B 446 -19.71 -23.24 -28.33
CA LYS B 446 -19.17 -22.69 -29.56
C LYS B 446 -20.24 -22.63 -30.64
N ILE B 447 -21.44 -22.17 -30.29
CA ILE B 447 -22.55 -22.04 -31.22
C ILE B 447 -22.71 -20.58 -31.60
N ASN B 448 -22.90 -20.32 -32.90
CA ASN B 448 -23.07 -18.97 -33.41
C ASN B 448 -24.26 -18.89 -34.36
N PHE B 449 -25.24 -19.78 -34.19
CA PHE B 449 -26.40 -19.80 -35.06
C PHE B 449 -27.34 -18.64 -34.74
N THR B 450 -27.97 -18.11 -35.78
CA THR B 450 -28.94 -17.04 -35.62
C THR B 450 -30.26 -17.58 -35.07
N ALA B 451 -31.09 -16.66 -34.59
CA ALA B 451 -32.37 -17.05 -34.01
C ALA B 451 -33.24 -17.71 -35.07
N PRO B 452 -33.80 -18.90 -34.80
CA PRO B 452 -34.59 -19.59 -35.83
C PRO B 452 -35.82 -18.82 -36.29
N PHE B 453 -36.46 -18.06 -35.41
CA PHE B 453 -37.70 -17.36 -35.72
C PHE B 453 -37.57 -15.86 -35.44
N ASN B 454 -36.41 -15.30 -35.76
CA ASN B 454 -36.21 -13.86 -35.57
C ASN B 454 -37.06 -13.08 -36.56
N PRO B 455 -37.45 -11.86 -36.20
CA PRO B 455 -38.22 -11.03 -37.12
C PRO B 455 -37.39 -10.61 -38.33
N ASN B 456 -38.09 -10.18 -39.38
CA ASN B 456 -37.42 -9.74 -40.59
C ASN B 456 -36.56 -8.52 -40.32
N LYS B 457 -35.40 -8.46 -40.99
CA LYS B 457 -34.46 -7.35 -40.84
C LYS B 457 -34.03 -7.16 -39.39
N ASP B 458 -33.68 -8.27 -38.74
CA ASP B 458 -33.19 -8.28 -37.36
C ASP B 458 -31.84 -8.98 -37.35
N ALA B 459 -30.77 -8.21 -37.58
CA ALA B 459 -29.43 -8.80 -37.62
C ALA B 459 -28.99 -9.27 -36.25
N ASP B 460 -29.33 -8.53 -35.20
CA ASP B 460 -28.91 -8.86 -33.83
C ASP B 460 -29.78 -9.99 -33.28
N SER B 461 -29.55 -11.19 -33.81
CA SER B 461 -30.29 -12.37 -33.36
C SER B 461 -29.40 -13.60 -33.24
N ILE B 462 -28.09 -13.41 -33.09
CA ILE B 462 -27.17 -14.54 -32.99
C ILE B 462 -27.19 -15.07 -31.56
N VAL B 463 -27.33 -16.39 -31.42
CA VAL B 463 -27.32 -17.04 -30.12
C VAL B 463 -25.88 -17.44 -29.81
N LYS B 464 -25.33 -16.88 -28.73
CA LYS B 464 -23.95 -17.13 -28.35
C LYS B 464 -23.87 -17.39 -26.85
N PHE B 465 -22.84 -18.13 -26.45
CA PHE B 465 -22.55 -18.40 -25.05
C PHE B 465 -21.14 -17.92 -24.74
N ASP B 466 -21.00 -17.18 -23.66
CA ASP B 466 -19.69 -16.67 -23.26
C ASP B 466 -18.92 -17.75 -22.50
N THR B 467 -17.81 -17.38 -21.88
CA THR B 467 -16.97 -18.35 -21.20
C THR B 467 -17.68 -19.00 -20.01
N PHE B 468 -18.62 -18.28 -19.40
CA PHE B 468 -19.37 -18.81 -18.28
C PHE B 468 -20.68 -19.48 -18.70
N GLY B 469 -20.95 -19.58 -20.00
CA GLY B 469 -22.15 -20.22 -20.47
C GLY B 469 -23.40 -19.35 -20.46
N ASP B 470 -23.28 -18.09 -20.05
CA ASP B 470 -24.42 -17.20 -20.01
C ASP B 470 -24.74 -16.68 -21.41
N GLY B 471 -25.96 -16.18 -21.57
CA GLY B 471 -26.40 -15.63 -22.84
C GLY B 471 -25.96 -14.20 -23.04
N MET B 472 -26.37 -13.65 -24.19
CA MET B 472 -26.01 -12.27 -24.53
C MET B 472 -26.98 -11.30 -23.88
N GLY B 473 -26.44 -10.27 -23.24
CA GLY B 473 -27.25 -9.30 -22.54
C GLY B 473 -27.81 -8.21 -23.43
N ARG B 474 -29.10 -8.30 -23.74
CA ARG B 474 -29.80 -7.31 -24.54
C ARG B 474 -31.05 -6.87 -23.79
N TYR B 475 -31.08 -5.60 -23.41
CA TYR B 475 -32.18 -5.04 -22.63
C TYR B 475 -32.80 -3.85 -23.34
N ASN B 476 -34.02 -3.51 -22.94
CA ASN B 476 -34.74 -2.35 -23.45
C ASN B 476 -35.03 -1.39 -22.31
N VAL B 477 -34.83 -0.10 -22.56
CA VAL B 477 -35.03 0.94 -21.56
C VAL B 477 -36.39 1.57 -21.81
N PHE B 478 -37.24 1.56 -20.79
CA PHE B 478 -38.59 2.10 -20.87
C PHE B 478 -38.71 3.31 -19.96
N ASN B 479 -39.36 4.36 -20.46
CA ASN B 479 -39.57 5.59 -19.72
C ASN B 479 -41.07 5.77 -19.54
N PHE B 480 -41.51 5.90 -18.28
CA PHE B 480 -42.91 6.12 -17.99
C PHE B 480 -43.26 7.58 -18.22
N GLN B 481 -44.14 7.82 -19.19
CA GLN B 481 -44.47 9.17 -19.60
C GLN B 481 -45.98 9.32 -19.63
N ASN B 482 -46.41 10.58 -19.59
CA ASN B 482 -47.79 10.92 -19.84
C ASN B 482 -47.84 11.50 -21.25
N VAL B 483 -48.83 11.08 -22.04
CA VAL B 483 -49.03 11.56 -23.39
C VAL B 483 -50.48 12.03 -23.41
N GLY B 484 -50.77 13.04 -24.22
CA GLY B 484 -52.15 13.43 -24.32
C GLY B 484 -52.81 13.47 -22.94
N GLY B 485 -53.74 12.55 -22.73
CA GLY B 485 -54.29 12.29 -21.41
C GLY B 485 -54.23 10.84 -20.96
N LYS B 486 -53.32 10.06 -21.55
CA LYS B 486 -53.18 8.65 -21.25
C LYS B 486 -51.76 8.35 -20.77
N TYR B 487 -51.64 7.52 -19.75
CA TYR B 487 -50.35 7.12 -19.20
C TYR B 487 -49.95 5.78 -19.79
N SER B 488 -48.74 5.72 -20.34
CA SER B 488 -48.27 4.49 -20.96
C SER B 488 -46.75 4.49 -20.99
N TYR B 489 -46.18 3.29 -21.15
CA TYR B 489 -44.75 3.14 -21.29
C TYR B 489 -44.30 3.43 -22.72
N LEU B 490 -43.01 3.68 -22.88
CA LEU B 490 -42.45 3.94 -24.20
C LEU B 490 -40.97 3.63 -24.17
N LYS B 491 -40.52 2.72 -25.03
CA LYS B 491 -39.11 2.38 -25.10
C LYS B 491 -38.31 3.55 -25.64
N VAL B 492 -37.23 3.90 -24.95
CA VAL B 492 -36.41 5.04 -25.31
C VAL B 492 -34.98 4.64 -25.64
N GLY B 493 -34.72 3.35 -25.81
CA GLY B 493 -33.39 2.91 -26.17
C GLY B 493 -33.18 1.46 -25.81
N HIS B 494 -32.02 0.94 -26.22
CA HIS B 494 -31.67 -0.44 -25.98
C HIS B 494 -30.23 -0.52 -25.49
N TRP B 495 -29.94 -1.57 -24.73
CA TRP B 495 -28.61 -1.86 -24.23
C TRP B 495 -28.23 -3.25 -24.75
N ALA B 496 -27.60 -3.28 -25.92
CA ALA B 496 -26.93 -4.48 -26.43
C ALA B 496 -25.42 -4.33 -26.22
N GLU B 497 -25.01 -4.47 -24.95
CA GLU B 497 -23.65 -4.23 -24.49
C GLU B 497 -23.18 -2.81 -24.75
N THR B 498 -24.08 -1.91 -25.14
CA THR B 498 -23.75 -0.51 -25.37
C THR B 498 -25.04 0.30 -25.28
N LEU B 499 -24.87 1.60 -25.02
CA LEU B 499 -26.01 2.49 -24.83
C LEU B 499 -26.52 3.02 -26.16
N SER B 500 -27.84 3.01 -26.31
CA SER B 500 -28.50 3.55 -27.50
C SER B 500 -29.73 4.34 -27.09
N LEU B 501 -29.61 5.16 -26.05
CA LEU B 501 -30.74 5.92 -25.53
C LEU B 501 -31.17 6.99 -26.52
N ASP B 502 -32.48 7.26 -26.53
CA ASP B 502 -33.08 8.30 -27.36
C ASP B 502 -33.51 9.42 -26.42
N VAL B 503 -32.61 10.38 -26.21
CA VAL B 503 -32.88 11.47 -25.28
C VAL B 503 -34.04 12.35 -25.77
N ASN B 504 -34.18 12.50 -27.09
CA ASN B 504 -35.17 13.40 -27.64
C ASN B 504 -36.61 12.97 -27.34
N SER B 505 -36.81 11.72 -26.91
CA SER B 505 -38.14 11.20 -26.60
C SER B 505 -38.23 10.73 -25.15
N ILE B 506 -37.60 11.47 -24.24
CA ILE B 506 -37.59 11.14 -22.82
C ILE B 506 -38.18 12.32 -22.06
N HIS B 507 -39.16 12.04 -21.20
CA HIS B 507 -39.78 13.05 -20.35
C HIS B 507 -39.26 12.90 -18.93
N TRP B 508 -38.73 13.99 -18.38
CA TRP B 508 -38.17 13.99 -17.04
C TRP B 508 -39.21 14.50 -16.04
N SER B 509 -38.82 14.53 -14.77
CA SER B 509 -39.74 14.92 -13.69
C SER B 509 -40.23 16.35 -13.87
N ARG B 510 -39.32 17.33 -13.74
CA ARG B 510 -39.63 18.73 -13.99
C ARG B 510 -38.53 19.34 -14.86
N ASN B 511 -38.63 19.11 -16.16
CA ASN B 511 -37.81 19.78 -17.17
C ASN B 511 -36.31 19.51 -17.02
N SER B 512 -35.90 18.73 -16.01
CA SER B 512 -34.51 18.47 -15.71
C SER B 512 -34.42 17.48 -14.56
N VAL B 513 -33.26 16.82 -14.45
CA VAL B 513 -32.98 15.89 -13.36
C VAL B 513 -31.63 16.21 -12.74
N PRO B 514 -31.51 17.32 -12.00
CA PRO B 514 -30.22 17.63 -11.38
C PRO B 514 -30.08 16.89 -10.05
N THR B 515 -29.09 16.00 -9.95
CA THR B 515 -28.88 15.25 -8.73
C THR B 515 -27.40 15.12 -8.34
N SER B 516 -26.51 15.84 -9.01
CA SER B 516 -25.09 15.76 -8.67
C SER B 516 -24.84 16.39 -7.31
N GLN B 517 -24.12 15.67 -6.45
CA GLN B 517 -23.81 16.19 -5.11
C GLN B 517 -22.75 17.27 -5.17
N CYS B 518 -21.70 17.05 -5.98
CA CYS B 518 -20.63 18.04 -6.10
C CYS B 518 -21.15 19.28 -6.80
N SER B 519 -20.94 20.44 -6.18
CA SER B 519 -21.53 21.68 -6.70
C SER B 519 -20.95 22.06 -8.05
N ASP B 520 -19.61 22.11 -8.15
CA ASP B 520 -18.95 22.52 -9.38
C ASP B 520 -17.46 22.17 -9.30
N PRO B 521 -16.83 21.85 -10.44
CA PRO B 521 -15.39 21.61 -10.42
C PRO B 521 -14.61 22.85 -10.01
N CYS B 522 -13.52 22.63 -9.29
CA CYS B 522 -12.72 23.73 -8.77
C CYS B 522 -11.82 24.30 -9.86
N ALA B 523 -11.69 25.62 -9.87
CA ALA B 523 -10.90 26.32 -10.86
C ALA B 523 -9.40 26.20 -10.57
N PRO B 524 -8.55 26.41 -11.57
CA PRO B 524 -7.10 26.46 -11.31
C PRO B 524 -6.68 27.74 -10.60
N ASN B 525 -5.36 27.96 -10.51
CA ASN B 525 -4.79 29.14 -9.86
C ASN B 525 -5.13 29.19 -8.38
N GLU B 526 -4.65 28.16 -7.66
CA GLU B 526 -4.78 28.06 -6.21
C GLU B 526 -6.24 28.00 -5.77
N MET B 527 -7.11 27.49 -6.62
CA MET B 527 -8.51 27.28 -6.29
C MET B 527 -8.93 25.82 -6.36
N LYS B 528 -8.03 24.93 -6.78
CA LYS B 528 -8.37 23.51 -6.85
C LYS B 528 -8.66 22.93 -5.48
N ASN B 529 -7.87 23.33 -4.47
CA ASN B 529 -8.08 22.97 -3.07
C ASN B 529 -7.94 21.45 -2.91
N MET B 530 -8.67 20.89 -1.94
CA MET B 530 -8.63 19.47 -1.65
C MET B 530 -9.96 19.08 -1.00
N GLN B 531 -10.03 17.86 -0.49
CA GLN B 531 -11.25 17.39 0.14
C GLN B 531 -11.49 18.14 1.45
N PRO B 532 -12.74 18.48 1.76
CA PRO B 532 -13.06 19.14 3.02
C PRO B 532 -13.43 18.21 4.17
N GLY B 533 -13.41 16.90 3.93
CA GLY B 533 -13.80 15.94 4.96
C GLY B 533 -14.99 15.10 4.54
N ASP B 534 -15.23 15.02 3.24
CA ASP B 534 -16.33 14.25 2.67
C ASP B 534 -15.78 13.15 1.77
N VAL B 535 -16.69 12.45 1.09
CA VAL B 535 -16.33 11.34 0.21
C VAL B 535 -16.59 11.69 -1.25
N CYS B 536 -17.81 12.10 -1.59
CA CYS B 536 -18.16 12.39 -2.97
C CYS B 536 -17.68 13.80 -3.33
N CYS B 537 -16.78 13.88 -4.31
CA CYS B 537 -16.18 15.14 -4.76
C CYS B 537 -15.57 15.88 -3.57
N TRP B 538 -15.60 17.20 -3.63
CA TRP B 538 -15.02 18.07 -2.62
C TRP B 538 -15.55 19.48 -2.87
N ILE B 539 -15.12 20.41 -2.01
CA ILE B 539 -15.43 21.82 -2.17
C ILE B 539 -14.15 22.55 -2.55
N CYS B 540 -14.30 23.83 -2.91
CA CYS B 540 -13.19 24.64 -3.39
C CYS B 540 -12.91 25.76 -2.40
N ILE B 541 -11.65 25.84 -1.95
CA ILE B 541 -11.19 26.92 -1.09
C ILE B 541 -9.89 27.47 -1.68
N PRO B 542 -9.60 28.75 -1.53
CA PRO B 542 -8.44 29.34 -2.19
C PRO B 542 -7.16 29.22 -1.35
N CYS B 543 -6.05 29.57 -1.98
CA CYS B 543 -4.75 29.67 -1.32
C CYS B 543 -4.17 31.06 -1.54
N GLU B 544 -3.28 31.45 -0.64
CA GLU B 544 -2.60 32.73 -0.76
C GLU B 544 -1.70 32.70 -2.00
N PRO B 545 -1.80 33.67 -2.90
CA PRO B 545 -1.21 33.52 -4.24
C PRO B 545 0.31 33.58 -4.29
N TYR B 546 1.00 33.84 -3.18
CA TYR B 546 2.46 33.87 -3.22
C TYR B 546 3.03 32.51 -3.55
N GLU B 547 2.44 31.44 -3.02
CA GLU B 547 2.90 30.09 -3.28
C GLU B 547 2.01 29.44 -4.34
N TYR B 548 2.65 28.79 -5.31
CA TYR B 548 1.94 28.14 -6.40
C TYR B 548 1.51 26.74 -5.99
N LEU B 549 0.33 26.32 -6.47
CA LEU B 549 -0.19 24.98 -6.19
C LEU B 549 0.56 23.99 -7.08
N ALA B 550 1.74 23.57 -6.61
CA ALA B 550 2.56 22.63 -7.36
C ALA B 550 1.90 21.27 -7.46
N ASP B 551 1.04 20.93 -6.50
CA ASP B 551 0.31 19.66 -6.50
C ASP B 551 -1.18 19.93 -6.63
N GLU B 552 -1.97 18.86 -6.58
CA GLU B 552 -3.42 18.96 -6.71
C GLU B 552 -4.12 19.10 -5.35
N PHE B 553 -3.38 19.09 -4.26
CA PHE B 553 -3.96 19.18 -2.92
C PHE B 553 -3.43 20.34 -2.10
N THR B 554 -2.14 20.66 -2.22
CA THR B 554 -1.52 21.68 -1.40
C THR B 554 -0.82 22.72 -2.27
N CYS B 555 -0.71 23.93 -1.72
CA CYS B 555 0.00 25.03 -2.37
C CYS B 555 1.29 25.30 -1.61
N MET B 556 2.42 25.22 -2.33
CA MET B 556 3.74 25.33 -1.74
C MET B 556 4.59 26.33 -2.51
N ASP B 557 5.40 27.08 -1.78
CA ASP B 557 6.26 28.09 -2.40
C ASP B 557 7.42 27.44 -3.14
N CYS B 558 7.81 28.03 -4.27
CA CYS B 558 8.94 27.53 -5.04
C CYS B 558 9.81 28.66 -5.59
N GLY B 559 9.71 29.87 -5.03
CA GLY B 559 10.52 30.97 -5.48
C GLY B 559 10.52 32.11 -4.49
N SER B 560 11.50 33.00 -4.64
CA SER B 560 11.61 34.14 -3.73
C SER B 560 10.44 35.10 -3.92
N GLY B 561 10.15 35.47 -5.16
CA GLY B 561 9.01 36.33 -5.46
C GLY B 561 7.87 35.55 -6.06
N GLN B 562 8.20 34.55 -6.87
CA GLN B 562 7.24 33.63 -7.46
C GLN B 562 6.21 34.37 -8.32
N TRP B 563 5.05 34.67 -7.74
CA TRP B 563 3.91 35.24 -8.47
C TRP B 563 3.59 34.37 -9.68
N PRO B 564 3.03 33.17 -9.49
CA PRO B 564 2.83 32.25 -10.61
C PRO B 564 1.90 32.82 -11.67
N THR B 565 2.19 32.50 -12.91
CA THR B 565 1.40 32.92 -14.06
C THR B 565 0.61 31.71 -14.57
N ALA B 566 -0.70 31.74 -14.36
CA ALA B 566 -1.61 30.68 -14.77
C ALA B 566 -1.27 29.34 -14.13
N ASP B 567 -2.02 28.30 -14.47
CA ASP B 567 -1.76 26.97 -13.91
C ASP B 567 -0.55 26.31 -14.57
N LEU B 568 -0.38 26.49 -15.88
CA LEU B 568 0.74 25.89 -16.57
C LEU B 568 2.04 26.63 -16.25
N THR B 569 3.09 25.88 -15.93
CA THR B 569 4.39 26.42 -15.57
C THR B 569 4.26 27.43 -14.43
N GLY B 570 3.65 26.99 -13.33
CA GLY B 570 3.46 27.87 -12.18
C GLY B 570 4.77 28.31 -11.57
N CYS B 571 5.72 27.38 -11.43
CA CYS B 571 7.04 27.69 -10.87
C CYS B 571 7.97 28.23 -11.96
N TYR B 572 7.58 29.36 -12.52
CA TYR B 572 8.44 30.06 -13.46
C TYR B 572 9.59 30.73 -12.71
N ASP B 573 10.61 31.15 -13.46
CA ASP B 573 11.77 31.79 -12.86
C ASP B 573 11.36 33.08 -12.17
N LEU B 574 10.93 34.08 -12.95
CA LEU B 574 10.46 35.38 -12.48
C LEU B 574 11.34 35.92 -11.35
N PRO B 575 12.58 36.31 -11.64
CA PRO B 575 13.46 36.77 -10.56
C PRO B 575 12.94 37.99 -9.81
N GLU B 576 12.22 38.87 -10.50
CA GLU B 576 11.69 40.10 -9.90
C GLU B 576 12.80 40.91 -9.24
N ASP B 577 13.84 41.19 -10.02
CA ASP B 577 14.99 41.95 -9.53
C ASP B 577 14.64 43.43 -9.43
N TYR B 578 15.54 44.18 -8.78
CA TYR B 578 15.38 45.62 -8.61
C TYR B 578 16.01 46.41 -9.74
N ILE B 579 16.14 45.82 -10.93
CA ILE B 579 16.70 46.49 -12.08
C ILE B 579 15.82 47.67 -12.48
N ARG B 580 16.35 48.88 -12.34
CA ARG B 580 15.61 50.10 -12.65
C ARG B 580 16.31 50.83 -13.78
N TRP B 581 15.57 51.17 -14.83
CA TRP B 581 16.11 51.92 -15.95
C TRP B 581 16.08 53.41 -15.63
N GLU B 582 16.30 54.25 -16.64
CA GLU B 582 16.28 55.70 -16.46
C GLU B 582 14.83 56.15 -16.33
N ASP B 583 14.29 55.95 -15.14
CA ASP B 583 12.90 56.31 -14.84
C ASP B 583 12.83 57.78 -14.44
N ALA B 584 11.66 58.20 -13.94
CA ALA B 584 11.50 59.59 -13.51
C ALA B 584 12.43 59.92 -12.34
N TRP B 585 12.57 58.99 -11.39
CA TRP B 585 13.45 59.21 -10.24
C TRP B 585 14.92 59.08 -10.61
N ALA B 586 15.25 58.55 -11.79
CA ALA B 586 16.63 58.42 -12.22
C ALA B 586 17.08 59.50 -13.18
N ILE B 587 16.14 60.29 -13.73
CA ILE B 587 16.52 61.36 -14.65
C ILE B 587 17.31 62.44 -13.92
N GLY B 588 16.97 62.70 -12.66
CA GLY B 588 17.67 63.69 -11.87
C GLY B 588 19.13 63.37 -11.62
N PRO B 589 19.41 62.18 -11.06
CA PRO B 589 20.82 61.83 -10.79
C PRO B 589 21.70 61.81 -12.03
N VAL B 590 21.19 61.31 -13.16
CA VAL B 590 22.01 61.27 -14.37
C VAL B 590 22.26 62.68 -14.90
N THR B 591 21.26 63.56 -14.81
CA THR B 591 21.45 64.95 -15.21
C THR B 591 22.47 65.64 -14.32
N ILE B 592 22.43 65.37 -13.01
CA ILE B 592 23.40 65.96 -12.08
C ILE B 592 24.80 65.44 -12.40
N ALA B 593 24.93 64.15 -12.69
CA ALA B 593 26.22 63.59 -13.05
C ALA B 593 26.75 64.20 -14.35
N CYS B 594 25.88 64.40 -15.34
CA CYS B 594 26.30 65.03 -16.58
C CYS B 594 26.75 66.47 -16.35
N LEU B 595 26.01 67.20 -15.52
CA LEU B 595 26.40 68.59 -15.20
C LEU B 595 27.74 68.62 -14.48
N GLY B 596 27.96 67.70 -13.54
CA GLY B 596 29.25 67.64 -12.87
C GLY B 596 30.39 67.30 -13.81
N PHE B 597 30.15 66.37 -14.73
CA PHE B 597 31.17 66.03 -15.73
C PHE B 597 31.48 67.22 -16.62
N MET B 598 30.45 67.95 -17.03
CA MET B 598 30.68 69.15 -17.85
C MET B 598 31.46 70.21 -17.08
N CYS B 599 31.14 70.39 -15.80
CA CYS B 599 31.89 71.34 -14.97
C CYS B 599 33.35 70.94 -14.84
N THR B 600 33.60 69.64 -14.61
CA THR B 600 34.98 69.17 -14.50
C THR B 600 35.73 69.37 -15.81
N CYS B 601 35.08 69.08 -16.94
CA CYS B 601 35.70 69.31 -18.24
C CYS B 601 36.02 70.79 -18.44
N MET B 602 35.10 71.68 -18.06
CA MET B 602 35.35 73.10 -18.19
C MET B 602 36.51 73.55 -17.32
N VAL B 603 36.58 73.09 -16.08
CA VAL B 603 37.63 73.53 -15.18
C VAL B 603 38.98 72.91 -15.50
N VAL B 604 39.02 71.77 -16.18
CA VAL B 604 40.30 71.25 -16.64
C VAL B 604 40.70 71.83 -17.99
N THR B 605 39.74 72.32 -18.78
CA THR B 605 40.08 73.02 -20.02
C THR B 605 40.61 74.41 -19.73
N VAL B 606 40.00 75.12 -18.78
CA VAL B 606 40.51 76.44 -18.40
C VAL B 606 41.88 76.34 -17.76
N PHE B 607 42.20 75.18 -17.16
CA PHE B 607 43.52 74.96 -16.59
C PHE B 607 44.53 74.65 -17.69
N ILE B 608 45.77 74.39 -17.29
CA ILE B 608 46.87 74.05 -18.18
C ILE B 608 47.21 75.21 -19.11
N LYS B 609 46.20 75.71 -19.83
CA LYS B 609 46.42 76.86 -20.71
C LYS B 609 46.83 78.08 -19.92
N HIS B 610 46.20 78.31 -18.77
CA HIS B 610 46.50 79.45 -17.91
C HIS B 610 46.76 78.94 -16.50
N ASN B 611 48.03 78.89 -16.11
CA ASN B 611 48.42 78.43 -14.79
C ASN B 611 49.20 79.47 -13.98
N ASN B 612 49.90 80.38 -14.63
CA ASN B 612 50.69 81.39 -13.93
C ASN B 612 49.78 82.47 -13.35
N GLY B 620 48.56 73.78 -5.80
CA GLY B 620 48.70 72.33 -5.78
C GLY B 620 49.29 71.77 -7.05
N ARG B 621 49.02 72.45 -8.18
CA ARG B 621 49.51 72.05 -9.49
C ARG B 621 49.07 70.62 -9.82
N GLU B 622 49.99 69.66 -9.71
CA GLU B 622 49.64 68.26 -9.92
C GLU B 622 48.63 67.78 -8.88
N LEU B 623 48.73 68.28 -7.64
CA LEU B 623 47.75 67.93 -6.62
C LEU B 623 46.37 68.45 -7.00
N CYS B 624 46.29 69.65 -7.58
CA CYS B 624 45.01 70.16 -8.04
C CYS B 624 44.43 69.31 -9.16
N TYR B 625 45.29 68.84 -10.08
CA TYR B 625 44.83 67.95 -11.14
C TYR B 625 44.31 66.64 -10.57
N ILE B 626 45.01 66.09 -9.57
CA ILE B 626 44.55 64.87 -8.93
C ILE B 626 43.21 65.09 -8.23
N LEU B 627 43.05 66.24 -7.57
CA LEU B 627 41.78 66.55 -6.93
C LEU B 627 40.66 66.67 -7.96
N LEU B 628 40.93 67.30 -9.10
CA LEU B 628 39.92 67.41 -10.15
C LEU B 628 39.55 66.03 -10.70
N PHE B 629 40.55 65.17 -10.89
CA PHE B 629 40.27 63.80 -11.35
C PHE B 629 39.42 63.05 -10.32
N GLY B 630 39.72 63.23 -9.04
CA GLY B 630 38.91 62.60 -8.02
C GLY B 630 37.49 63.14 -7.98
N VAL B 631 37.33 64.43 -8.22
CA VAL B 631 35.99 65.02 -8.28
C VAL B 631 35.21 64.43 -9.47
N GLY B 632 35.87 64.29 -10.62
CA GLY B 632 35.23 63.65 -11.75
C GLY B 632 34.86 62.20 -11.48
N LEU B 633 35.74 61.49 -10.78
CA LEU B 633 35.43 60.11 -10.40
C LEU B 633 34.22 60.06 -9.47
N SER B 634 34.15 60.99 -8.51
CA SER B 634 32.98 61.07 -7.63
C SER B 634 31.71 61.35 -8.43
N TYR B 635 31.81 62.24 -9.41
CA TYR B 635 30.64 62.58 -10.23
C TYR B 635 30.17 61.38 -11.04
N CYS B 636 31.10 60.63 -11.65
CA CYS B 636 30.72 59.46 -12.44
C CYS B 636 30.35 58.26 -11.58
N MET B 637 30.71 58.28 -10.28
CA MET B 637 30.30 57.21 -9.39
C MET B 637 28.78 57.14 -9.25
N THR B 638 28.09 58.28 -9.41
CA THR B 638 26.63 58.27 -9.37
C THR B 638 26.05 57.42 -10.50
N PHE B 639 26.57 57.59 -11.71
CA PHE B 639 26.15 56.76 -12.83
C PHE B 639 26.64 55.32 -12.68
N PHE B 640 27.82 55.13 -12.08
CA PHE B 640 28.32 53.78 -11.86
C PHE B 640 27.43 53.00 -10.91
N PHE B 641 26.91 53.66 -9.87
CA PHE B 641 26.05 52.98 -8.90
C PHE B 641 24.76 52.49 -9.54
N ILE B 642 24.16 53.31 -10.40
CA ILE B 642 22.90 52.96 -11.03
C ILE B 642 23.18 52.07 -12.24
N ALA B 643 22.72 50.82 -12.17
CA ALA B 643 22.93 49.87 -13.26
C ALA B 643 21.88 48.78 -13.15
N LYS B 644 21.02 48.66 -14.16
CA LYS B 644 20.00 47.63 -14.15
C LYS B 644 20.58 46.22 -14.11
N PRO B 645 21.56 45.84 -14.97
CA PRO B 645 22.13 44.49 -14.85
C PRO B 645 23.27 44.43 -13.85
N SER B 646 23.20 43.48 -12.92
CA SER B 646 24.22 43.33 -11.90
C SER B 646 25.09 42.11 -12.20
N PRO B 647 26.33 42.30 -12.64
CA PRO B 647 27.20 41.16 -12.94
C PRO B 647 27.86 40.65 -11.67
N VAL B 648 28.75 39.65 -11.85
CA VAL B 648 29.47 39.08 -10.72
C VAL B 648 30.49 40.06 -10.14
N ILE B 649 30.82 41.12 -10.86
CA ILE B 649 31.79 42.11 -10.41
C ILE B 649 31.02 43.15 -9.61
N CYS B 650 30.82 42.88 -8.33
CA CYS B 650 30.16 43.80 -7.42
C CYS B 650 31.10 44.78 -6.75
N ALA B 651 32.41 44.65 -7.00
CA ALA B 651 33.39 45.50 -6.36
C ALA B 651 33.56 46.85 -7.04
N LEU B 652 32.97 47.05 -8.23
CA LEU B 652 33.17 48.30 -8.95
C LEU B 652 32.66 49.49 -8.16
N ARG B 653 31.43 49.40 -7.64
CA ARG B 653 30.84 50.51 -6.90
C ARG B 653 31.62 50.80 -5.62
N ARG B 654 32.00 49.73 -4.89
CA ARG B 654 32.69 49.93 -3.62
C ARG B 654 34.08 50.52 -3.83
N LEU B 655 34.82 50.03 -4.82
CA LEU B 655 36.13 50.60 -5.12
C LEU B 655 36.00 52.03 -5.64
N GLY B 656 34.95 52.34 -6.40
CA GLY B 656 34.74 53.72 -6.81
C GLY B 656 34.48 54.65 -5.64
N LEU B 657 33.63 54.21 -4.70
CA LEU B 657 33.38 55.01 -3.51
C LEU B 657 34.65 55.19 -2.68
N GLY B 658 35.44 54.12 -2.53
CA GLY B 658 36.68 54.22 -1.80
C GLY B 658 37.67 55.17 -2.46
N SER B 659 37.75 55.11 -3.79
CA SER B 659 38.64 56.02 -4.53
C SER B 659 38.18 57.46 -4.37
N SER B 660 36.86 57.70 -4.41
CA SER B 660 36.35 59.05 -4.20
C SER B 660 36.69 59.55 -2.80
N PHE B 661 36.52 58.71 -1.79
CA PHE B 661 36.84 59.11 -0.42
C PHE B 661 38.33 59.38 -0.27
N ALA B 662 39.17 58.55 -0.87
CA ALA B 662 40.62 58.76 -0.82
C ALA B 662 41.01 60.05 -1.53
N ILE B 663 40.35 60.37 -2.64
CA ILE B 663 40.63 61.60 -3.36
C ILE B 663 40.25 62.81 -2.51
N CYS B 664 39.10 62.74 -1.84
CA CYS B 664 38.70 63.83 -0.96
C CYS B 664 39.69 63.98 0.20
N TYR B 665 40.14 62.86 0.77
CA TYR B 665 41.13 62.91 1.84
C TYR B 665 42.43 63.53 1.37
N SER B 666 42.89 63.16 0.18
CA SER B 666 44.11 63.74 -0.37
C SER B 666 43.95 65.23 -0.63
N ALA B 667 42.79 65.64 -1.14
CA ALA B 667 42.54 67.06 -1.37
C ALA B 667 42.57 67.84 -0.06
N LEU B 668 41.99 67.27 1.00
CA LEU B 668 42.06 67.92 2.32
C LEU B 668 43.49 67.97 2.83
N LEU B 669 44.24 66.87 2.65
CA LEU B 669 45.61 66.81 3.17
C LEU B 669 46.54 67.75 2.43
N THR B 670 46.23 68.05 1.16
CA THR B 670 47.07 69.01 0.43
C THR B 670 47.05 70.38 1.09
N LYS B 671 45.87 70.83 1.53
CA LYS B 671 45.79 72.08 2.27
C LYS B 671 46.26 71.92 3.72
N THR B 672 46.09 70.72 4.29
CA THR B 672 46.55 70.48 5.65
C THR B 672 48.06 70.62 5.77
N ASN B 673 48.80 70.05 4.81
CA ASN B 673 50.26 70.10 4.87
C ASN B 673 50.79 71.52 4.79
N CYS B 674 50.21 72.33 3.91
CA CYS B 674 50.65 73.71 3.74
C CYS B 674 49.92 74.64 4.69
N SER B 693 59.82 68.81 -0.07
CA SER B 693 59.00 68.26 1.00
C SER B 693 57.50 68.21 0.67
N PRO B 694 56.92 69.29 0.12
CA PRO B 694 55.51 69.20 -0.31
C PRO B 694 55.26 68.14 -1.36
N SER B 695 56.22 67.91 -2.26
CA SER B 695 56.08 66.80 -3.22
C SER B 695 56.11 65.45 -2.50
N SER B 696 56.90 65.35 -1.44
CA SER B 696 56.91 64.14 -0.63
C SER B 696 55.54 63.89 -0.01
N GLN B 697 54.87 64.95 0.45
CA GLN B 697 53.52 64.79 0.98
C GLN B 697 52.52 64.45 -0.12
N VAL B 698 52.72 65.01 -1.32
CA VAL B 698 51.83 64.69 -2.44
C VAL B 698 51.99 63.23 -2.84
N PHE B 699 53.17 62.66 -2.64
CA PHE B 699 53.35 61.22 -2.83
C PHE B 699 52.82 60.42 -1.65
N ILE B 700 52.91 60.96 -0.44
CA ILE B 700 52.48 60.24 0.75
C ILE B 700 50.97 60.08 0.76
N CYS B 701 50.24 61.11 0.31
CA CYS B 701 48.78 60.98 0.25
C CYS B 701 48.37 59.95 -0.79
N LEU B 702 49.09 59.87 -1.91
CA LEU B 702 48.85 58.82 -2.88
C LEU B 702 49.14 57.45 -2.29
N GLY B 703 50.21 57.35 -1.49
CA GLY B 703 50.48 56.10 -0.80
C GLY B 703 49.38 55.71 0.17
N LEU B 704 48.82 56.70 0.87
CA LEU B 704 47.69 56.43 1.76
C LEU B 704 46.47 55.98 0.97
N ILE B 705 46.24 56.56 -0.21
CA ILE B 705 45.17 56.10 -1.08
C ILE B 705 45.43 54.65 -1.51
N LEU B 706 46.69 54.31 -1.75
CA LEU B 706 47.03 52.92 -2.08
C LEU B 706 46.76 51.99 -0.90
N VAL B 707 47.02 52.46 0.32
CA VAL B 707 46.70 51.67 1.50
C VAL B 707 45.19 51.46 1.61
N GLN B 708 44.42 52.50 1.32
CA GLN B 708 42.97 52.33 1.29
C GLN B 708 42.54 51.34 0.21
N ILE B 709 43.24 51.35 -0.93
CA ILE B 709 42.93 50.43 -2.01
C ILE B 709 43.20 48.99 -1.59
N VAL B 710 44.34 48.75 -0.92
CA VAL B 710 44.61 47.39 -0.47
C VAL B 710 43.64 46.98 0.64
N MET B 711 43.19 47.94 1.46
CA MET B 711 42.19 47.63 2.48
C MET B 711 40.87 47.21 1.84
N VAL B 712 40.43 47.93 0.81
CA VAL B 712 39.18 47.56 0.16
C VAL B 712 39.36 46.27 -0.64
N SER B 713 40.59 45.97 -1.10
CA SER B 713 40.83 44.68 -1.72
C SER B 713 40.69 43.54 -0.71
N VAL B 714 41.23 43.72 0.49
CA VAL B 714 41.03 42.72 1.55
C VAL B 714 39.55 42.59 1.89
N TRP B 715 38.82 43.71 1.87
CA TRP B 715 37.37 43.65 2.02
C TRP B 715 36.74 42.78 0.94
N LEU B 716 37.12 43.01 -0.32
CA LEU B 716 36.59 42.22 -1.42
C LEU B 716 36.98 40.75 -1.30
N ILE B 717 38.06 40.44 -0.59
CA ILE B 717 38.48 39.06 -0.38
C ILE B 717 37.59 38.36 0.64
N LEU B 718 36.63 39.08 1.23
CA LEU B 718 35.73 38.50 2.22
C LEU B 718 34.26 38.62 1.86
N GLU B 719 33.93 39.29 0.75
CA GLU B 719 32.55 39.46 0.32
C GLU B 719 32.38 38.87 -1.07
N ALA B 720 31.26 38.20 -1.30
CA ALA B 720 30.96 37.55 -2.56
C ALA B 720 29.55 37.91 -3.02
N PRO B 721 29.32 37.97 -4.32
CA PRO B 721 27.97 38.29 -4.83
C PRO B 721 27.08 37.06 -4.82
N GLY B 722 25.87 37.24 -5.34
CA GLY B 722 24.92 36.15 -5.39
C GLY B 722 23.63 36.57 -6.05
N THR B 723 22.58 35.76 -5.83
CA THR B 723 21.27 36.02 -6.41
C THR B 723 20.17 36.03 -5.35
N ARG B 724 20.53 36.06 -4.06
CA ARG B 724 19.53 36.09 -3.01
C ARG B 724 18.85 37.46 -2.93
N ARG B 725 17.66 37.47 -2.35
CA ARG B 725 16.87 38.69 -2.20
C ARG B 725 16.93 39.14 -0.75
N TYR B 726 17.22 40.43 -0.55
CA TYR B 726 17.34 40.98 0.80
C TYR B 726 16.00 41.40 1.40
N THR B 727 14.91 41.34 0.62
CA THR B 727 13.60 41.72 1.10
C THR B 727 12.82 40.48 1.51
N LEU B 728 12.27 40.51 2.73
CA LEU B 728 11.52 39.39 3.28
C LEU B 728 10.02 39.63 3.23
N ALA B 729 9.53 40.34 2.22
CA ALA B 729 8.12 40.63 2.07
C ALA B 729 7.36 39.53 1.35
N GLU B 730 8.04 38.47 0.93
CA GLU B 730 7.41 37.34 0.24
C GLU B 730 6.67 37.78 -1.01
N LYS B 731 5.34 37.84 -0.94
CA LYS B 731 4.55 38.25 -2.09
C LYS B 731 4.86 39.68 -2.50
N ARG B 732 4.99 40.59 -1.52
CA ARG B 732 5.31 41.97 -1.80
C ARG B 732 6.78 42.19 -2.13
N GLU B 733 7.63 41.17 -1.95
CA GLU B 733 9.06 41.28 -2.24
C GLU B 733 9.25 41.15 -3.75
N THR B 734 9.06 42.27 -4.44
CA THR B 734 9.20 42.33 -5.89
C THR B 734 10.52 42.92 -6.33
N VAL B 735 11.47 43.11 -5.40
CA VAL B 735 12.78 43.67 -5.70
C VAL B 735 13.84 42.77 -5.08
N ILE B 736 14.88 42.47 -5.85
CA ILE B 736 16.00 41.66 -5.41
C ILE B 736 17.24 42.52 -5.34
N LEU B 737 18.03 42.35 -4.28
CA LEU B 737 19.24 43.13 -4.10
C LEU B 737 20.21 42.90 -5.25
N LYS B 738 20.92 43.95 -5.64
CA LYS B 738 21.86 43.85 -6.76
C LYS B 738 22.96 42.85 -6.45
N CYS B 739 23.48 42.87 -5.22
CA CYS B 739 24.55 41.96 -4.80
C CYS B 739 24.12 41.29 -3.50
N ASN B 740 24.01 39.97 -3.53
CA ASN B 740 23.55 39.19 -2.38
C ASN B 740 24.72 39.04 -1.40
N VAL B 741 24.86 40.02 -0.52
CA VAL B 741 25.92 40.00 0.50
C VAL B 741 25.46 40.90 1.63
N LYS B 742 25.95 40.62 2.84
CA LYS B 742 25.61 41.40 4.01
C LYS B 742 26.17 42.82 3.86
N ASP B 743 25.28 43.79 3.64
CA ASP B 743 25.72 45.17 3.46
C ASP B 743 26.40 45.70 4.71
N SER B 744 25.84 45.43 5.88
CA SER B 744 26.40 45.91 7.14
C SER B 744 27.30 44.84 7.76
N SER B 745 28.30 44.42 6.98
CA SER B 745 29.30 43.46 7.44
C SER B 745 30.69 44.08 7.49
N MET B 746 31.17 44.62 6.37
CA MET B 746 32.44 45.33 6.34
C MET B 746 32.34 46.70 5.69
N LEU B 747 31.23 47.02 5.03
CA LEU B 747 31.01 48.39 4.59
C LEU B 747 30.95 49.33 5.78
N ILE B 748 30.43 48.86 6.91
CA ILE B 748 30.44 49.67 8.13
C ILE B 748 31.86 50.00 8.55
N SER B 749 32.76 49.00 8.51
CA SER B 749 34.15 49.25 8.87
C SER B 749 34.83 50.19 7.88
N LEU B 750 34.55 50.02 6.58
CA LEU B 750 35.14 50.90 5.58
C LEU B 750 34.69 52.34 5.78
N THR B 751 33.39 52.54 6.00
CA THR B 751 32.89 53.89 6.28
C THR B 751 33.42 54.42 7.60
N TYR B 752 33.67 53.56 8.58
CA TYR B 752 34.28 54.01 9.83
C TYR B 752 35.70 54.52 9.59
N ASP B 753 36.47 53.81 8.79
CA ASP B 753 37.81 54.28 8.44
C ASP B 753 37.75 55.60 7.70
N VAL B 754 36.82 55.72 6.75
CA VAL B 754 36.66 56.97 6.01
C VAL B 754 36.27 58.11 6.93
N ILE B 755 35.36 57.85 7.87
CA ILE B 755 34.94 58.87 8.82
C ILE B 755 36.09 59.30 9.70
N LEU B 756 36.91 58.35 10.16
CA LEU B 756 38.07 58.70 10.96
C LEU B 756 39.04 59.58 10.18
N VAL B 757 39.30 59.23 8.93
CA VAL B 757 40.23 60.00 8.11
C VAL B 757 39.70 61.42 7.88
N ILE B 758 38.42 61.53 7.50
CA ILE B 758 37.86 62.84 7.21
C ILE B 758 37.72 63.67 8.48
N LEU B 759 37.50 63.02 9.63
CA LEU B 759 37.45 63.74 10.89
C LEU B 759 38.83 64.29 11.25
N CYS B 760 39.89 63.51 10.99
CA CYS B 760 41.24 64.03 11.18
C CYS B 760 41.49 65.23 10.28
N THR B 761 41.08 65.13 9.02
CA THR B 761 41.25 66.26 8.10
C THR B 761 40.46 67.48 8.55
N VAL B 762 39.24 67.28 9.02
CA VAL B 762 38.41 68.39 9.49
C VAL B 762 39.04 69.05 10.72
N TYR B 763 39.53 68.24 11.65
CA TYR B 763 40.20 68.79 12.83
C TYR B 763 41.45 69.57 12.44
N ALA B 764 42.20 69.07 11.47
CA ALA B 764 43.38 69.81 11.00
C ALA B 764 42.98 71.13 10.34
N PHE B 765 41.90 71.12 9.55
CA PHE B 765 41.49 72.33 8.83
C PHE B 765 40.86 73.35 9.77
N LYS B 766 40.29 72.89 10.88
CA LYS B 766 39.65 73.81 11.82
C LYS B 766 40.64 74.74 12.51
N THR B 767 41.92 74.39 12.52
CA THR B 767 42.94 75.22 13.14
C THR B 767 43.19 76.48 12.32
N GLU B 776 38.42 79.88 0.57
CA GLU B 776 39.54 78.96 0.43
C GLU B 776 39.51 77.89 1.51
N ALA B 777 40.34 78.06 2.53
CA ALA B 777 40.37 77.10 3.63
C ALA B 777 39.06 77.08 4.39
N LYS B 778 38.49 78.27 4.64
CA LYS B 778 37.20 78.34 5.34
C LYS B 778 36.10 77.68 4.53
N PHE B 779 36.07 77.92 3.21
CA PHE B 779 35.08 77.29 2.36
C PHE B 779 35.26 75.78 2.32
N ILE B 780 36.52 75.32 2.28
CA ILE B 780 36.79 73.89 2.28
C ILE B 780 36.30 73.25 3.57
N GLY B 781 36.58 73.88 4.71
CA GLY B 781 36.08 73.36 5.97
C GLY B 781 34.57 73.35 6.04
N PHE B 782 33.94 74.41 5.55
CA PHE B 782 32.47 74.48 5.57
C PHE B 782 31.86 73.39 4.71
N THR B 783 32.40 73.18 3.51
CA THR B 783 31.83 72.14 2.64
C THR B 783 32.13 70.74 3.19
N MET B 784 33.29 70.55 3.83
CA MET B 784 33.57 69.27 4.47
C MET B 784 32.57 69.02 5.60
N TYR B 785 32.25 70.05 6.38
CA TYR B 785 31.25 69.90 7.43
C TYR B 785 29.87 69.60 6.85
N THR B 786 29.49 70.28 5.77
CA THR B 786 28.20 70.00 5.18
C THR B 786 28.13 68.56 4.71
N THR B 787 29.20 68.08 4.08
CA THR B 787 29.23 66.67 3.66
C THR B 787 29.17 65.74 4.86
N CYS B 788 29.82 66.09 5.98
CA CYS B 788 29.84 65.16 7.11
C CYS B 788 28.45 65.02 7.70
N ILE B 789 27.76 66.14 7.94
CA ILE B 789 26.39 66.02 8.47
C ILE B 789 25.45 65.40 7.43
N ILE B 790 25.67 65.66 6.14
CA ILE B 790 24.82 65.03 5.11
C ILE B 790 24.96 63.52 5.17
N TRP B 791 26.20 63.02 5.24
CA TRP B 791 26.41 61.58 5.34
C TRP B 791 25.86 61.02 6.64
N LEU B 792 26.04 61.75 7.75
CA LEU B 792 25.53 61.28 9.03
C LEU B 792 24.01 61.17 9.02
N ALA B 793 23.34 62.09 8.32
CA ALA B 793 21.89 62.04 8.23
C ALA B 793 21.41 60.97 7.26
N PHE B 794 22.14 60.76 6.16
CA PHE B 794 21.71 59.79 5.15
C PHE B 794 22.10 58.35 5.49
N LEU B 795 23.00 58.14 6.45
CA LEU B 795 23.37 56.77 6.81
C LEU B 795 22.21 55.99 7.41
N PRO B 796 21.52 56.46 8.46
CA PRO B 796 20.47 55.61 9.06
C PRO B 796 19.31 55.29 8.13
N ILE B 797 18.93 56.23 7.26
CA ILE B 797 17.76 56.04 6.42
C ILE B 797 17.96 54.92 5.41
N PHE B 798 19.21 54.59 5.08
CA PHE B 798 19.49 53.47 4.18
C PHE B 798 19.32 52.12 4.86
N TYR B 799 19.18 52.09 6.18
CA TYR B 799 19.01 50.86 6.93
C TYR B 799 17.65 50.73 7.61
N VAL B 800 17.04 51.84 8.04
CA VAL B 800 15.77 51.76 8.74
C VAL B 800 14.61 51.67 7.75
N THR B 801 14.67 52.44 6.66
CA THR B 801 13.60 52.40 5.67
C THR B 801 13.64 51.11 4.86
N SER B 802 14.83 50.71 4.41
CA SER B 802 15.03 49.51 3.61
C SER B 802 14.13 49.52 2.37
N SER B 803 14.31 50.56 1.56
CA SER B 803 13.52 50.71 0.35
C SER B 803 13.87 49.61 -0.65
N ASP B 804 12.88 49.26 -1.49
CA ASP B 804 13.05 48.18 -2.44
C ASP B 804 14.15 48.49 -3.46
N TYR B 805 14.15 49.72 -3.99
CA TYR B 805 15.13 50.11 -4.99
C TYR B 805 15.70 51.50 -4.79
N ARG B 806 15.26 52.24 -3.78
CA ARG B 806 15.66 53.63 -3.62
C ARG B 806 16.92 53.80 -2.77
N VAL B 807 17.46 52.74 -2.17
CA VAL B 807 18.66 52.88 -1.37
C VAL B 807 19.85 53.31 -2.23
N GLN B 808 20.03 52.65 -3.38
CA GLN B 808 21.11 53.03 -4.27
C GLN B 808 20.91 54.43 -4.83
N THR B 809 19.66 54.78 -5.15
CA THR B 809 19.37 56.12 -5.65
C THR B 809 19.71 57.18 -4.61
N THR B 810 19.34 56.95 -3.35
CA THR B 810 19.66 57.91 -2.30
C THR B 810 21.16 58.00 -2.05
N THR B 811 21.86 56.87 -2.08
CA THR B 811 23.31 56.90 -1.91
C THR B 811 23.97 57.69 -3.04
N MET B 812 23.54 57.45 -4.28
CA MET B 812 24.09 58.20 -5.41
C MET B 812 23.75 59.68 -5.31
N CYS B 813 22.55 60.01 -4.86
CA CYS B 813 22.17 61.40 -4.70
C CYS B 813 23.02 62.09 -3.65
N ILE B 814 23.29 61.41 -2.53
CA ILE B 814 24.14 61.99 -1.50
C ILE B 814 25.55 62.20 -2.02
N SER B 815 26.09 61.20 -2.73
CA SER B 815 27.44 61.33 -3.28
C SER B 815 27.53 62.48 -4.28
N VAL B 816 26.55 62.58 -5.18
CA VAL B 816 26.60 63.64 -6.19
C VAL B 816 26.35 65.00 -5.54
N SER B 817 25.56 65.06 -4.46
CA SER B 817 25.38 66.32 -3.77
C SER B 817 26.67 66.78 -3.10
N LEU B 818 27.40 65.86 -2.48
CA LEU B 818 28.69 66.21 -1.89
C LEU B 818 29.67 66.66 -2.97
N SER B 819 29.73 65.93 -4.07
CA SER B 819 30.62 66.31 -5.17
C SER B 819 30.22 67.66 -5.75
N GLY B 820 28.92 67.92 -5.86
CA GLY B 820 28.47 69.20 -6.38
C GLY B 820 28.79 70.36 -5.46
N PHE B 821 28.69 70.13 -4.14
CA PHE B 821 29.09 71.18 -3.20
C PHE B 821 30.59 71.47 -3.32
N VAL B 822 31.41 70.42 -3.41
CA VAL B 822 32.85 70.62 -3.56
C VAL B 822 33.15 71.36 -4.86
N VAL B 823 32.48 70.96 -5.94
CA VAL B 823 32.70 71.60 -7.24
C VAL B 823 32.22 73.05 -7.22
N LEU B 824 31.12 73.32 -6.51
CA LEU B 824 30.63 74.69 -6.40
C LEU B 824 31.64 75.56 -5.67
N GLY B 825 32.23 75.06 -4.60
CA GLY B 825 33.29 75.81 -3.94
C GLY B 825 34.50 76.03 -4.84
N CYS B 826 34.95 74.96 -5.50
CA CYS B 826 36.13 75.02 -6.35
C CYS B 826 35.89 75.75 -7.66
N LEU B 827 34.64 76.10 -7.97
CA LEU B 827 34.32 76.94 -9.11
C LEU B 827 34.00 78.37 -8.72
N PHE B 828 33.51 78.59 -7.49
CA PHE B 828 33.35 79.95 -6.99
C PHE B 828 34.69 80.57 -6.62
N ALA B 829 35.68 79.75 -6.25
CA ALA B 829 37.00 80.30 -6.00
C ALA B 829 37.60 80.97 -7.24
N PRO B 830 37.61 80.35 -8.43
CA PRO B 830 38.05 81.10 -9.62
C PRO B 830 37.18 82.31 -9.94
N LYS B 831 35.90 82.28 -9.59
CA LYS B 831 35.04 83.44 -9.83
C LYS B 831 35.55 84.64 -9.05
N VAL B 832 35.97 84.44 -7.81
CA VAL B 832 36.64 85.50 -7.05
C VAL B 832 38.00 85.80 -7.68
N HIS B 833 38.69 84.77 -8.16
CA HIS B 833 40.00 84.98 -8.78
C HIS B 833 39.90 85.83 -10.04
N ILE B 834 38.89 85.57 -10.87
CA ILE B 834 38.71 86.33 -12.10
C ILE B 834 38.00 87.64 -11.80
C1 NAG C . 15.65 -20.89 20.84
C2 NAG C . 16.24 -21.82 21.89
C3 NAG C . 15.74 -21.42 23.28
C4 NAG C . 16.03 -19.95 23.54
C5 NAG C . 15.46 -19.09 22.41
C6 NAG C . 15.82 -17.63 22.55
C7 NAG C . 16.79 -24.11 21.17
C8 NAG C . 18.19 -23.60 20.97
N2 NAG C . 15.90 -23.21 21.61
O3 NAG C . 16.39 -22.22 24.26
O4 NAG C . 15.44 -19.56 24.78
O5 NAG C . 15.99 -19.53 21.15
O6 NAG C . 14.69 -16.80 22.32
O7 NAG C . 16.48 -25.27 20.94
NAA Z99 D . -6.23 -39.87 3.82
OAB Z99 D . -6.52 -43.95 1.44
OAC Z99 D . -7.56 -39.03 1.48
OAD Z99 D . -6.42 -44.86 3.42
OAE Z99 D . -6.76 -40.78 0.48
CAF Z99 D . -5.05 -36.01 -1.67
CAG Z99 D . 0.41 -39.45 0.60
CAH Z99 D . -5.67 -36.13 -0.43
CAI Z99 D . -0.17 -39.60 1.85
CAJ Z99 D . -4.06 -36.91 -2.07
CAK Z99 D . -0.37 -39.22 -0.53
CAL Z99 D . -5.30 -37.16 0.43
CAM Z99 D . -1.56 -39.53 1.99
CAN Z99 D . -4.44 -39.14 2.34
CAO Z99 D . -4.63 -42.18 3.70
OAP Z99 D . -2.66 -38.91 -1.53
CAQ Z99 D . -6.35 -43.85 2.68
CAR Z99 D . -6.72 -39.96 1.43
CAS Z99 D . -3.69 -37.94 -1.19
CAT Z99 D . -1.78 -39.15 -0.39
CAU Z99 D . -4.31 -38.06 0.02
CAV Z99 D . -2.34 -39.30 0.85
CAW Z99 D . -3.85 -39.21 0.90
CAX Z99 D . -6.08 -42.48 3.28
CAY Z99 D . -5.66 -40.12 2.51
CAZ Z99 D . -5.20 -41.57 2.43
C1 NAG E . -22.60 15.03 -19.14
C2 NAG E . -23.49 15.71 -20.18
C3 NAG E . -22.76 15.81 -21.52
C4 NAG E . -21.41 16.48 -21.34
C5 NAG E . -20.60 15.77 -20.26
C6 NAG E . -19.30 16.46 -19.95
C7 NAG E . -25.92 15.49 -19.90
C8 NAG E . -25.88 16.84 -19.25
N2 NAG E . -24.75 15.00 -20.33
O3 NAG E . -23.57 16.55 -22.43
O4 NAG E . -20.70 16.46 -22.57
O5 NAG E . -21.35 15.73 -19.04
O6 NAG E . -18.91 16.26 -18.60
O7 NAG E . -26.97 14.87 -20.04
NAA Z99 F . -35.18 -15.29 -14.18
OAB Z99 F . -39.14 -17.60 -12.73
OAC Z99 F . -34.10 -17.00 -12.15
OAD Z99 F . -39.75 -17.39 -14.82
OAE Z99 F . -36.17 -17.30 -11.52
CAF Z99 F . -33.53 -14.88 -7.38
CAG Z99 F . -37.94 -10.24 -9.90
CAH Z99 F . -33.10 -15.19 -8.66
CAI Z99 F . -37.54 -10.52 -11.20
CAJ Z99 F . -34.78 -14.29 -7.18
CAK Z99 F . -37.74 -11.16 -8.87
CAL Z99 F . -33.90 -14.92 -9.76
CAM Z99 F . -36.94 -11.74 -11.50
CAN Z99 F . -35.33 -14.07 -12.06
CAO Z99 F . -37.93 -14.77 -14.14
OAP Z99 F . -36.90 -13.39 -8.14
CAQ Z99 F . -38.95 -17.14 -13.88
CAR Z99 F . -35.31 -16.63 -12.13
CAS Z99 F . -35.59 -14.02 -8.29
CAT Z99 F . -37.14 -12.39 -9.17
CAU Z99 F . -35.15 -14.33 -9.54
CAV Z99 F . -36.75 -12.66 -10.46
CAW Z99 F . -36.10 -14.01 -10.70
CAX Z99 F . -37.71 -16.28 -14.14
CAY Z99 F . -35.74 -15.35 -12.85
CAZ Z99 F . -37.27 -15.45 -12.95
#